data_3D6B
#
_entry.id   3D6B
#
_cell.length_a   98.503
_cell.length_b   107.472
_cell.length_c   144.313
_cell.angle_alpha   90.000
_cell.angle_beta   90.000
_cell.angle_gamma   90.000
#
_symmetry.space_group_name_H-M   'P 21 21 21'
#
loop_
_entity.id
_entity.type
_entity.pdbx_description
1 polymer 'Glutaryl-CoA dehydrogenase'
2 non-polymer 'methyl thiophene-2-carboxylate'
3 water water
#
_entity_poly.entity_id   1
_entity_poly.type   'polypeptide(L)'
_entity_poly.pdbx_seq_one_letter_code
;MAAATFHWDDPLLLDQQLADDERMVRDAAHAYAQGKLAPRVTEAFRHETTDAAIFREMGEIGLLGPTIPEQYGGPGLDYV
SYGLIAREVERVDSGYRSMMSVQSSLVMVPIFEFGSDAQKEKYLPKLATGEWIGCFGLTEPNHGSDPGSMVTRARKVPGG
YSLSGSKMWITNSPIADVFVVWAKLDEDGRDEIRGFILEKGCKGLSAPAIHGKVGLRASITGEIVLDEAFVPEENILPHV
KGLRGPFTCLNSARYGIAWGALGAAESCWHIARQYVLDRKQFGRPLAANQLIQKKLADMQTEITLGLQGVLRLGRMKDEG
TAAVEITSIMKRNSCGKALDIARLARDMLGGNGISDEFGVARHLVNLEVVNTYEGTHDIHALILGRAQTGIQAFF
;
_entity_poly.pdbx_strand_id   A,B,C,D
#
# COMPACT_ATOMS: atom_id res chain seq x y z
N ALA A 4 11.95 -29.60 15.03
CA ALA A 4 10.78 -30.54 14.96
C ALA A 4 9.45 -29.82 15.24
N THR A 5 9.44 -28.96 16.25
CA THR A 5 8.22 -28.28 16.67
C THR A 5 8.23 -26.80 16.29
N PHE A 6 7.14 -26.36 15.66
CA PHE A 6 6.93 -24.95 15.34
C PHE A 6 6.59 -24.13 16.58
N HIS A 7 7.31 -23.01 16.76
CA HIS A 7 6.99 -22.04 17.80
C HIS A 7 6.40 -20.80 17.12
N TRP A 8 5.06 -20.67 17.14
CA TRP A 8 4.37 -19.60 16.41
C TRP A 8 4.79 -18.20 16.87
N ASP A 9 5.14 -18.09 18.15
CA ASP A 9 5.51 -16.83 18.78
C ASP A 9 6.99 -16.49 18.63
N ASP A 10 7.79 -17.46 18.22
CA ASP A 10 9.24 -17.31 18.03
C ASP A 10 9.70 -18.32 16.96
N PRO A 11 9.25 -18.12 15.68
CA PRO A 11 9.51 -19.10 14.62
C PRO A 11 10.99 -19.41 14.34
N LEU A 12 11.85 -18.40 14.49
CA LEU A 12 13.29 -18.58 14.29
C LEU A 12 14.06 -18.82 15.60
N LEU A 13 13.31 -19.17 16.66
CA LEU A 13 13.87 -19.42 18.00
C LEU A 13 14.98 -18.42 18.40
N LEU A 14 14.65 -17.13 18.38
CA LEU A 14 15.57 -16.06 18.76
C LEU A 14 16.17 -16.37 20.13
N ASP A 15 15.31 -16.91 20.99
CA ASP A 15 15.69 -17.46 22.30
C ASP A 15 17.02 -18.20 22.22
N GLN A 16 17.11 -19.13 21.27
CA GLN A 16 18.29 -19.98 21.09
C GLN A 16 19.52 -19.29 20.48
N GLN A 17 19.31 -18.17 19.78
CA GLN A 17 20.39 -17.36 19.21
C GLN A 17 21.02 -16.44 20.23
N LEU A 18 20.44 -16.38 21.42
CA LEU A 18 20.95 -15.51 22.47
C LEU A 18 21.92 -16.27 23.35
N ALA A 19 22.94 -15.56 23.82
CA ALA A 19 23.84 -16.07 24.83
C ALA A 19 23.04 -16.28 26.11
N ASP A 20 23.55 -17.14 26.99
CA ASP A 20 22.87 -17.45 28.25
C ASP A 20 22.77 -16.22 29.16
N ASP A 21 23.81 -15.42 29.12
CA ASP A 21 23.91 -14.10 29.77
C ASP A 21 22.81 -13.11 29.29
N GLU A 22 22.59 -13.06 27.97
CA GLU A 22 21.64 -12.14 27.36
C GLU A 22 20.20 -12.54 27.69
N ARG A 23 19.97 -13.85 27.75
CA ARG A 23 18.67 -14.43 28.08
C ARG A 23 18.24 -14.08 29.50
N MET A 24 19.17 -14.19 30.45
CA MET A 24 18.93 -13.82 31.84
C MET A 24 18.48 -12.38 31.96
N VAL A 25 19.23 -11.48 31.30
CA VAL A 25 18.93 -10.05 31.28
C VAL A 25 17.54 -9.74 30.70
N ARG A 26 17.17 -10.48 29.66
CA ARG A 26 15.85 -10.38 29.05
C ARG A 26 14.74 -10.79 30.00
N ASP A 27 14.94 -11.90 30.71
CA ASP A 27 13.97 -12.42 31.68
C ASP A 27 13.75 -11.47 32.87
N ALA A 28 14.82 -10.82 33.31
CA ALA A 28 14.76 -9.82 34.37
C ALA A 28 14.03 -8.54 33.94
N ALA A 29 14.22 -8.14 32.68
CA ALA A 29 13.50 -7.00 32.11
C ALA A 29 12.02 -7.34 31.94
N HIS A 30 11.75 -8.55 31.45
CA HIS A 30 10.38 -9.04 31.33
C HIS A 30 9.65 -9.11 32.67
N ALA A 31 10.27 -9.76 33.66
CA ALA A 31 9.69 -9.92 34.99
C ALA A 31 9.39 -8.57 35.62
N TYR A 32 10.30 -7.60 35.44
CA TYR A 32 10.06 -6.27 35.97
C TYR A 32 8.93 -5.52 35.25
N ALA A 33 9.01 -5.45 33.91
CA ALA A 33 8.03 -4.69 33.12
C ALA A 33 6.62 -5.23 33.30
N GLN A 34 6.47 -6.55 33.18
CA GLN A 34 5.21 -7.22 33.43
C GLN A 34 4.77 -7.12 34.88
N GLY A 35 5.72 -7.20 35.82
CA GLY A 35 5.38 -7.20 37.24
C GLY A 35 4.99 -5.83 37.76
N LYS A 36 5.73 -4.82 37.33
CA LYS A 36 5.62 -3.48 37.91
C LYS A 36 5.06 -2.40 36.98
N LEU A 37 5.20 -2.58 35.67
CA LEU A 37 4.78 -1.54 34.73
C LEU A 37 3.42 -1.82 34.11
N ALA A 38 3.18 -3.07 33.71
CA ALA A 38 1.87 -3.50 33.23
C ALA A 38 0.70 -3.05 34.16
N PRO A 39 0.81 -3.26 35.50
CA PRO A 39 -0.29 -2.80 36.36
C PRO A 39 -0.50 -1.28 36.39
N ARG A 40 0.55 -0.51 36.08
CA ARG A 40 0.50 0.95 36.11
C ARG A 40 -0.07 1.58 34.84
N VAL A 41 0.15 0.93 33.69
CA VAL A 41 0.08 1.60 32.37
C VAL A 41 -1.27 2.23 31.97
N THR A 42 -2.36 1.50 32.11
CA THR A 42 -3.65 1.94 31.57
C THR A 42 -4.06 3.29 32.18
N GLU A 43 -3.94 3.40 33.51
CA GLU A 43 -4.31 4.62 34.22
C GLU A 43 -3.24 5.70 34.07
N ALA A 44 -1.98 5.28 34.01
CA ALA A 44 -0.87 6.21 33.81
C ALA A 44 -0.98 6.91 32.46
N PHE A 45 -1.36 6.15 31.44
CA PHE A 45 -1.53 6.69 30.11
C PHE A 45 -2.79 7.56 30.04
N ARG A 46 -3.89 7.04 30.57
CA ARG A 46 -5.17 7.77 30.63
C ARG A 46 -5.05 9.17 31.24
N HIS A 47 -4.37 9.29 32.37
CA HIS A 47 -4.36 10.57 33.10
C HIS A 47 -3.05 11.31 33.03
N GLU A 48 -2.13 10.77 32.23
CA GLU A 48 -0.82 11.36 32.02
C GLU A 48 -0.13 11.50 33.38
N THR A 49 -0.08 10.40 34.13
CA THR A 49 0.48 10.41 35.48
C THR A 49 2.01 10.30 35.54
N THR A 50 2.57 11.08 36.45
CA THR A 50 4.00 11.17 36.68
C THR A 50 4.42 10.17 37.75
N ASP A 51 5.30 9.24 37.42
CA ASP A 51 5.92 8.42 38.45
C ASP A 51 7.43 8.40 38.29
N ALA A 52 8.09 9.32 39.00
CA ALA A 52 9.54 9.40 39.07
C ALA A 52 10.18 8.10 39.55
N ALA A 53 9.49 7.39 40.45
CA ALA A 53 9.99 6.18 41.14
C ALA A 53 10.49 5.05 40.25
N ILE A 54 10.03 5.04 38.99
CA ILE A 54 10.44 4.03 38.01
C ILE A 54 11.95 3.99 37.71
N PHE A 55 12.61 5.13 37.76
CA PHE A 55 14.04 5.19 37.48
C PHE A 55 14.87 4.39 38.49
N ARG A 56 14.54 4.54 39.78
CA ARG A 56 15.21 3.79 40.84
C ARG A 56 14.93 2.30 40.72
N GLU A 57 13.68 1.95 40.37
CA GLU A 57 13.27 0.57 40.15
C GLU A 57 14.11 -0.05 39.03
N MET A 58 14.22 0.65 37.91
CA MET A 58 15.02 0.19 36.78
C MET A 58 16.51 0.22 37.13
N GLY A 59 16.92 1.27 37.83
CA GLY A 59 18.28 1.40 38.32
C GLY A 59 18.72 0.20 39.13
N GLU A 60 17.90 -0.18 40.11
CA GLU A 60 18.23 -1.26 41.06
C GLU A 60 18.40 -2.66 40.44
N ILE A 61 17.95 -2.84 39.20
CA ILE A 61 18.14 -4.12 38.52
C ILE A 61 19.11 -4.01 37.33
N GLY A 62 19.71 -2.83 37.19
CA GLY A 62 20.73 -2.59 36.17
C GLY A 62 20.16 -2.56 34.76
N LEU A 63 19.12 -1.76 34.58
CA LEU A 63 18.47 -1.57 33.28
C LEU A 63 18.76 -0.18 32.74
N LEU A 64 19.38 0.66 33.56
CA LEU A 64 19.79 2.01 33.14
C LEU A 64 21.25 2.03 32.70
N GLY A 65 21.49 2.57 31.50
CA GLY A 65 22.80 2.57 30.88
C GLY A 65 23.39 1.18 30.76
N PRO A 66 22.69 0.26 30.05
CA PRO A 66 23.12 -1.14 29.98
C PRO A 66 24.53 -1.32 29.46
N THR A 67 24.97 -0.48 28.53
CA THR A 67 26.33 -0.62 27.96
C THR A 67 27.44 0.07 28.76
N ILE A 68 27.05 0.93 29.70
CA ILE A 68 28.00 1.60 30.60
C ILE A 68 28.78 0.56 31.47
N PRO A 69 30.13 0.68 31.53
CA PRO A 69 30.99 -0.26 32.27
C PRO A 69 30.78 -0.24 33.78
N GLU A 70 31.10 -1.38 34.41
CA GLU A 70 30.94 -1.57 35.85
C GLU A 70 31.70 -0.55 36.70
N GLN A 71 32.81 -0.05 36.18
CA GLN A 71 33.61 0.97 36.84
C GLN A 71 32.76 2.16 37.28
N TYR A 72 31.81 2.57 36.43
CA TYR A 72 30.96 3.73 36.73
C TYR A 72 29.50 3.40 37.07
N GLY A 73 29.25 2.20 37.57
CA GLY A 73 27.94 1.83 38.10
C GLY A 73 27.04 1.13 37.09
N GLY A 74 27.47 1.13 35.83
CA GLY A 74 26.76 0.46 34.77
C GLY A 74 26.89 -1.04 34.94
N PRO A 75 25.94 -1.80 34.37
CA PRO A 75 26.03 -3.26 34.40
C PRO A 75 26.99 -3.85 33.36
N GLY A 76 27.60 -3.00 32.54
CA GLY A 76 28.60 -3.44 31.56
C GLY A 76 28.12 -4.55 30.64
N LEU A 77 26.96 -4.33 30.03
CA LEU A 77 26.34 -5.30 29.16
C LEU A 77 26.60 -4.94 27.70
N ASP A 78 26.33 -5.88 26.81
CA ASP A 78 26.50 -5.66 25.37
C ASP A 78 25.26 -4.99 24.73
N TYR A 79 25.36 -4.68 23.45
CA TYR A 79 24.27 -4.01 22.74
C TYR A 79 23.05 -4.90 22.54
N VAL A 80 23.26 -6.21 22.44
CA VAL A 80 22.15 -7.13 22.29
C VAL A 80 21.23 -6.98 23.51
N SER A 81 21.84 -7.09 24.69
CA SER A 81 21.17 -6.92 25.98
C SER A 81 20.42 -5.58 26.15
N TYR A 82 21.08 -4.47 25.82
CA TYR A 82 20.41 -3.17 25.76
C TYR A 82 19.15 -3.27 24.90
N GLY A 83 19.27 -3.95 23.76
CA GLY A 83 18.15 -4.17 22.85
C GLY A 83 17.02 -4.97 23.44
N LEU A 84 17.35 -6.14 23.99
CA LEU A 84 16.38 -6.98 24.68
C LEU A 84 15.65 -6.27 25.83
N ILE A 85 16.34 -5.35 26.51
CA ILE A 85 15.72 -4.59 27.60
C ILE A 85 14.66 -3.64 27.03
N ALA A 86 15.04 -2.87 26.02
CA ALA A 86 14.14 -1.90 25.41
C ALA A 86 12.87 -2.58 24.88
N ARG A 87 13.05 -3.77 24.31
CA ARG A 87 11.95 -4.59 23.79
C ARG A 87 10.95 -5.08 24.86
N GLU A 88 11.44 -5.49 26.02
CA GLU A 88 10.57 -5.93 27.12
C GLU A 88 9.84 -4.76 27.77
N VAL A 89 10.49 -3.61 27.82
CA VAL A 89 9.88 -2.39 28.35
C VAL A 89 8.83 -1.80 27.39
N GLU A 90 9.12 -1.77 26.09
CA GLU A 90 8.21 -1.15 25.13
C GLU A 90 7.04 -2.08 24.82
N ARG A 91 7.24 -3.38 25.07
CA ARG A 91 6.17 -4.37 25.08
C ARG A 91 5.00 -3.95 26.01
N VAL A 92 5.33 -3.32 27.14
CA VAL A 92 4.32 -2.71 27.99
C VAL A 92 3.88 -1.37 27.40
N ASP A 93 4.81 -0.43 27.26
CA ASP A 93 4.49 0.91 26.74
C ASP A 93 5.74 1.64 26.25
N SER A 94 5.61 2.34 25.12
CA SER A 94 6.69 3.15 24.53
C SER A 94 7.09 4.31 25.42
N GLY A 95 6.17 4.78 26.27
CA GLY A 95 6.43 5.91 27.16
C GLY A 95 7.47 5.56 28.21
N TYR A 96 7.32 4.37 28.78
CA TYR A 96 8.29 3.81 29.70
C TYR A 96 9.65 3.58 29.03
N ARG A 97 9.64 3.02 27.82
CA ARG A 97 10.88 2.82 27.07
C ARG A 97 11.56 4.16 26.78
N SER A 98 10.75 5.19 26.55
CA SER A 98 11.26 6.51 26.25
C SER A 98 12.07 7.10 27.43
N MET A 99 11.62 6.84 28.65
CA MET A 99 12.31 7.25 29.89
C MET A 99 13.66 6.56 30.02
N MET A 100 13.65 5.26 29.77
CA MET A 100 14.83 4.42 29.83
C MET A 100 15.88 4.84 28.80
N SER A 101 15.48 4.95 27.54
CA SER A 101 16.42 5.25 26.45
C SER A 101 17.05 6.66 26.56
N VAL A 102 16.30 7.60 27.11
CA VAL A 102 16.83 8.94 27.44
C VAL A 102 17.96 8.86 28.48
N GLN A 103 17.70 8.14 29.58
CA GLN A 103 18.70 7.91 30.62
C GLN A 103 19.92 7.21 30.07
N SER A 104 19.71 6.15 29.31
CA SER A 104 20.78 5.32 28.78
C SER A 104 21.58 6.04 27.69
N SER A 105 20.93 6.26 26.55
CA SER A 105 21.57 6.70 25.32
C SER A 105 21.78 8.19 25.23
N LEU A 106 20.92 8.95 25.91
CA LEU A 106 20.91 10.40 25.75
C LEU A 106 21.52 11.17 26.92
N VAL A 107 21.79 10.49 28.03
CA VAL A 107 22.37 11.16 29.19
C VAL A 107 23.66 10.47 29.61
N MET A 108 23.58 9.15 29.84
CA MET A 108 24.74 8.40 30.28
C MET A 108 25.81 8.27 29.20
N VAL A 109 25.38 8.05 27.96
CA VAL A 109 26.28 7.91 26.82
C VAL A 109 27.12 9.17 26.49
N PRO A 110 26.48 10.37 26.38
CA PRO A 110 27.31 11.56 26.16
C PRO A 110 28.34 11.82 27.28
N ILE A 111 27.96 11.56 28.52
CA ILE A 111 28.90 11.77 29.62
C ILE A 111 30.03 10.73 29.55
N PHE A 112 29.70 9.47 29.30
CA PHE A 112 30.71 8.42 29.26
C PHE A 112 31.62 8.57 28.06
N GLU A 113 31.06 9.00 26.95
CA GLU A 113 31.76 9.05 25.68
C GLU A 113 32.57 10.33 25.57
N PHE A 114 32.03 11.44 26.09
CA PHE A 114 32.60 12.74 25.81
C PHE A 114 33.02 13.52 27.05
N GLY A 115 32.68 13.02 28.23
CA GLY A 115 32.88 13.76 29.47
C GLY A 115 34.27 13.62 30.07
N SER A 116 34.59 14.49 31.03
CA SER A 116 35.86 14.40 31.78
C SER A 116 35.77 13.26 32.78
N ASP A 117 36.91 12.88 33.33
CA ASP A 117 36.94 11.78 34.29
C ASP A 117 36.23 12.10 35.59
N ALA A 118 36.27 13.38 35.98
CA ALA A 118 35.53 13.87 37.14
C ALA A 118 34.01 13.93 36.91
N GLN A 119 33.61 14.25 35.68
CA GLN A 119 32.20 14.25 35.28
C GLN A 119 31.62 12.84 35.31
N LYS A 120 32.32 11.90 34.66
CA LYS A 120 31.90 10.51 34.62
C LYS A 120 31.68 9.89 36.00
N GLU A 121 32.56 10.19 36.95
CA GLU A 121 32.44 9.61 38.29
C GLU A 121 31.49 10.41 39.20
N LYS A 122 31.28 11.68 38.88
CA LYS A 122 30.27 12.48 39.57
C LYS A 122 28.85 12.06 39.18
N TYR A 123 28.65 11.78 37.89
CA TYR A 123 27.32 11.65 37.35
C TYR A 123 26.85 10.22 37.10
N LEU A 124 27.69 9.41 36.46
CA LEU A 124 27.26 8.09 35.98
C LEU A 124 26.76 7.10 37.06
N PRO A 125 27.45 6.99 38.22
CA PRO A 125 26.95 6.00 39.17
C PRO A 125 25.56 6.33 39.72
N LYS A 126 25.28 7.61 39.94
CA LYS A 126 23.95 8.03 40.41
C LYS A 126 22.89 7.90 39.30
N LEU A 127 23.27 8.24 38.06
CA LEU A 127 22.40 8.01 36.89
C LEU A 127 22.07 6.53 36.70
N ALA A 128 23.04 5.66 37.01
CA ALA A 128 22.88 4.21 36.87
C ALA A 128 21.92 3.58 37.90
N THR A 129 21.93 4.09 39.13
CA THR A 129 21.03 3.58 40.16
C THR A 129 19.63 4.16 40.00
N GLY A 130 19.52 5.23 39.21
CA GLY A 130 18.27 5.98 39.09
C GLY A 130 18.12 6.98 40.21
N GLU A 131 19.18 7.21 40.98
CA GLU A 131 19.14 8.23 42.04
C GLU A 131 19.01 9.62 41.40
N TRP A 132 19.81 9.84 40.36
CA TRP A 132 19.66 11.03 39.55
C TRP A 132 18.95 10.68 38.26
N ILE A 133 17.97 11.52 37.92
CA ILE A 133 17.25 11.42 36.65
C ILE A 133 17.85 12.43 35.68
N GLY A 134 18.11 11.99 34.45
CA GLY A 134 18.69 12.85 33.43
C GLY A 134 17.75 13.18 32.28
N CYS A 135 18.01 14.31 31.63
CA CYS A 135 17.30 14.70 30.41
C CYS A 135 18.27 15.28 29.37
N PHE A 136 17.81 15.38 28.13
CA PHE A 136 18.66 15.65 26.95
C PHE A 136 18.11 16.88 26.21
N GLY A 137 18.82 18.00 26.30
CA GLY A 137 18.36 19.28 25.75
C GLY A 137 18.92 19.66 24.39
N LEU A 138 18.27 19.20 23.32
CA LEU A 138 18.66 19.47 21.95
C LEU A 138 17.58 20.22 21.14
N THR A 139 16.37 19.65 21.09
CA THR A 139 15.24 20.18 20.30
C THR A 139 14.74 21.55 20.80
N GLU A 140 14.48 22.45 19.86
CA GLU A 140 14.02 23.80 20.17
C GLU A 140 12.69 24.16 19.50
N PRO A 141 11.98 25.18 20.02
CA PRO A 141 10.80 25.71 19.35
C PRO A 141 11.19 26.66 18.21
N MET A 150 19.95 25.77 15.44
CA MET A 150 20.05 25.90 16.90
C MET A 150 20.35 27.33 17.31
N VAL A 151 19.64 27.81 18.33
CA VAL A 151 19.74 29.20 18.77
C VAL A 151 20.35 29.35 20.18
N THR A 152 20.13 28.35 21.04
CA THR A 152 20.66 28.31 22.42
C THR A 152 22.17 28.61 22.45
N ARG A 153 22.55 29.57 23.29
CA ARG A 153 23.89 30.17 23.24
C ARG A 153 24.63 30.09 24.58
N ALA A 154 25.86 29.58 24.51
CA ALA A 154 26.79 29.64 25.62
C ALA A 154 27.82 30.74 25.38
N ARG A 155 28.04 31.57 26.38
CA ARG A 155 28.99 32.66 26.30
C ARG A 155 29.96 32.63 27.47
N LYS A 156 31.21 32.96 27.19
CA LYS A 156 32.26 32.98 28.20
C LYS A 156 32.12 34.14 29.17
N VAL A 157 32.09 33.80 30.46
CA VAL A 157 32.09 34.77 31.54
C VAL A 157 33.12 34.27 32.56
N PRO A 158 33.56 35.15 33.49
CA PRO A 158 34.47 34.70 34.54
C PRO A 158 33.96 33.46 35.27
N GLY A 159 34.80 32.43 35.36
CA GLY A 159 34.45 31.20 36.08
C GLY A 159 33.85 30.09 35.23
N GLY A 160 33.34 30.44 34.06
CA GLY A 160 32.73 29.45 33.17
C GLY A 160 31.91 29.95 32.00
N TYR A 161 30.63 29.57 31.99
CA TYR A 161 29.74 29.84 30.86
C TYR A 161 28.35 30.28 31.31
N SER A 162 27.76 31.18 30.53
CA SER A 162 26.39 31.63 30.73
C SER A 162 25.56 31.10 29.58
N LEU A 163 24.45 30.42 29.92
CA LEU A 163 23.57 29.83 28.91
C LEU A 163 22.23 30.54 28.83
N SER A 164 21.82 30.83 27.61
CA SER A 164 20.52 31.43 27.35
C SER A 164 19.93 30.73 26.14
N GLY A 165 18.75 30.19 26.32
CA GLY A 165 18.12 29.39 25.28
C GLY A 165 16.91 28.67 25.79
N SER A 166 16.32 27.86 24.92
CA SER A 166 15.04 27.25 25.21
C SER A 166 14.93 25.96 24.44
N LYS A 167 14.67 24.87 25.17
CA LYS A 167 14.52 23.54 24.56
C LYS A 167 13.10 23.03 24.74
N MET A 168 12.60 22.36 23.71
CA MET A 168 11.21 21.94 23.66
C MET A 168 11.12 20.43 23.57
N TRP A 169 10.03 19.88 24.11
CA TRP A 169 9.70 18.46 24.05
C TRP A 169 10.79 17.57 24.63
N ILE A 170 11.23 17.91 25.84
CA ILE A 170 12.33 17.25 26.51
C ILE A 170 11.80 16.25 27.51
N THR A 171 11.91 14.97 27.19
CA THR A 171 11.39 13.92 28.08
C THR A 171 12.25 13.80 29.35
N ASN A 172 11.57 13.68 30.50
CA ASN A 172 12.17 13.67 31.86
C ASN A 172 12.45 15.04 32.46
N SER A 173 12.43 16.08 31.63
CA SER A 173 12.90 17.40 32.05
C SER A 173 12.28 17.94 33.37
N PRO A 174 10.94 17.81 33.55
CA PRO A 174 10.33 18.34 34.78
C PRO A 174 10.71 17.59 36.06
N ILE A 175 11.26 16.38 35.94
CA ILE A 175 11.68 15.56 37.08
C ILE A 175 13.20 15.33 37.12
N ALA A 176 13.92 15.93 36.19
CA ALA A 176 15.35 15.63 36.01
C ALA A 176 16.25 16.34 37.02
N ASP A 177 17.30 15.63 37.43
CA ASP A 177 18.33 16.14 38.31
C ASP A 177 19.53 16.59 37.49
N VAL A 178 19.68 15.99 36.31
CA VAL A 178 20.81 16.20 35.42
C VAL A 178 20.27 16.56 34.04
N PHE A 179 20.84 17.63 33.47
CA PHE A 179 20.45 18.17 32.19
C PHE A 179 21.70 18.19 31.29
N VAL A 180 21.70 17.39 30.22
CA VAL A 180 22.74 17.51 29.19
C VAL A 180 22.22 18.45 28.09
N VAL A 181 22.66 19.71 28.13
CA VAL A 181 22.19 20.74 27.22
C VAL A 181 23.22 21.08 26.14
N TRP A 182 22.82 20.92 24.89
CA TRP A 182 23.65 21.31 23.74
C TRP A 182 23.37 22.75 23.36
N ALA A 183 24.43 23.56 23.39
CA ALA A 183 24.37 24.98 23.04
C ALA A 183 25.55 25.37 22.15
N LYS A 184 25.37 26.42 21.36
CA LYS A 184 26.45 26.95 20.52
C LYS A 184 27.35 27.92 21.28
N LEU A 185 28.64 27.62 21.27
CA LEU A 185 29.66 28.49 21.86
C LEU A 185 30.63 28.92 20.76
N ASP A 186 31.02 30.19 20.78
CA ASP A 186 31.92 30.75 19.76
C ASP A 186 33.38 30.76 20.22
N GLU A 187 34.17 29.87 19.62
CA GLU A 187 35.60 29.79 19.94
C GLU A 187 36.44 29.71 18.67
N ASP A 188 37.69 30.15 18.78
CA ASP A 188 38.62 30.15 17.66
C ASP A 188 40.05 29.83 18.11
N GLU A 192 30.05 26.90 16.91
CA GLU A 192 30.15 25.43 17.06
C GLU A 192 29.34 24.89 18.26
N ILE A 193 28.76 23.70 18.08
CA ILE A 193 27.90 23.06 19.08
C ILE A 193 28.68 22.39 20.22
N ARG A 194 28.39 22.80 21.46
CA ARG A 194 29.01 22.21 22.65
C ARG A 194 27.99 21.63 23.64
N GLY A 195 28.36 20.54 24.32
CA GLY A 195 27.52 19.92 25.36
C GLY A 195 27.84 20.36 26.77
N PHE A 196 26.80 20.71 27.53
CA PHE A 196 26.95 21.20 28.91
C PHE A 196 26.14 20.37 29.90
N ILE A 197 26.68 20.17 31.10
CA ILE A 197 25.95 19.49 32.16
C ILE A 197 25.42 20.51 33.17
N LEU A 198 24.10 20.49 33.37
CA LEU A 198 23.46 21.31 34.41
C LEU A 198 22.77 20.45 35.45
N GLU A 199 22.62 21.01 36.65
CA GLU A 199 21.98 20.29 37.73
C GLU A 199 20.74 21.01 38.20
N LYS A 200 19.76 20.24 38.66
CA LYS A 200 18.52 20.76 39.21
C LYS A 200 18.81 21.90 40.20
N GLY A 201 18.02 22.97 40.12
CA GLY A 201 18.12 24.07 41.07
C GLY A 201 19.06 25.19 40.66
N CYS A 202 19.72 25.02 39.51
CA CYS A 202 20.58 26.06 38.94
C CYS A 202 19.78 27.33 38.68
N LYS A 203 20.36 28.47 39.07
CA LYS A 203 19.72 29.78 38.84
C LYS A 203 19.62 30.09 37.35
N GLY A 204 18.44 30.51 36.93
CA GLY A 204 18.17 30.80 35.52
C GLY A 204 17.86 29.53 34.73
N LEU A 205 17.56 28.45 35.43
CA LEU A 205 17.12 27.20 34.80
C LEU A 205 15.74 26.84 35.31
N SER A 206 14.80 26.65 34.40
CA SER A 206 13.46 26.18 34.76
C SER A 206 13.03 25.08 33.80
N ALA A 207 12.20 24.17 34.28
CA ALA A 207 11.78 23.01 33.47
C ALA A 207 10.27 22.75 33.53
N PRO A 208 9.44 23.71 33.06
CA PRO A 208 7.99 23.52 33.16
C PRO A 208 7.50 22.32 32.34
N ALA A 209 6.53 21.60 32.86
CA ALA A 209 6.02 20.40 32.21
C ALA A 209 5.04 20.72 31.08
N ILE A 210 4.96 19.80 30.13
CA ILE A 210 3.97 19.85 29.06
C ILE A 210 2.92 18.79 29.36
N HIS A 211 1.66 19.19 29.40
CA HIS A 211 0.55 18.24 29.52
C HIS A 211 -0.42 18.33 28.36
N GLY A 212 -1.22 17.28 28.20
CA GLY A 212 -2.16 17.18 27.08
C GLY A 212 -1.56 16.56 25.84
N LYS A 213 -0.58 15.67 26.00
CA LYS A 213 0.09 15.00 24.88
C LYS A 213 -0.87 14.00 24.22
N VAL A 214 -0.68 13.75 22.93
CA VAL A 214 -1.48 12.73 22.23
C VAL A 214 -0.84 11.35 22.46
N GLY A 215 0.43 11.22 22.09
CA GLY A 215 1.15 9.98 22.31
C GLY A 215 2.11 10.11 23.47
N LEU A 216 2.63 8.97 23.92
CA LEU A 216 3.61 8.88 25.00
C LEU A 216 3.15 9.54 26.31
N ARG A 217 1.85 9.44 26.60
CA ARG A 217 1.26 10.05 27.81
C ARG A 217 1.83 9.49 29.13
N ALA A 218 2.33 8.27 29.08
CA ALA A 218 2.89 7.63 30.26
C ALA A 218 4.28 8.17 30.63
N SER A 219 4.80 9.07 29.81
CA SER A 219 6.09 9.70 30.12
C SER A 219 5.92 11.20 30.29
N ILE A 220 6.61 11.76 31.29
CA ILE A 220 6.60 13.19 31.50
C ILE A 220 7.63 13.88 30.62
N THR A 221 7.21 15.01 30.06
CA THR A 221 7.99 15.74 29.08
C THR A 221 7.78 17.21 29.43
N GLY A 222 8.77 18.04 29.14
CA GLY A 222 8.62 19.46 29.39
C GLY A 222 9.59 20.31 28.63
N GLU A 223 9.82 21.50 29.18
CA GLU A 223 10.73 22.47 28.60
C GLU A 223 12.03 22.53 29.40
N ILE A 224 13.06 23.10 28.77
CA ILE A 224 14.22 23.61 29.48
C ILE A 224 14.33 25.07 29.08
N VAL A 225 14.18 25.95 30.06
CA VAL A 225 14.29 27.38 29.81
C VAL A 225 15.51 27.92 30.57
N LEU A 226 16.48 28.43 29.82
CA LEU A 226 17.72 28.94 30.39
C LEU A 226 17.79 30.45 30.24
N ASP A 227 17.88 31.14 31.37
CA ASP A 227 18.02 32.59 31.38
C ASP A 227 19.26 33.01 32.15
N GLU A 228 20.38 33.11 31.42
CA GLU A 228 21.67 33.51 32.00
C GLU A 228 22.08 32.49 33.06
N ALA A 229 21.89 31.21 32.74
CA ALA A 229 22.17 30.13 33.67
C ALA A 229 23.69 29.90 33.74
N PHE A 230 24.25 30.10 34.93
CA PHE A 230 25.68 29.95 35.14
C PHE A 230 26.11 28.49 35.28
N VAL A 231 27.07 28.11 34.44
CA VAL A 231 27.60 26.75 34.44
C VAL A 231 29.10 26.83 34.75
N PRO A 232 29.55 26.12 35.81
CA PRO A 232 30.99 26.01 36.10
C PRO A 232 31.82 25.51 34.91
N GLU A 233 33.13 25.74 34.95
CA GLU A 233 34.02 25.39 33.85
C GLU A 233 34.11 23.88 33.69
N GLU A 234 34.06 23.16 34.80
CA GLU A 234 34.18 21.70 34.82
C GLU A 234 32.87 20.98 34.47
N ASN A 235 31.88 21.75 34.01
CA ASN A 235 30.60 21.21 33.55
C ASN A 235 30.47 21.11 32.04
N ILE A 236 31.41 21.70 31.30
CA ILE A 236 31.43 21.56 29.85
C ILE A 236 32.06 20.23 29.46
N LEU A 237 31.45 19.55 28.49
CA LEU A 237 31.97 18.30 27.94
C LEU A 237 33.23 18.57 27.11
N PRO A 238 34.39 18.06 27.56
CA PRO A 238 35.65 18.47 26.95
C PRO A 238 36.01 17.80 25.61
N HIS A 239 35.43 16.62 25.33
CA HIS A 239 35.93 15.79 24.23
C HIS A 239 34.99 15.59 23.05
N VAL A 240 34.19 16.63 22.75
CA VAL A 240 33.30 16.60 21.59
C VAL A 240 32.94 18.01 21.12
N LYS A 241 32.97 18.21 19.80
CA LYS A 241 32.58 19.47 19.18
C LYS A 241 31.72 19.25 17.94
N GLY A 242 30.77 20.14 17.73
CA GLY A 242 29.92 20.09 16.56
C GLY A 242 28.92 18.95 16.59
N LEU A 243 28.70 18.36 15.40
CA LEU A 243 27.59 17.46 15.14
C LEU A 243 27.70 16.08 15.80
N ARG A 244 28.92 15.53 15.85
CA ARG A 244 29.16 14.18 16.35
C ARG A 244 28.62 13.95 17.78
N GLY A 245 28.61 15.03 18.59
CA GLY A 245 28.06 14.98 19.93
C GLY A 245 26.61 14.52 20.01
N PRO A 246 25.67 15.41 19.61
CA PRO A 246 24.24 15.07 19.67
C PRO A 246 23.91 13.84 18.84
N PHE A 247 24.61 13.67 17.72
CA PHE A 247 24.42 12.56 16.79
C PHE A 247 24.74 11.20 17.40
N THR A 248 25.81 11.13 18.18
CA THR A 248 26.23 9.86 18.77
C THR A 248 25.19 9.36 19.78
N CYS A 249 24.63 10.29 20.53
CA CYS A 249 23.55 9.98 21.48
C CYS A 249 22.32 9.46 20.74
N LEU A 250 21.92 10.20 19.71
CA LEU A 250 20.72 9.89 18.93
C LEU A 250 20.89 8.56 18.22
N ASN A 251 22.11 8.29 17.74
CA ASN A 251 22.43 6.99 17.14
C ASN A 251 22.30 5.86 18.14
N SER A 252 22.74 6.10 19.37
CA SER A 252 22.57 5.13 20.44
C SER A 252 21.08 4.90 20.73
N ALA A 253 20.34 5.99 20.87
CA ALA A 253 18.90 5.93 21.17
C ALA A 253 18.13 5.21 20.06
N ARG A 254 18.47 5.52 18.81
CA ARG A 254 17.85 4.88 17.64
C ARG A 254 17.97 3.37 17.65
N TYR A 255 19.13 2.86 18.06
CA TYR A 255 19.31 1.42 18.20
C TYR A 255 18.34 0.79 19.22
N GLY A 256 18.19 1.44 20.38
CA GLY A 256 17.23 0.99 21.39
C GLY A 256 15.80 1.02 20.88
N ILE A 257 15.44 2.11 20.19
CA ILE A 257 14.10 2.26 19.60
C ILE A 257 13.77 1.17 18.58
N ALA A 258 14.78 0.72 17.84
CA ALA A 258 14.57 -0.32 16.84
C ALA A 258 14.13 -1.63 17.48
N TRP A 259 14.70 -1.97 18.64
CA TRP A 259 14.28 -3.14 19.40
C TRP A 259 12.92 -2.94 20.09
N GLY A 260 12.76 -1.81 20.78
CA GLY A 260 11.55 -1.49 21.53
C GLY A 260 10.30 -1.54 20.66
N ALA A 261 10.36 -0.86 19.51
CA ALA A 261 9.28 -0.82 18.54
C ALA A 261 8.73 -2.20 18.23
N LEU A 262 9.62 -3.19 18.18
CA LEU A 262 9.21 -4.56 17.89
C LEU A 262 8.55 -5.24 19.09
N GLY A 263 8.82 -4.75 20.30
CA GLY A 263 8.10 -5.19 21.51
C GLY A 263 6.65 -4.76 21.43
N ALA A 264 6.44 -3.46 21.16
CA ALA A 264 5.11 -2.88 20.89
C ALA A 264 4.34 -3.64 19.81
N ALA A 265 5.00 -3.89 18.69
CA ALA A 265 4.41 -4.64 17.57
C ALA A 265 4.02 -6.05 17.98
N GLU A 266 4.83 -6.66 18.84
CA GLU A 266 4.56 -8.00 19.35
C GLU A 266 3.31 -7.99 20.25
N SER A 267 3.18 -6.96 21.08
CA SER A 267 1.96 -6.78 21.86
C SER A 267 0.71 -6.64 20.98
N CYS A 268 0.74 -5.77 19.97
CA CYS A 268 -0.44 -5.59 19.13
C CYS A 268 -0.79 -6.89 18.41
N TRP A 269 0.25 -7.60 17.94
CA TRP A 269 0.07 -8.90 17.29
C TRP A 269 -0.60 -9.92 18.21
N HIS A 270 -0.11 -10.03 19.45
CA HIS A 270 -0.66 -10.98 20.42
C HIS A 270 -2.12 -10.68 20.74
N ILE A 271 -2.40 -9.40 20.99
CA ILE A 271 -3.76 -8.91 21.27
C ILE A 271 -4.71 -9.22 20.11
N ALA A 272 -4.26 -8.97 18.87
CA ALA A 272 -5.08 -9.22 17.68
C ALA A 272 -5.35 -10.71 17.49
N ARG A 273 -4.34 -11.52 17.78
CA ARG A 273 -4.48 -12.96 17.70
C ARG A 273 -5.50 -13.51 18.72
N GLN A 274 -5.42 -13.06 19.96
CA GLN A 274 -6.36 -13.49 20.99
C GLN A 274 -7.76 -12.99 20.63
N TYR A 275 -7.85 -11.74 20.18
CA TYR A 275 -9.12 -11.19 19.73
C TYR A 275 -9.86 -12.11 18.77
N VAL A 276 -9.19 -12.51 17.68
CA VAL A 276 -9.84 -13.33 16.63
C VAL A 276 -10.16 -14.77 17.10
N LEU A 277 -9.44 -15.22 18.11
CA LEU A 277 -9.72 -16.47 18.80
C LEU A 277 -11.01 -16.43 19.63
N ASP A 278 -11.22 -15.33 20.36
CA ASP A 278 -12.37 -15.21 21.27
C ASP A 278 -13.65 -14.73 20.60
N ARG A 279 -13.52 -14.27 19.35
CA ARG A 279 -14.59 -13.57 18.65
C ARG A 279 -15.16 -14.46 17.54
N LYS A 280 -16.49 -14.43 17.40
CA LYS A 280 -17.17 -15.17 16.34
C LYS A 280 -17.82 -14.20 15.35
N GLN A 281 -18.03 -14.68 14.12
CA GLN A 281 -18.64 -13.87 13.05
C GLN A 281 -19.24 -14.83 12.02
N PHE A 282 -20.56 -14.68 11.79
CA PHE A 282 -21.33 -15.55 10.89
C PHE A 282 -21.26 -17.05 11.26
N GLY A 283 -21.22 -17.34 12.57
CA GLY A 283 -21.22 -18.72 13.08
C GLY A 283 -19.85 -19.29 13.40
N ARG A 284 -18.85 -18.89 12.63
CA ARG A 284 -17.47 -19.37 12.80
C ARG A 284 -16.65 -18.38 13.62
N PRO A 285 -15.61 -18.87 14.32
CA PRO A 285 -14.66 -17.94 14.93
C PRO A 285 -13.99 -17.07 13.86
N LEU A 286 -13.59 -15.87 14.27
CA LEU A 286 -12.95 -14.92 13.37
C LEU A 286 -11.65 -15.48 12.76
N ALA A 287 -10.94 -16.28 13.55
CA ALA A 287 -9.70 -16.95 13.14
C ALA A 287 -9.84 -17.79 11.85
N ALA A 288 -11.04 -18.30 11.58
CA ALA A 288 -11.30 -19.09 10.38
C ALA A 288 -11.40 -18.25 9.11
N ASN A 289 -11.36 -16.93 9.25
CA ASN A 289 -11.44 -16.03 8.09
C ASN A 289 -10.09 -15.94 7.38
N GLN A 290 -10.12 -16.09 6.05
CA GLN A 290 -8.91 -16.05 5.24
C GLN A 290 -8.13 -14.74 5.37
N LEU A 291 -8.84 -13.62 5.35
CA LEU A 291 -8.16 -12.33 5.39
C LEU A 291 -7.52 -12.10 6.75
N ILE A 292 -8.20 -12.56 7.80
CA ILE A 292 -7.67 -12.51 9.15
C ILE A 292 -6.36 -13.30 9.26
N GLN A 293 -6.32 -14.48 8.65
CA GLN A 293 -5.14 -15.33 8.64
C GLN A 293 -3.97 -14.67 7.90
N LYS A 294 -4.25 -14.09 6.73
CA LYS A 294 -3.28 -13.27 5.99
C LYS A 294 -2.67 -12.18 6.87
N LYS A 295 -3.51 -11.41 7.54
CA LYS A 295 -3.02 -10.31 8.37
C LYS A 295 -2.12 -10.83 9.47
N LEU A 296 -2.52 -11.92 10.11
CA LEU A 296 -1.73 -12.56 11.17
C LEU A 296 -0.44 -13.15 10.64
N ALA A 297 -0.47 -13.68 9.41
CA ALA A 297 0.77 -14.12 8.75
C ALA A 297 1.68 -12.93 8.50
N ASP A 298 1.13 -11.81 8.02
CA ASP A 298 1.93 -10.59 7.82
C ASP A 298 2.58 -10.10 9.11
N MET A 299 1.82 -10.08 10.21
CA MET A 299 2.33 -9.59 11.50
C MET A 299 3.48 -10.47 11.96
N GLN A 300 3.26 -11.78 11.90
CA GLN A 300 4.27 -12.75 12.28
C GLN A 300 5.54 -12.59 11.45
N THR A 301 5.38 -12.45 10.14
CA THR A 301 6.49 -12.33 9.21
C THR A 301 7.35 -11.09 9.47
N GLU A 302 6.71 -9.93 9.59
CA GLU A 302 7.47 -8.68 9.71
C GLU A 302 8.18 -8.55 11.05
N ILE A 303 7.61 -9.13 12.09
CA ILE A 303 8.22 -9.13 13.42
C ILE A 303 9.44 -10.05 13.46
N THR A 304 9.25 -11.28 12.97
CA THR A 304 10.29 -12.29 12.93
C THR A 304 11.54 -11.76 12.20
N LEU A 305 11.34 -11.26 10.99
CA LEU A 305 12.42 -10.66 10.20
C LEU A 305 13.02 -9.39 10.82
N GLY A 306 12.18 -8.55 11.43
CA GLY A 306 12.65 -7.35 12.15
C GLY A 306 13.58 -7.71 13.29
N LEU A 307 13.23 -8.77 14.01
CA LEU A 307 14.05 -9.31 15.09
C LEU A 307 15.43 -9.79 14.60
N GLN A 308 15.46 -10.63 13.56
CA GLN A 308 16.75 -11.03 12.96
C GLN A 308 17.64 -9.84 12.60
N GLY A 309 17.02 -8.78 12.06
CA GLY A 309 17.75 -7.56 11.71
C GLY A 309 18.37 -6.82 12.87
N VAL A 310 17.62 -6.60 13.95
CA VAL A 310 18.13 -5.87 15.12
C VAL A 310 19.15 -6.72 15.94
N LEU A 311 18.94 -8.03 15.96
CA LEU A 311 19.91 -8.94 16.54
C LEU A 311 21.28 -8.79 15.86
N ARG A 312 21.28 -8.96 14.55
CA ARG A 312 22.49 -8.90 13.75
C ARG A 312 23.19 -7.56 13.92
N LEU A 313 22.42 -6.47 13.94
CA LEU A 313 22.97 -5.14 14.18
C LEU A 313 23.70 -5.05 15.55
N GLY A 314 23.09 -5.62 16.58
CA GLY A 314 23.65 -5.66 17.94
C GLY A 314 25.00 -6.38 18.01
N ARG A 315 25.02 -7.59 17.47
CA ARG A 315 26.26 -8.37 17.30
C ARG A 315 27.36 -7.57 16.57
N MET A 316 27.01 -6.93 15.46
CA MET A 316 27.96 -6.11 14.71
C MET A 316 28.46 -4.95 15.53
N LYS A 317 27.56 -4.34 16.32
CA LYS A 317 27.94 -3.23 17.19
C LYS A 317 28.87 -3.68 18.33
N ASP A 318 28.63 -4.89 18.83
CA ASP A 318 29.47 -5.51 19.85
C ASP A 318 30.85 -5.87 19.31
N GLU A 319 30.88 -6.43 18.10
CA GLU A 319 32.13 -6.83 17.44
C GLU A 319 32.83 -5.63 16.79
N GLY A 320 32.16 -4.48 16.84
CA GLY A 320 32.71 -3.22 16.32
C GLY A 320 32.76 -3.07 14.81
N THR A 321 31.76 -3.59 14.10
CA THR A 321 31.76 -3.57 12.63
C THR A 321 30.56 -2.86 11.99
N ALA A 322 29.66 -2.34 12.84
CA ALA A 322 28.47 -1.65 12.35
C ALA A 322 28.74 -0.18 12.05
N ALA A 323 28.49 0.22 10.81
CA ALA A 323 28.45 1.66 10.50
C ALA A 323 27.13 2.25 10.97
N VAL A 324 27.13 3.56 11.17
CA VAL A 324 25.93 4.33 11.53
C VAL A 324 24.70 4.09 10.64
N GLU A 325 24.95 3.83 9.35
CA GLU A 325 23.89 3.65 8.34
C GLU A 325 22.92 2.53 8.67
N ILE A 326 23.43 1.45 9.29
CA ILE A 326 22.65 0.24 9.56
C ILE A 326 21.59 0.48 10.63
N THR A 327 21.91 1.35 11.58
CA THR A 327 20.97 1.73 12.61
C THR A 327 19.83 2.54 11.98
N SER A 328 20.12 3.28 10.92
CA SER A 328 19.09 4.01 10.19
C SER A 328 18.07 3.07 9.56
N ILE A 329 18.54 2.07 8.84
CA ILE A 329 17.65 1.10 8.22
C ILE A 329 16.83 0.31 9.25
N MET A 330 17.45 -0.08 10.36
CA MET A 330 16.77 -0.85 11.39
C MET A 330 15.72 -0.05 12.15
N LYS A 331 16.06 1.19 12.53
CA LYS A 331 15.11 2.07 13.18
C LYS A 331 13.90 2.38 12.28
N ARG A 332 14.19 2.84 11.06
CA ARG A 332 13.14 3.08 10.07
C ARG A 332 12.26 1.85 9.87
N ASN A 333 12.87 0.68 9.64
CA ASN A 333 12.07 -0.52 9.44
C ASN A 333 11.24 -0.93 10.65
N SER A 334 11.87 -1.05 11.82
CA SER A 334 11.17 -1.44 13.04
C SER A 334 9.96 -0.55 13.35
N CYS A 335 10.16 0.76 13.29
CA CYS A 335 9.12 1.71 13.62
C CYS A 335 8.02 1.71 12.58
N GLY A 336 8.41 1.67 11.30
CA GLY A 336 7.48 1.66 10.18
C GLY A 336 6.64 0.41 10.11
N LYS A 337 7.26 -0.75 10.34
CA LYS A 337 6.54 -2.01 10.40
C LYS A 337 5.69 -2.14 11.69
N ALA A 338 6.20 -1.62 12.81
CA ALA A 338 5.47 -1.65 14.08
C ALA A 338 4.19 -0.81 13.99
N LEU A 339 4.27 0.31 13.27
CA LEU A 339 3.12 1.19 13.06
C LEU A 339 2.09 0.55 12.11
N ASP A 340 2.57 -0.17 11.10
CA ASP A 340 1.68 -0.92 10.19
C ASP A 340 0.93 -2.02 10.95
N ILE A 341 1.59 -2.63 11.93
CA ILE A 341 1.02 -3.76 12.64
C ILE A 341 -0.04 -3.28 13.64
N ALA A 342 0.27 -2.18 14.33
CA ALA A 342 -0.67 -1.49 15.20
C ALA A 342 -1.95 -1.07 14.46
N ARG A 343 -1.78 -0.52 13.26
CA ARG A 343 -2.90 -0.08 12.41
C ARG A 343 -3.69 -1.24 11.88
N LEU A 344 -2.98 -2.35 11.63
CA LEU A 344 -3.58 -3.54 11.12
C LEU A 344 -4.42 -4.17 12.22
N ALA A 345 -3.83 -4.27 13.43
CA ALA A 345 -4.55 -4.73 14.60
C ALA A 345 -5.75 -3.83 14.95
N ARG A 346 -5.56 -2.51 14.89
CA ARG A 346 -6.62 -1.55 15.19
C ARG A 346 -7.84 -1.75 14.28
N ASP A 347 -7.58 -1.89 12.98
CA ASP A 347 -8.63 -2.01 11.98
C ASP A 347 -9.37 -3.34 12.05
N MET A 348 -8.83 -4.27 12.82
CA MET A 348 -9.43 -5.60 13.03
C MET A 348 -10.45 -5.57 14.17
N LEU A 349 -10.34 -4.56 15.03
CA LEU A 349 -11.14 -4.47 16.23
C LEU A 349 -12.43 -3.71 16.02
N GLY A 350 -13.53 -4.34 16.43
CA GLY A 350 -14.81 -3.65 16.49
C GLY A 350 -14.96 -2.95 17.83
N GLY A 351 -15.86 -1.96 17.87
CA GLY A 351 -16.13 -1.26 19.12
C GLY A 351 -15.36 0.04 19.19
N ASN A 352 -15.15 0.52 20.42
CA ASN A 352 -14.67 1.87 20.61
C ASN A 352 -14.14 2.11 22.02
N GLY A 353 -13.07 1.40 22.38
CA GLY A 353 -12.26 1.78 23.54
C GLY A 353 -12.39 1.04 24.86
N ILE A 354 -13.51 0.39 25.11
CA ILE A 354 -13.80 -0.14 26.47
C ILE A 354 -13.04 -1.41 26.88
N SER A 355 -12.84 -2.34 25.95
CA SER A 355 -12.20 -3.62 26.27
C SER A 355 -10.65 -3.58 26.25
N ASP A 356 -10.03 -4.65 26.76
CA ASP A 356 -8.56 -4.82 26.77
C ASP A 356 -7.92 -4.60 25.39
N GLU A 357 -8.58 -5.06 24.34
CA GLU A 357 -8.03 -5.04 22.97
C GLU A 357 -7.64 -3.63 22.53
N PHE A 358 -8.34 -2.62 23.07
CA PHE A 358 -7.98 -1.23 22.81
C PHE A 358 -6.72 -0.74 23.57
N GLY A 359 -5.93 -1.69 24.09
CA GLY A 359 -4.53 -1.43 24.45
C GLY A 359 -3.76 -1.18 23.16
N VAL A 360 -4.32 -1.68 22.05
CA VAL A 360 -3.80 -1.46 20.70
C VAL A 360 -3.85 0.02 20.31
N ALA A 361 -4.95 0.69 20.65
CA ALA A 361 -5.07 2.14 20.41
C ALA A 361 -3.97 2.93 21.12
N ARG A 362 -3.60 2.50 22.33
CA ARG A 362 -2.51 3.13 23.07
C ARG A 362 -1.17 2.95 22.38
N HIS A 363 -0.88 1.72 21.95
CA HIS A 363 0.38 1.41 21.26
C HIS A 363 0.49 2.22 19.99
N LEU A 364 -0.65 2.38 19.31
CA LEU A 364 -0.78 3.09 18.05
C LEU A 364 -0.48 4.57 18.13
N VAL A 365 -1.11 5.30 19.06
CA VAL A 365 -0.76 6.71 19.21
C VAL A 365 0.69 6.90 19.68
N ASN A 366 1.20 5.96 20.48
CA ASN A 366 2.60 5.99 20.91
C ASN A 366 3.52 5.86 19.71
N LEU A 367 3.26 4.85 18.88
CA LEU A 367 4.07 4.53 17.71
C LEU A 367 3.99 5.60 16.63
N GLU A 368 2.87 6.30 16.57
CA GLU A 368 2.77 7.45 15.69
C GLU A 368 3.72 8.59 16.08
N VAL A 369 3.95 8.77 17.39
CA VAL A 369 4.95 9.74 17.87
C VAL A 369 6.38 9.22 17.67
N VAL A 370 6.60 7.94 17.98
CA VAL A 370 7.93 7.32 17.91
C VAL A 370 8.45 7.37 16.46
N ASN A 371 7.59 7.01 15.52
CA ASN A 371 7.91 7.01 14.09
C ASN A 371 8.22 8.42 13.55
N THR A 372 7.64 9.42 14.19
CA THR A 372 7.85 10.84 13.88
C THR A 372 9.11 11.43 14.53
N TYR A 373 9.43 10.97 15.74
CA TYR A 373 10.57 11.48 16.52
C TYR A 373 11.91 11.14 15.87
N ILE A 379 14.31 11.12 6.54
CA ILE A 379 15.65 11.42 7.06
C ILE A 379 16.55 10.18 7.01
N HIS A 380 16.02 9.03 7.44
CA HIS A 380 16.75 7.77 7.40
C HIS A 380 16.78 7.16 6.00
N ALA A 381 15.70 7.37 5.24
CA ALA A 381 15.61 6.92 3.84
C ALA A 381 16.57 7.71 2.95
N LEU A 382 16.82 8.98 3.32
CA LEU A 382 17.77 9.84 2.61
C LEU A 382 19.21 9.51 3.01
N ILE A 383 19.38 8.96 4.21
CA ILE A 383 20.69 8.45 4.66
C ILE A 383 21.09 7.21 3.85
N LEU A 384 20.15 6.30 3.65
CA LEU A 384 20.39 5.07 2.91
C LEU A 384 20.54 5.35 1.40
N GLY A 385 19.72 6.27 0.89
CA GLY A 385 19.80 6.69 -0.52
C GLY A 385 21.16 7.28 -0.86
N ARG A 386 21.62 8.21 -0.02
CA ARG A 386 22.93 8.85 -0.19
C ARG A 386 24.08 7.86 0.00
N ALA A 387 23.92 6.93 0.93
CA ALA A 387 24.93 5.90 1.18
C ALA A 387 25.07 4.92 0.01
N GLN A 388 23.96 4.66 -0.66
CA GLN A 388 23.93 3.83 -1.88
C GLN A 388 24.56 4.55 -3.08
N THR A 389 24.40 5.87 -3.12
CA THR A 389 24.64 6.66 -4.34
C THR A 389 25.75 7.73 -4.26
N GLY A 390 26.05 8.19 -3.04
CA GLY A 390 27.04 9.25 -2.84
C GLY A 390 26.50 10.65 -3.12
N ILE A 391 25.21 10.74 -3.46
CA ILE A 391 24.57 12.00 -3.83
C ILE A 391 23.52 12.39 -2.80
N GLN A 392 23.70 13.58 -2.21
CA GLN A 392 22.84 14.09 -1.15
C GLN A 392 21.50 14.60 -1.69
N ALA A 393 20.43 14.26 -0.97
CA ALA A 393 19.09 14.76 -1.27
C ALA A 393 18.37 15.17 0.00
N ALA B 4 32.70 -0.17 11.16
CA ALA B 4 32.54 1.30 10.92
C ALA B 4 32.53 1.69 9.43
N THR B 5 32.68 0.70 8.55
CA THR B 5 32.61 0.92 7.11
C THR B 5 31.34 0.26 6.49
N PHE B 6 30.53 1.08 5.80
CA PHE B 6 29.22 0.65 5.32
C PHE B 6 29.23 0.02 3.92
N HIS B 7 28.63 -1.17 3.81
CA HIS B 7 28.41 -1.84 2.52
C HIS B 7 26.96 -1.68 2.07
N TRP B 8 26.71 -0.79 1.11
CA TRP B 8 25.34 -0.53 0.62
C TRP B 8 24.67 -1.82 0.09
N ASP B 9 25.49 -2.68 -0.51
CA ASP B 9 25.04 -3.87 -1.21
C ASP B 9 24.92 -5.08 -0.28
N ASP B 10 25.42 -4.93 0.94
CA ASP B 10 25.41 -6.00 1.93
C ASP B 10 25.50 -5.35 3.32
N PRO B 11 24.45 -4.61 3.72
CA PRO B 11 24.47 -3.83 4.97
C PRO B 11 24.74 -4.64 6.25
N LEU B 12 24.23 -5.87 6.33
CA LEU B 12 24.46 -6.70 7.50
C LEU B 12 25.65 -7.66 7.35
N LEU B 13 26.44 -7.44 6.30
CA LEU B 13 27.61 -8.26 5.98
C LEU B 13 27.31 -9.75 6.05
N LEU B 14 26.39 -10.21 5.21
CA LEU B 14 26.07 -11.63 5.11
C LEU B 14 27.35 -12.44 4.84
N ASP B 15 28.24 -11.85 4.04
CA ASP B 15 29.53 -12.45 3.69
C ASP B 15 30.22 -12.94 4.97
N GLN B 16 30.23 -12.08 5.98
CA GLN B 16 30.84 -12.32 7.27
C GLN B 16 30.13 -13.39 8.10
N GLN B 17 28.87 -13.69 7.75
CA GLN B 17 28.08 -14.69 8.49
C GLN B 17 28.17 -16.06 7.83
N LEU B 18 28.82 -16.11 6.67
CA LEU B 18 28.97 -17.36 5.95
C LEU B 18 30.29 -18.04 6.28
N ALA B 19 30.26 -19.37 6.32
CA ALA B 19 31.48 -20.17 6.44
C ALA B 19 32.36 -19.97 5.20
N ASP B 20 33.67 -20.17 5.37
CA ASP B 20 34.62 -20.15 4.26
C ASP B 20 34.17 -21.09 3.14
N ASP B 21 33.77 -22.31 3.54
CA ASP B 21 33.25 -23.31 2.61
C ASP B 21 32.07 -22.78 1.79
N GLU B 22 31.04 -22.30 2.51
CA GLU B 22 29.84 -21.70 1.91
C GLU B 22 30.14 -20.50 1.00
N ARG B 23 31.09 -19.66 1.42
CA ARG B 23 31.45 -18.47 0.65
C ARG B 23 32.07 -18.77 -0.72
N MET B 24 32.75 -19.90 -0.86
CA MET B 24 33.32 -20.28 -2.16
C MET B 24 32.28 -20.92 -3.11
N VAL B 25 31.35 -21.68 -2.53
CA VAL B 25 30.23 -22.30 -3.26
C VAL B 25 29.31 -21.24 -3.91
N ARG B 26 29.07 -20.15 -3.19
CA ARG B 26 28.30 -19.01 -3.68
C ARG B 26 29.02 -18.37 -4.86
N ASP B 27 30.32 -18.17 -4.70
CA ASP B 27 31.16 -17.59 -5.74
C ASP B 27 31.35 -18.53 -6.93
N ALA B 28 31.19 -19.84 -6.68
CA ALA B 28 31.21 -20.87 -7.71
C ALA B 28 29.94 -20.88 -8.58
N ALA B 29 28.79 -20.81 -7.92
CA ALA B 29 27.50 -20.70 -8.62
C ALA B 29 27.38 -19.32 -9.30
N HIS B 30 27.98 -18.31 -8.70
CA HIS B 30 28.03 -16.99 -9.29
C HIS B 30 28.87 -16.94 -10.57
N ALA B 31 30.08 -17.48 -10.52
CA ALA B 31 30.95 -17.54 -11.70
C ALA B 31 30.30 -18.34 -12.85
N TYR B 32 29.68 -19.47 -12.52
CA TYR B 32 28.91 -20.21 -13.52
C TYR B 32 27.72 -19.41 -14.10
N ALA B 33 26.85 -18.89 -13.22
CA ALA B 33 25.66 -18.19 -13.66
C ALA B 33 26.00 -16.99 -14.55
N GLN B 34 26.96 -16.18 -14.11
CA GLN B 34 27.35 -15.00 -14.89
C GLN B 34 28.13 -15.40 -16.15
N GLY B 35 28.88 -16.50 -16.08
CA GLY B 35 29.73 -16.95 -17.17
C GLY B 35 28.97 -17.66 -18.27
N LYS B 36 28.12 -18.60 -17.91
CA LYS B 36 27.41 -19.39 -18.91
C LYS B 36 25.94 -19.01 -19.14
N LEU B 37 25.24 -18.58 -18.08
CA LEU B 37 23.80 -18.34 -18.16
C LEU B 37 23.44 -16.93 -18.60
N ALA B 38 24.15 -15.93 -18.08
CA ALA B 38 23.87 -14.53 -18.43
C ALA B 38 23.97 -14.25 -19.95
N PRO B 39 25.01 -14.76 -20.64
CA PRO B 39 25.05 -14.53 -22.10
C PRO B 39 23.95 -15.27 -22.88
N ARG B 40 23.35 -16.30 -22.28
CA ARG B 40 22.33 -17.09 -22.94
C ARG B 40 20.93 -16.53 -22.81
N VAL B 41 20.67 -15.88 -21.68
CA VAL B 41 19.29 -15.68 -21.18
C VAL B 41 18.39 -14.81 -22.08
N THR B 42 18.95 -13.74 -22.62
CA THR B 42 18.11 -12.77 -23.35
C THR B 42 17.39 -13.42 -24.54
N GLU B 43 18.14 -14.14 -25.37
CA GLU B 43 17.61 -14.88 -26.53
C GLU B 43 16.80 -16.10 -26.14
N ALA B 44 17.24 -16.79 -25.09
CA ALA B 44 16.54 -17.97 -24.60
C ALA B 44 15.12 -17.62 -24.17
N PHE B 45 14.99 -16.54 -23.40
CA PHE B 45 13.68 -16.05 -22.96
C PHE B 45 12.84 -15.54 -24.14
N ARG B 46 13.48 -14.72 -24.98
CA ARG B 46 12.89 -14.19 -26.21
C ARG B 46 12.15 -15.26 -27.01
N HIS B 47 12.85 -16.35 -27.33
CA HIS B 47 12.29 -17.38 -28.22
C HIS B 47 11.85 -18.67 -27.52
N GLU B 48 11.92 -18.68 -26.20
CA GLU B 48 11.50 -19.83 -25.39
C GLU B 48 12.27 -21.08 -25.83
N THR B 49 13.56 -20.89 -26.11
CA THR B 49 14.41 -21.96 -26.62
C THR B 49 14.84 -22.97 -25.57
N THR B 50 14.91 -24.23 -25.98
CA THR B 50 15.34 -25.34 -25.12
C THR B 50 16.86 -25.49 -25.15
N ASP B 51 17.47 -25.46 -23.97
CA ASP B 51 18.91 -25.72 -23.85
C ASP B 51 19.24 -26.62 -22.66
N ALA B 52 19.23 -27.93 -22.90
CA ALA B 52 19.52 -28.92 -21.86
C ALA B 52 21.00 -28.97 -21.46
N ALA B 53 21.85 -28.22 -22.16
CA ALA B 53 23.28 -28.16 -21.88
C ALA B 53 23.56 -27.69 -20.46
N ILE B 54 22.62 -26.93 -19.91
CA ILE B 54 22.68 -26.39 -18.56
C ILE B 54 22.74 -27.48 -17.47
N PHE B 55 22.03 -28.58 -17.69
CA PHE B 55 22.06 -29.74 -16.81
C PHE B 55 23.45 -30.38 -16.82
N ARG B 56 23.98 -30.59 -18.03
CA ARG B 56 25.37 -31.01 -18.21
C ARG B 56 26.35 -30.11 -17.47
N GLU B 57 26.20 -28.79 -17.63
CA GLU B 57 27.14 -27.81 -17.07
C GLU B 57 27.08 -27.67 -15.55
N MET B 58 25.86 -27.65 -15.00
CA MET B 58 25.67 -27.59 -13.56
C MET B 58 26.07 -28.91 -12.89
N GLY B 59 25.79 -30.01 -13.59
CA GLY B 59 26.22 -31.32 -13.13
C GLY B 59 27.73 -31.44 -13.08
N GLU B 60 28.38 -31.06 -14.19
CA GLU B 60 29.85 -31.03 -14.29
C GLU B 60 30.46 -30.48 -13.02
N ILE B 61 29.90 -29.39 -12.50
CA ILE B 61 30.52 -28.67 -11.38
C ILE B 61 29.89 -28.87 -10.00
N GLY B 62 28.98 -29.84 -9.90
CA GLY B 62 28.39 -30.25 -8.63
C GLY B 62 27.37 -29.31 -8.00
N LEU B 63 26.55 -28.68 -8.83
CA LEU B 63 25.50 -27.80 -8.33
C LEU B 63 24.10 -28.44 -8.32
N LEU B 64 24.02 -29.73 -8.70
CA LEU B 64 22.76 -30.45 -8.79
C LEU B 64 22.57 -31.40 -7.60
N GLY B 65 21.40 -31.33 -6.97
CA GLY B 65 21.15 -32.07 -5.72
C GLY B 65 22.24 -31.81 -4.70
N PRO B 66 22.42 -30.55 -4.30
CA PRO B 66 23.62 -30.19 -3.54
C PRO B 66 23.66 -30.72 -2.10
N THR B 67 22.52 -31.13 -1.55
CA THR B 67 22.50 -31.71 -0.21
C THR B 67 22.70 -33.23 -0.25
N ILE B 68 22.60 -33.81 -1.45
CA ILE B 68 22.81 -35.25 -1.67
C ILE B 68 24.26 -35.67 -1.33
N PRO B 69 24.40 -36.75 -0.51
CA PRO B 69 25.71 -37.25 -0.03
C PRO B 69 26.68 -37.63 -1.15
N GLU B 70 27.97 -37.34 -0.92
CA GLU B 70 29.03 -37.61 -1.89
C GLU B 70 29.02 -39.05 -2.39
N GLN B 71 28.50 -39.94 -1.55
CA GLN B 71 28.31 -41.36 -1.85
C GLN B 71 27.49 -41.64 -3.11
N TYR B 72 26.61 -40.72 -3.48
CA TYR B 72 25.70 -40.94 -4.59
C TYR B 72 25.94 -39.98 -5.73
N GLY B 73 27.10 -39.34 -5.73
CA GLY B 73 27.45 -38.41 -6.79
C GLY B 73 27.24 -36.96 -6.42
N GLY B 74 26.56 -36.74 -5.30
CA GLY B 74 26.25 -35.39 -4.83
C GLY B 74 27.44 -34.72 -4.18
N PRO B 75 27.42 -33.37 -4.11
CA PRO B 75 28.54 -32.69 -3.46
C PRO B 75 28.52 -32.72 -1.93
N GLY B 76 27.46 -33.27 -1.35
CA GLY B 76 27.35 -33.45 0.10
C GLY B 76 27.29 -32.17 0.92
N LEU B 77 26.72 -31.12 0.31
CA LEU B 77 26.65 -29.79 0.93
C LEU B 77 25.42 -29.63 1.83
N ASP B 78 25.41 -28.56 2.62
CA ASP B 78 24.26 -28.27 3.48
C ASP B 78 23.28 -27.27 2.86
N TYR B 79 22.26 -26.88 3.64
CA TYR B 79 21.13 -26.10 3.14
C TYR B 79 21.46 -24.64 2.82
N VAL B 80 22.31 -24.03 3.63
CA VAL B 80 22.77 -22.67 3.37
C VAL B 80 23.41 -22.60 1.98
N SER B 81 24.21 -23.63 1.67
CA SER B 81 24.94 -23.75 0.40
C SER B 81 23.96 -23.96 -0.76
N TYR B 82 22.96 -24.81 -0.57
CA TYR B 82 21.90 -25.01 -1.56
C TYR B 82 21.19 -23.70 -1.91
N GLY B 83 20.84 -22.92 -0.89
CA GLY B 83 20.18 -21.63 -1.08
C GLY B 83 21.04 -20.62 -1.82
N LEU B 84 22.32 -20.56 -1.45
CA LEU B 84 23.27 -19.64 -2.08
C LEU B 84 23.37 -19.86 -3.57
N ILE B 85 23.26 -21.14 -3.96
CA ILE B 85 23.26 -21.59 -5.34
C ILE B 85 22.00 -21.12 -6.07
N ALA B 86 20.83 -21.53 -5.58
CA ALA B 86 19.54 -21.09 -6.13
C ALA B 86 19.49 -19.56 -6.33
N ARG B 87 19.94 -18.82 -5.33
CA ARG B 87 20.02 -17.37 -5.38
C ARG B 87 20.97 -16.82 -6.45
N GLU B 88 22.12 -17.47 -6.64
CA GLU B 88 23.05 -17.05 -7.70
C GLU B 88 22.49 -17.34 -9.09
N VAL B 89 21.82 -18.47 -9.23
CA VAL B 89 21.22 -18.89 -10.50
C VAL B 89 19.98 -18.03 -10.85
N GLU B 90 19.06 -17.85 -9.89
CA GLU B 90 17.87 -17.02 -10.12
C GLU B 90 18.25 -15.53 -10.37
N ARG B 91 19.36 -15.09 -9.78
CA ARG B 91 19.93 -13.77 -10.04
C ARG B 91 20.08 -13.49 -11.55
N VAL B 92 20.33 -14.55 -12.30
CA VAL B 92 20.28 -14.47 -13.77
C VAL B 92 18.85 -14.64 -14.26
N ASP B 93 18.23 -15.79 -13.96
CA ASP B 93 16.87 -16.03 -14.44
C ASP B 93 16.14 -17.06 -13.61
N SER B 94 14.88 -16.77 -13.27
CA SER B 94 14.01 -17.70 -12.55
C SER B 94 13.76 -19.01 -13.28
N GLY B 95 13.68 -18.97 -14.61
CA GLY B 95 13.47 -20.17 -15.43
C GLY B 95 14.61 -21.17 -15.27
N TYR B 96 15.83 -20.65 -15.22
CA TYR B 96 17.02 -21.47 -14.98
C TYR B 96 16.96 -22.14 -13.61
N ARG B 97 16.67 -21.35 -12.57
CA ARG B 97 16.58 -21.83 -11.19
C ARG B 97 15.51 -22.92 -11.08
N SER B 98 14.44 -22.75 -11.84
CA SER B 98 13.31 -23.67 -11.86
C SER B 98 13.72 -25.07 -12.35
N MET B 99 14.46 -25.11 -13.47
CA MET B 99 15.03 -26.35 -13.99
C MET B 99 15.90 -27.07 -12.95
N MET B 100 16.76 -26.31 -12.29
CA MET B 100 17.63 -26.80 -11.24
C MET B 100 16.88 -27.34 -10.03
N SER B 101 15.90 -26.57 -9.53
CA SER B 101 15.24 -26.93 -8.29
C SER B 101 14.30 -28.11 -8.48
N VAL B 102 13.92 -28.34 -9.73
CA VAL B 102 13.22 -29.58 -10.13
C VAL B 102 14.15 -30.80 -9.99
N GLN B 103 15.34 -30.71 -10.59
CA GLN B 103 16.39 -31.74 -10.46
C GLN B 103 16.76 -32.03 -9.01
N SER B 104 17.11 -30.98 -8.29
CA SER B 104 17.63 -31.11 -6.93
C SER B 104 16.56 -31.52 -5.93
N SER B 105 15.49 -30.73 -5.86
CA SER B 105 14.48 -30.83 -4.79
C SER B 105 13.31 -31.75 -5.12
N LEU B 106 12.97 -31.82 -6.40
CA LEU B 106 11.76 -32.52 -6.83
C LEU B 106 12.03 -33.88 -7.47
N VAL B 107 13.29 -34.19 -7.72
CA VAL B 107 13.66 -35.48 -8.31
C VAL B 107 14.69 -36.22 -7.44
N MET B 108 15.83 -35.59 -7.20
CA MET B 108 16.90 -36.24 -6.45
C MET B 108 16.62 -36.38 -4.95
N VAL B 109 15.83 -35.47 -4.39
CA VAL B 109 15.48 -35.57 -2.98
C VAL B 109 14.50 -36.73 -2.68
N PRO B 110 13.37 -36.83 -3.42
CA PRO B 110 12.45 -37.96 -3.19
C PRO B 110 13.07 -39.34 -3.44
N ILE B 111 13.93 -39.45 -4.45
CA ILE B 111 14.68 -40.68 -4.69
C ILE B 111 15.61 -40.99 -3.50
N PHE B 112 16.42 -40.03 -3.10
CA PHE B 112 17.29 -40.24 -1.95
C PHE B 112 16.50 -40.54 -0.67
N GLU B 113 15.44 -39.78 -0.43
CA GLU B 113 14.76 -39.83 0.86
C GLU B 113 13.80 -41.01 1.00
N PHE B 114 13.19 -41.43 -0.11
CA PHE B 114 12.17 -42.49 -0.09
C PHE B 114 12.49 -43.67 -1.00
N GLY B 115 13.58 -43.58 -1.74
CA GLY B 115 13.94 -44.62 -2.70
C GLY B 115 14.50 -45.87 -2.04
N SER B 116 14.71 -46.90 -2.86
CA SER B 116 15.40 -48.12 -2.44
C SER B 116 16.91 -47.96 -2.66
N ASP B 117 17.69 -48.91 -2.13
CA ASP B 117 19.13 -48.94 -2.36
C ASP B 117 19.45 -48.96 -3.84
N ALA B 118 18.78 -49.85 -4.58
CA ALA B 118 18.98 -50.01 -6.02
C ALA B 118 18.57 -48.74 -6.80
N GLN B 119 17.42 -48.17 -6.45
CA GLN B 119 16.93 -46.92 -7.05
C GLN B 119 17.93 -45.76 -6.84
N LYS B 120 18.45 -45.64 -5.62
CA LYS B 120 19.44 -44.61 -5.32
C LYS B 120 20.77 -44.80 -6.07
N GLU B 121 21.22 -46.06 -6.17
CA GLU B 121 22.47 -46.38 -6.86
C GLU B 121 22.36 -46.16 -8.36
N LYS B 122 21.17 -46.44 -8.89
CA LYS B 122 20.89 -46.32 -10.32
C LYS B 122 20.67 -44.89 -10.84
N TYR B 123 19.95 -44.05 -10.09
CA TYR B 123 19.52 -42.75 -10.64
C TYR B 123 20.32 -41.55 -10.18
N LEU B 124 20.61 -41.49 -8.89
CA LEU B 124 21.27 -40.34 -8.31
C LEU B 124 22.55 -39.91 -9.03
N PRO B 125 23.55 -40.83 -9.20
CA PRO B 125 24.85 -40.40 -9.74
C PRO B 125 24.75 -39.71 -11.09
N LYS B 126 23.82 -40.16 -11.91
CA LYS B 126 23.62 -39.60 -13.25
C LYS B 126 22.77 -38.33 -13.26
N LEU B 127 21.86 -38.21 -12.29
CA LEU B 127 21.12 -36.97 -12.06
C LEU B 127 22.05 -35.86 -11.53
N ALA B 128 23.01 -36.25 -10.70
CA ALA B 128 24.01 -35.32 -10.15
C ALA B 128 24.91 -34.70 -11.23
N THR B 129 25.31 -35.50 -12.22
CA THR B 129 26.21 -35.02 -13.28
C THR B 129 25.42 -34.34 -14.39
N GLY B 130 24.10 -34.50 -14.35
CA GLY B 130 23.23 -33.89 -15.34
C GLY B 130 23.12 -34.76 -16.57
N GLU B 131 23.64 -35.98 -16.48
CA GLU B 131 23.52 -36.91 -17.60
C GLU B 131 22.04 -37.28 -17.81
N TRP B 132 21.34 -37.62 -16.72
CA TRP B 132 19.90 -37.78 -16.79
C TRP B 132 19.16 -36.56 -16.25
N ILE B 133 18.13 -36.15 -16.97
CA ILE B 133 17.28 -35.04 -16.58
C ILE B 133 15.99 -35.61 -15.97
N GLY B 134 15.61 -35.09 -14.81
CA GLY B 134 14.38 -35.51 -14.15
C GLY B 134 13.27 -34.47 -14.20
N CYS B 135 12.04 -34.94 -14.04
CA CYS B 135 10.90 -34.06 -13.81
C CYS B 135 10.01 -34.64 -12.72
N PHE B 136 9.13 -33.79 -12.20
CA PHE B 136 8.28 -34.06 -11.05
C PHE B 136 6.84 -33.97 -11.54
N GLY B 137 6.09 -35.05 -11.33
CA GLY B 137 4.71 -35.17 -11.82
C GLY B 137 3.68 -35.22 -10.71
N LEU B 138 3.30 -34.05 -10.21
CA LEU B 138 2.31 -33.94 -9.16
C LEU B 138 1.03 -33.28 -9.66
N THR B 139 1.21 -32.13 -10.32
CA THR B 139 0.12 -31.22 -10.67
C THR B 139 -0.70 -31.69 -11.86
N GLU B 140 -2.03 -31.60 -11.72
CA GLU B 140 -2.95 -32.13 -12.73
C GLU B 140 -3.86 -31.05 -13.36
N PRO B 141 -4.46 -31.36 -14.53
CA PRO B 141 -5.39 -30.41 -15.14
C PRO B 141 -6.72 -30.36 -14.38
N MET B 150 -6.42 -35.82 -6.36
CA MET B 150 -5.73 -36.16 -7.60
C MET B 150 -6.27 -37.44 -8.23
N VAL B 151 -6.44 -37.42 -9.55
CA VAL B 151 -7.11 -38.52 -10.25
C VAL B 151 -6.19 -39.63 -10.78
N THR B 152 -4.92 -39.32 -11.03
CA THR B 152 -3.96 -40.28 -11.58
C THR B 152 -3.81 -41.50 -10.65
N ARG B 153 -4.17 -42.68 -11.17
CA ARG B 153 -4.22 -43.91 -10.36
C ARG B 153 -3.22 -44.98 -10.76
N ALA B 154 -2.74 -45.70 -9.75
CA ALA B 154 -1.90 -46.88 -9.94
C ALA B 154 -2.77 -48.14 -9.86
N ARG B 155 -2.61 -49.01 -10.85
CA ARG B 155 -3.39 -50.24 -10.97
C ARG B 155 -2.45 -51.44 -10.97
N LYS B 156 -2.53 -52.26 -9.92
CA LYS B 156 -1.67 -53.45 -9.76
C LYS B 156 -1.85 -54.46 -10.91
N VAL B 157 -0.78 -55.18 -11.27
CA VAL B 157 -0.84 -56.11 -12.41
C VAL B 157 -0.81 -57.64 -12.11
N PRO B 158 0.11 -58.45 -12.72
CA PRO B 158 1.50 -58.60 -13.14
C PRO B 158 2.56 -57.68 -12.50
N GLY B 159 3.47 -57.16 -13.34
CA GLY B 159 4.61 -56.33 -12.90
C GLY B 159 4.98 -56.27 -11.42
N GLY B 160 4.95 -55.07 -10.84
CA GLY B 160 4.66 -53.85 -11.57
C GLY B 160 3.33 -53.19 -11.22
N TYR B 161 3.09 -52.03 -11.83
CA TYR B 161 1.83 -51.30 -11.73
C TYR B 161 1.49 -50.67 -13.08
N SER B 162 0.20 -50.42 -13.32
CA SER B 162 -0.25 -49.81 -14.58
C SER B 162 -0.87 -48.43 -14.34
N LEU B 163 -0.03 -47.39 -14.42
CA LEU B 163 -0.45 -46.01 -14.15
C LEU B 163 -1.20 -45.37 -15.30
N SER B 164 -2.25 -44.63 -14.99
CA SER B 164 -2.96 -43.83 -15.98
C SER B 164 -3.43 -42.48 -15.43
N GLY B 165 -3.28 -41.44 -16.25
CA GLY B 165 -3.66 -40.08 -15.88
C GLY B 165 -2.88 -39.02 -16.66
N SER B 166 -2.99 -37.77 -16.21
CA SER B 166 -2.29 -36.66 -16.84
C SER B 166 -1.78 -35.62 -15.84
N LYS B 167 -0.52 -35.25 -15.99
CA LYS B 167 0.08 -34.18 -15.20
C LYS B 167 0.32 -32.97 -16.08
N MET B 168 0.17 -31.78 -15.49
CA MET B 168 0.19 -30.54 -16.25
C MET B 168 1.21 -29.56 -15.65
N TRP B 169 1.82 -28.77 -16.53
CA TRP B 169 2.80 -27.72 -16.17
C TRP B 169 4.03 -28.34 -15.52
N ILE B 170 4.60 -29.33 -16.19
CA ILE B 170 5.73 -30.07 -15.68
C ILE B 170 7.01 -29.55 -16.30
N THR B 171 7.78 -28.82 -15.51
CA THR B 171 9.05 -28.29 -15.97
C THR B 171 10.09 -29.44 -16.16
N ASN B 172 10.80 -29.36 -17.28
CA ASN B 172 11.79 -30.36 -17.73
C ASN B 172 11.21 -31.49 -18.58
N SER B 173 9.92 -31.78 -18.42
CA SER B 173 9.30 -33.01 -18.94
C SER B 173 9.53 -33.37 -20.43
N PRO B 174 9.46 -32.39 -21.36
CA PRO B 174 9.74 -32.70 -22.76
C PRO B 174 11.17 -33.17 -23.06
N ILE B 175 12.10 -32.96 -22.13
CA ILE B 175 13.50 -33.38 -22.30
C ILE B 175 13.99 -34.32 -21.19
N ALA B 176 13.07 -34.72 -20.30
CA ALA B 176 13.40 -35.53 -19.13
C ALA B 176 13.68 -36.99 -19.46
N ASP B 177 14.66 -37.56 -18.75
CA ASP B 177 14.95 -38.99 -18.83
C ASP B 177 14.18 -39.72 -17.72
N VAL B 178 14.07 -39.07 -16.57
CA VAL B 178 13.50 -39.66 -15.36
C VAL B 178 12.24 -38.89 -14.94
N PHE B 179 11.14 -39.62 -14.73
CA PHE B 179 9.87 -39.01 -14.33
C PHE B 179 9.47 -39.48 -12.95
N VAL B 180 9.44 -38.57 -11.98
CA VAL B 180 8.96 -38.90 -10.62
C VAL B 180 7.48 -38.54 -10.51
N VAL B 181 6.62 -39.53 -10.75
CA VAL B 181 5.17 -39.33 -10.81
C VAL B 181 4.47 -39.80 -9.54
N TRP B 182 3.62 -38.93 -8.99
CA TRP B 182 2.84 -39.25 -7.79
C TRP B 182 1.40 -39.61 -8.16
N ALA B 183 0.99 -40.82 -7.76
CA ALA B 183 -0.34 -41.35 -8.09
C ALA B 183 -0.95 -42.10 -6.90
N LYS B 184 -2.26 -42.34 -6.95
CA LYS B 184 -2.96 -43.00 -5.84
C LYS B 184 -3.06 -44.52 -6.04
N LEU B 185 -2.93 -45.24 -4.93
CA LEU B 185 -3.05 -46.70 -4.91
C LEU B 185 -3.76 -47.15 -3.63
N ASP B 186 -4.79 -47.98 -3.80
CA ASP B 186 -5.55 -48.56 -2.68
C ASP B 186 -5.07 -49.97 -2.29
N GLU B 187 -5.29 -50.34 -1.03
CA GLU B 187 -4.93 -51.68 -0.53
C GLU B 187 -6.13 -52.62 -0.43
N ASP B 191 -6.85 -46.10 -0.61
CA ASP B 191 -6.22 -45.12 -1.48
C ASP B 191 -5.21 -44.25 -0.76
N GLU B 192 -3.93 -44.48 -1.08
CA GLU B 192 -2.82 -43.67 -0.58
C GLU B 192 -1.97 -43.23 -1.77
N ILE B 193 -1.38 -42.05 -1.67
CA ILE B 193 -0.51 -41.53 -2.72
C ILE B 193 0.87 -42.20 -2.65
N ARG B 194 1.33 -42.74 -3.77
CA ARG B 194 2.66 -43.35 -3.85
C ARG B 194 3.50 -42.64 -4.90
N GLY B 195 4.82 -42.79 -4.80
CA GLY B 195 5.75 -42.26 -5.79
C GLY B 195 6.25 -43.32 -6.75
N PHE B 196 6.39 -42.93 -8.02
CA PHE B 196 6.78 -43.84 -9.10
C PHE B 196 7.91 -43.26 -9.95
N ILE B 197 8.82 -44.13 -10.39
CA ILE B 197 9.89 -43.71 -11.29
C ILE B 197 9.65 -44.28 -12.68
N LEU B 198 9.73 -43.43 -13.69
CA LEU B 198 9.55 -43.82 -15.09
C LEU B 198 10.72 -43.32 -15.93
N GLU B 199 10.87 -43.90 -17.13
CA GLU B 199 12.01 -43.59 -17.98
C GLU B 199 11.58 -43.34 -19.43
N LYS B 200 12.25 -42.39 -20.09
CA LYS B 200 11.94 -42.03 -21.47
C LYS B 200 12.02 -43.27 -22.38
N GLY B 201 10.97 -43.48 -23.17
CA GLY B 201 10.86 -44.68 -24.02
C GLY B 201 9.74 -45.60 -23.56
N CYS B 202 9.48 -45.56 -22.25
CA CYS B 202 8.36 -46.26 -21.61
C CYS B 202 7.06 -46.13 -22.40
N LYS B 203 6.40 -47.26 -22.67
CA LYS B 203 5.17 -47.30 -23.46
C LYS B 203 3.96 -46.83 -22.64
N GLY B 204 3.16 -45.96 -23.22
CA GLY B 204 2.04 -45.34 -22.51
C GLY B 204 2.42 -44.01 -21.88
N LEU B 205 3.72 -43.76 -21.76
CA LEU B 205 4.25 -42.50 -21.28
C LEU B 205 4.58 -41.57 -22.45
N SER B 206 4.11 -40.32 -22.36
CA SER B 206 4.43 -39.27 -23.33
C SER B 206 4.52 -37.91 -22.64
N ALA B 207 5.31 -37.01 -23.22
CA ALA B 207 5.54 -35.71 -22.60
C ALA B 207 5.64 -34.55 -23.61
N PRO B 208 4.49 -34.14 -24.19
CA PRO B 208 4.50 -33.05 -25.18
C PRO B 208 4.74 -31.66 -24.55
N ALA B 209 5.46 -30.80 -25.27
CA ALA B 209 5.80 -29.46 -24.79
C ALA B 209 4.61 -28.49 -24.70
N ILE B 210 4.82 -27.39 -23.97
CA ILE B 210 3.85 -26.31 -23.83
C ILE B 210 4.55 -25.03 -24.27
N HIS B 211 4.01 -24.39 -25.31
CA HIS B 211 4.57 -23.16 -25.84
C HIS B 211 3.71 -21.92 -25.57
N GLY B 212 4.30 -20.75 -25.81
CA GLY B 212 3.61 -19.48 -25.66
C GLY B 212 3.36 -19.08 -24.22
N LYS B 213 4.36 -19.29 -23.36
CA LYS B 213 4.30 -18.85 -21.96
C LYS B 213 4.58 -17.36 -21.84
N VAL B 214 4.08 -16.75 -20.77
CA VAL B 214 4.33 -15.33 -20.49
C VAL B 214 5.63 -15.20 -19.69
N GLY B 215 5.68 -15.84 -18.53
CA GLY B 215 6.90 -15.91 -17.75
C GLY B 215 7.52 -17.30 -17.76
N LEU B 216 8.71 -17.39 -17.18
CA LEU B 216 9.52 -18.62 -17.15
C LEU B 216 9.78 -19.20 -18.55
N ARG B 217 9.88 -18.31 -19.54
CA ARG B 217 10.11 -18.72 -20.93
C ARG B 217 11.45 -19.43 -21.14
N ALA B 218 12.43 -19.15 -20.26
CA ALA B 218 13.75 -19.76 -20.39
C ALA B 218 13.79 -21.23 -19.96
N SER B 219 12.82 -21.66 -19.17
CA SER B 219 12.67 -23.08 -18.86
C SER B 219 11.74 -23.75 -19.86
N ILE B 220 11.98 -25.04 -20.12
CA ILE B 220 11.07 -25.85 -20.92
C ILE B 220 10.07 -26.57 -20.00
N THR B 221 8.82 -26.57 -20.42
CA THR B 221 7.71 -27.13 -19.64
C THR B 221 6.82 -27.93 -20.59
N GLY B 222 6.21 -28.99 -20.06
CA GLY B 222 5.28 -29.81 -20.82
C GLY B 222 4.34 -30.55 -19.90
N GLU B 223 3.67 -31.55 -20.44
CA GLU B 223 2.82 -32.42 -19.63
C GLU B 223 3.41 -33.81 -19.45
N ILE B 224 2.78 -34.61 -18.59
CA ILE B 224 3.08 -36.03 -18.49
C ILE B 224 1.77 -36.76 -18.77
N VAL B 225 1.66 -37.38 -19.95
CA VAL B 225 0.49 -38.15 -20.30
C VAL B 225 0.76 -39.65 -20.07
N LEU B 226 0.05 -40.21 -19.08
CA LEU B 226 0.14 -41.62 -18.75
C LEU B 226 -1.10 -42.38 -19.21
N ASP B 227 -0.91 -43.16 -20.27
CA ASP B 227 -1.96 -44.00 -20.83
C ASP B 227 -1.62 -45.47 -20.57
N GLU B 228 -1.98 -45.94 -19.37
CA GLU B 228 -1.61 -47.27 -18.89
C GLU B 228 -0.12 -47.57 -19.16
N ALA B 229 0.73 -46.80 -18.50
CA ALA B 229 2.18 -46.98 -18.58
C ALA B 229 2.63 -48.02 -17.56
N PHE B 230 3.39 -49.00 -18.01
CA PHE B 230 3.84 -50.10 -17.15
C PHE B 230 5.02 -49.69 -16.28
N VAL B 231 4.90 -49.97 -14.99
CA VAL B 231 5.92 -49.60 -14.00
C VAL B 231 6.30 -50.81 -13.13
N PRO B 232 7.49 -51.40 -13.37
CA PRO B 232 8.02 -52.47 -12.51
C PRO B 232 7.99 -52.16 -11.01
N GLU B 233 7.82 -53.19 -10.19
CA GLU B 233 7.78 -53.02 -8.72
C GLU B 233 9.10 -52.51 -8.14
N GLU B 234 10.17 -52.61 -8.92
CA GLU B 234 11.46 -52.06 -8.53
C GLU B 234 11.55 -50.56 -8.84
N ASN B 235 10.40 -49.97 -9.18
CA ASN B 235 10.29 -48.55 -9.51
C ASN B 235 9.39 -47.73 -8.57
N ILE B 236 8.57 -48.39 -7.76
CA ILE B 236 7.80 -47.71 -6.72
C ILE B 236 8.69 -47.35 -5.53
N LEU B 237 8.38 -46.23 -4.87
CA LEU B 237 9.11 -45.79 -3.70
C LEU B 237 8.54 -46.49 -2.45
N PRO B 238 9.36 -47.34 -1.80
CA PRO B 238 8.89 -48.18 -0.69
C PRO B 238 8.64 -47.40 0.61
N HIS B 239 9.53 -46.46 0.92
CA HIS B 239 9.51 -45.81 2.23
C HIS B 239 8.71 -44.50 2.26
N VAL B 240 7.70 -44.43 1.38
CA VAL B 240 6.78 -43.29 1.35
C VAL B 240 5.37 -43.67 0.91
N LYS B 241 4.39 -43.18 1.67
CA LYS B 241 2.98 -43.26 1.28
C LYS B 241 2.18 -42.07 1.81
N GLY B 242 1.23 -41.60 1.00
CA GLY B 242 0.36 -40.50 1.40
C GLY B 242 0.85 -39.10 1.03
N LEU B 243 0.57 -38.15 1.92
CA LEU B 243 0.73 -36.73 1.64
C LEU B 243 2.19 -36.27 1.79
N ARG B 244 2.87 -36.82 2.80
CA ARG B 244 4.24 -36.46 3.13
C ARG B 244 5.25 -36.70 2.00
N GLY B 245 4.84 -37.45 0.98
CA GLY B 245 5.66 -37.66 -0.21
C GLY B 245 5.88 -36.39 -1.02
N PRO B 246 4.85 -35.98 -1.80
CA PRO B 246 4.94 -34.72 -2.55
C PRO B 246 5.40 -33.57 -1.66
N PHE B 247 4.86 -33.51 -0.45
CA PHE B 247 5.11 -32.42 0.47
C PHE B 247 6.59 -32.24 0.84
N THR B 248 7.30 -33.35 1.08
CA THR B 248 8.73 -33.30 1.39
C THR B 248 9.51 -32.64 0.25
N CYS B 249 9.12 -32.96 -0.98
CA CYS B 249 9.72 -32.39 -2.18
C CYS B 249 9.43 -30.91 -2.30
N LEU B 250 8.15 -30.56 -2.20
CA LEU B 250 7.68 -29.19 -2.28
C LEU B 250 8.33 -28.31 -1.23
N ASN B 251 8.40 -28.80 0.00
CA ASN B 251 9.07 -28.11 1.08
C ASN B 251 10.55 -27.83 0.79
N SER B 252 11.19 -28.81 0.15
CA SER B 252 12.57 -28.63 -0.33
C SER B 252 12.69 -27.56 -1.42
N ALA B 253 11.80 -27.60 -2.41
CA ALA B 253 11.83 -26.63 -3.50
C ALA B 253 11.50 -25.23 -2.97
N ARG B 254 10.43 -25.13 -2.18
CA ARG B 254 10.03 -23.86 -1.56
C ARG B 254 11.20 -23.19 -0.86
N TYR B 255 11.99 -23.99 -0.12
CA TYR B 255 13.19 -23.48 0.55
C TYR B 255 14.18 -22.86 -0.45
N GLY B 256 14.38 -23.51 -1.59
CA GLY B 256 15.30 -23.01 -2.60
C GLY B 256 14.79 -21.75 -3.27
N ILE B 257 13.49 -21.72 -3.57
CA ILE B 257 12.82 -20.55 -4.17
C ILE B 257 12.91 -19.31 -3.24
N ALA B 258 12.83 -19.53 -1.94
CA ALA B 258 12.96 -18.45 -0.96
C ALA B 258 14.29 -17.72 -1.02
N TRP B 259 15.36 -18.48 -1.28
CA TRP B 259 16.68 -17.91 -1.56
C TRP B 259 16.74 -17.31 -2.96
N GLY B 260 16.17 -18.02 -3.93
CA GLY B 260 16.22 -17.59 -5.32
C GLY B 260 15.54 -16.27 -5.61
N ALA B 261 14.28 -16.13 -5.15
CA ALA B 261 13.51 -14.90 -5.38
C ALA B 261 14.32 -13.70 -4.95
N LEU B 262 15.12 -13.88 -3.90
CA LEU B 262 15.96 -12.80 -3.39
C LEU B 262 17.11 -12.42 -4.36
N GLY B 263 17.63 -13.41 -5.09
CA GLY B 263 18.64 -13.13 -6.13
C GLY B 263 18.08 -12.27 -7.24
N ALA B 264 16.90 -12.65 -7.74
CA ALA B 264 16.17 -11.88 -8.75
C ALA B 264 15.86 -10.49 -8.21
N ALA B 265 15.39 -10.42 -6.97
CA ALA B 265 15.15 -9.14 -6.34
C ALA B 265 16.41 -8.28 -6.39
N GLU B 266 17.56 -8.90 -6.11
CA GLU B 266 18.85 -8.20 -6.07
C GLU B 266 19.29 -7.65 -7.42
N SER B 267 19.11 -8.43 -8.49
CA SER B 267 19.36 -7.93 -9.85
C SER B 267 18.58 -6.66 -10.10
N CYS B 268 17.28 -6.69 -9.79
CA CYS B 268 16.36 -5.56 -10.07
C CYS B 268 16.77 -4.32 -9.30
N TRP B 269 17.05 -4.48 -8.01
CA TRP B 269 17.60 -3.44 -7.17
C TRP B 269 18.90 -2.83 -7.73
N HIS B 270 19.84 -3.69 -8.09
CA HIS B 270 21.15 -3.27 -8.62
C HIS B 270 21.00 -2.56 -9.95
N ILE B 271 20.20 -3.14 -10.85
CA ILE B 271 19.88 -2.45 -12.11
C ILE B 271 19.25 -1.08 -11.84
N ALA B 272 18.22 -1.04 -10.99
CA ALA B 272 17.54 0.21 -10.67
C ALA B 272 18.48 1.25 -10.05
N ARG B 273 19.31 0.84 -9.08
CA ARG B 273 20.29 1.74 -8.48
C ARG B 273 21.26 2.33 -9.53
N GLN B 274 21.81 1.48 -10.39
CA GLN B 274 22.72 1.91 -11.44
C GLN B 274 22.05 2.90 -12.40
N TYR B 275 20.81 2.61 -12.77
CA TYR B 275 20.01 3.47 -13.65
C TYR B 275 19.91 4.91 -13.15
N VAL B 276 19.60 5.06 -11.86
CA VAL B 276 19.40 6.39 -11.29
C VAL B 276 20.73 7.14 -11.07
N LEU B 277 21.81 6.37 -10.98
CA LEU B 277 23.17 6.91 -10.89
C LEU B 277 23.64 7.46 -12.21
N ASP B 278 23.32 6.76 -13.30
CA ASP B 278 23.72 7.13 -14.65
C ASP B 278 22.98 8.34 -15.25
N ARG B 279 22.05 8.91 -14.47
CA ARG B 279 21.32 10.13 -14.87
C ARG B 279 20.59 10.76 -13.69
N LEU B 286 19.02 11.91 -11.14
CA LEU B 286 17.94 11.02 -10.69
C LEU B 286 18.14 10.54 -9.26
N ALA B 287 19.39 10.25 -8.89
CA ALA B 287 19.72 9.71 -7.56
C ALA B 287 19.57 10.75 -6.46
N ALA B 288 19.39 12.01 -6.86
CA ALA B 288 19.14 13.12 -5.94
C ALA B 288 17.66 13.21 -5.54
N ASN B 289 16.81 12.47 -6.26
CA ASN B 289 15.37 12.46 -6.03
C ASN B 289 15.02 11.69 -4.76
N GLN B 290 14.28 12.33 -3.86
CA GLN B 290 13.92 11.75 -2.57
C GLN B 290 12.89 10.62 -2.63
N LEU B 291 12.00 10.66 -3.62
CA LEU B 291 11.07 9.56 -3.94
C LEU B 291 11.86 8.31 -4.32
N ILE B 292 12.80 8.47 -5.23
CA ILE B 292 13.74 7.44 -5.66
C ILE B 292 14.50 6.82 -4.48
N GLN B 293 15.01 7.68 -3.60
CA GLN B 293 15.81 7.25 -2.46
C GLN B 293 15.03 6.39 -1.50
N LYS B 294 13.80 6.82 -1.21
CA LYS B 294 12.87 6.04 -0.41
C LYS B 294 12.68 4.64 -1.03
N LYS B 295 12.50 4.60 -2.36
CA LYS B 295 12.29 3.35 -3.11
C LYS B 295 13.52 2.42 -3.06
N LEU B 296 14.71 3.00 -3.25
CA LEU B 296 15.95 2.24 -3.15
C LEU B 296 16.21 1.74 -1.74
N ALA B 297 15.80 2.52 -0.73
CA ALA B 297 15.93 2.14 0.67
C ALA B 297 15.01 0.97 1.03
N ASP B 298 13.77 1.02 0.53
CA ASP B 298 12.81 -0.08 0.68
C ASP B 298 13.33 -1.39 0.09
N MET B 299 13.89 -1.32 -1.12
CA MET B 299 14.53 -2.49 -1.77
C MET B 299 15.67 -3.04 -0.92
N GLN B 300 16.59 -2.15 -0.54
CA GLN B 300 17.72 -2.47 0.35
C GLN B 300 17.27 -3.16 1.64
N THR B 301 16.33 -2.54 2.34
CA THR B 301 15.75 -3.08 3.59
C THR B 301 15.12 -4.47 3.46
N GLU B 302 14.17 -4.63 2.55
CA GLU B 302 13.46 -5.92 2.39
C GLU B 302 14.35 -7.08 1.93
N ILE B 303 15.32 -6.79 1.06
CA ILE B 303 16.29 -7.80 0.65
C ILE B 303 17.19 -8.18 1.82
N THR B 304 17.74 -7.17 2.50
CA THR B 304 18.63 -7.36 3.64
C THR B 304 17.97 -8.20 4.73
N LEU B 305 16.72 -7.86 5.05
CA LEU B 305 15.97 -8.60 6.04
C LEU B 305 15.56 -10.00 5.55
N GLY B 306 15.10 -10.09 4.31
CA GLY B 306 14.82 -11.38 3.67
C GLY B 306 15.96 -12.40 3.74
N LEU B 307 17.20 -11.90 3.60
CA LEU B 307 18.40 -12.76 3.60
C LEU B 307 18.71 -13.30 5.00
N GLN B 308 18.61 -12.45 6.01
CA GLN B 308 18.74 -12.89 7.40
C GLN B 308 17.78 -14.03 7.70
N GLY B 309 16.57 -13.95 7.17
CA GLY B 309 15.54 -14.94 7.39
C GLY B 309 15.87 -16.29 6.76
N VAL B 310 16.21 -16.28 5.47
CA VAL B 310 16.55 -17.52 4.75
C VAL B 310 17.85 -18.16 5.27
N LEU B 311 18.82 -17.34 5.65
CA LEU B 311 20.06 -17.83 6.26
C LEU B 311 19.75 -18.56 7.56
N ARG B 312 18.98 -17.91 8.43
CA ARG B 312 18.60 -18.48 9.72
C ARG B 312 17.80 -19.75 9.53
N LEU B 313 16.91 -19.77 8.55
CA LEU B 313 16.15 -20.96 8.23
C LEU B 313 17.11 -22.07 7.82
N GLY B 314 18.13 -21.71 7.02
CA GLY B 314 19.13 -22.67 6.55
C GLY B 314 19.91 -23.30 7.69
N ARG B 315 20.44 -22.47 8.57
CA ARG B 315 21.20 -22.91 9.74
C ARG B 315 20.39 -23.87 10.61
N MET B 316 19.13 -23.52 10.82
CA MET B 316 18.18 -24.32 11.56
C MET B 316 17.87 -25.65 10.88
N LYS B 317 17.71 -25.63 9.56
CA LYS B 317 17.48 -26.84 8.79
C LYS B 317 18.65 -27.84 8.94
N ASP B 318 19.87 -27.30 9.02
CA ASP B 318 21.10 -28.08 9.18
C ASP B 318 21.33 -28.54 10.63
N GLU B 319 20.63 -27.92 11.58
CA GLU B 319 20.72 -28.32 13.00
C GLU B 319 19.54 -29.20 13.42
N GLY B 320 18.59 -29.39 12.50
CA GLY B 320 17.36 -30.13 12.76
C GLY B 320 16.32 -29.40 13.61
N THR B 321 16.57 -28.12 13.89
CA THR B 321 15.68 -27.34 14.74
C THR B 321 14.58 -26.58 13.96
N ALA B 322 14.51 -26.82 12.65
CA ALA B 322 13.59 -26.10 11.78
C ALA B 322 12.30 -26.86 11.50
N ALA B 323 11.18 -26.29 11.98
CA ALA B 323 9.89 -26.86 11.64
C ALA B 323 9.46 -26.41 10.24
N VAL B 324 8.63 -27.22 9.61
CA VAL B 324 8.15 -26.98 8.25
C VAL B 324 7.37 -25.65 8.00
N GLU B 325 6.60 -25.20 8.99
CA GLU B 325 5.86 -23.93 8.87
C GLU B 325 6.79 -22.74 8.57
N ILE B 326 8.03 -22.79 9.07
CA ILE B 326 9.02 -21.74 8.82
C ILE B 326 9.32 -21.52 7.31
N THR B 327 9.29 -22.61 6.53
CA THR B 327 9.46 -22.51 5.08
C THR B 327 8.34 -21.68 4.44
N SER B 328 7.16 -21.71 5.05
CA SER B 328 6.01 -20.90 4.59
C SER B 328 6.26 -19.40 4.80
N ILE B 329 6.91 -19.04 5.90
CA ILE B 329 7.23 -17.65 6.16
C ILE B 329 8.17 -17.10 5.10
N MET B 330 9.27 -17.83 4.87
CA MET B 330 10.38 -17.35 4.06
C MET B 330 10.07 -17.38 2.58
N LYS B 331 9.38 -18.41 2.15
CA LYS B 331 8.97 -18.53 0.77
C LYS B 331 7.95 -17.45 0.37
N ARG B 332 6.90 -17.32 1.18
CA ARG B 332 5.89 -16.27 0.99
C ARG B 332 6.53 -14.86 0.97
N ASN B 333 7.41 -14.61 1.92
CA ASN B 333 8.05 -13.31 2.03
C ASN B 333 8.99 -12.99 0.85
N SER B 334 9.83 -13.96 0.48
CA SER B 334 10.81 -13.74 -0.58
C SER B 334 10.12 -13.48 -1.90
N CYS B 335 9.15 -14.34 -2.22
CA CYS B 335 8.41 -14.20 -3.45
C CYS B 335 7.62 -12.93 -3.52
N GLY B 336 6.87 -12.63 -2.45
CA GLY B 336 6.04 -11.44 -2.40
C GLY B 336 6.90 -10.19 -2.46
N LYS B 337 7.95 -10.14 -1.64
CA LYS B 337 8.84 -8.98 -1.65
C LYS B 337 9.61 -8.83 -2.96
N ALA B 338 9.98 -9.94 -3.59
CA ALA B 338 10.74 -9.89 -4.84
C ALA B 338 9.90 -9.29 -5.95
N LEU B 339 8.64 -9.73 -6.01
CA LEU B 339 7.66 -9.16 -6.91
C LEU B 339 7.44 -7.67 -6.65
N ASP B 340 7.32 -7.27 -5.39
CA ASP B 340 7.20 -5.84 -5.06
C ASP B 340 8.42 -5.07 -5.58
N ILE B 341 9.61 -5.62 -5.35
CA ILE B 341 10.87 -4.96 -5.73
C ILE B 341 11.04 -4.90 -7.24
N ALA B 342 10.63 -5.95 -7.95
CA ALA B 342 10.67 -5.95 -9.41
C ALA B 342 9.75 -4.89 -10.02
N ARG B 343 8.57 -4.71 -9.41
CA ARG B 343 7.61 -3.68 -9.83
C ARG B 343 8.07 -2.28 -9.48
N LEU B 344 8.74 -2.14 -8.33
CA LEU B 344 9.32 -0.86 -7.93
C LEU B 344 10.42 -0.46 -8.92
N ALA B 345 11.28 -1.43 -9.25
CA ALA B 345 12.38 -1.20 -10.20
C ALA B 345 11.87 -0.85 -11.60
N ARG B 346 10.88 -1.59 -12.08
CA ARG B 346 10.25 -1.35 -13.40
C ARG B 346 9.69 0.08 -13.53
N ASP B 347 8.96 0.49 -12.50
CA ASP B 347 8.34 1.81 -12.51
C ASP B 347 9.37 2.94 -12.44
N MET B 348 10.63 2.61 -12.15
CA MET B 348 11.74 3.59 -12.15
C MET B 348 12.44 3.70 -13.51
N LEU B 349 12.29 2.68 -14.35
CA LEU B 349 12.99 2.65 -15.63
C LEU B 349 12.34 3.52 -16.71
N GLY B 350 13.04 3.72 -17.83
CA GLY B 350 12.54 4.60 -18.88
C GLY B 350 12.47 3.95 -20.26
N GLY B 359 16.08 -6.37 -18.65
CA GLY B 359 16.41 -7.39 -17.66
C GLY B 359 15.37 -7.37 -16.56
N VAL B 360 15.10 -6.18 -16.03
CA VAL B 360 14.08 -5.98 -15.00
C VAL B 360 12.72 -6.50 -15.46
N ALA B 361 12.33 -6.14 -16.69
CA ALA B 361 11.05 -6.55 -17.26
C ALA B 361 10.92 -8.07 -17.33
N ARG B 362 12.03 -8.76 -17.62
CA ARG B 362 12.05 -10.24 -17.68
C ARG B 362 11.93 -10.86 -16.29
N HIS B 363 12.66 -10.32 -15.32
CA HIS B 363 12.54 -10.78 -13.93
C HIS B 363 11.12 -10.58 -13.43
N LEU B 364 10.51 -9.46 -13.84
CA LEU B 364 9.14 -9.10 -13.45
C LEU B 364 8.11 -10.11 -13.93
N VAL B 365 8.07 -10.41 -15.23
CA VAL B 365 7.13 -11.43 -15.71
C VAL B 365 7.41 -12.80 -15.11
N ASN B 366 8.69 -13.12 -14.88
CA ASN B 366 9.09 -14.36 -14.17
C ASN B 366 8.48 -14.43 -12.76
N LEU B 367 8.74 -13.39 -11.98
CA LEU B 367 8.24 -13.31 -10.60
C LEU B 367 6.72 -13.28 -10.53
N GLU B 368 6.06 -12.71 -11.53
CA GLU B 368 4.61 -12.76 -11.63
C GLU B 368 4.08 -14.18 -11.72
N VAL B 369 4.77 -15.04 -12.48
CA VAL B 369 4.42 -16.46 -12.54
C VAL B 369 4.72 -17.17 -11.20
N VAL B 370 5.91 -16.91 -10.66
CA VAL B 370 6.44 -17.59 -9.47
C VAL B 370 5.57 -17.37 -8.22
N ASN B 371 5.06 -16.14 -8.09
CA ASN B 371 4.20 -15.77 -6.98
C ASN B 371 2.85 -16.44 -7.00
N THR B 372 2.39 -16.82 -8.19
CA THR B 372 1.09 -17.45 -8.35
C THR B 372 1.15 -18.95 -8.69
N TYR B 373 2.34 -19.53 -8.75
CA TYR B 373 2.46 -20.95 -9.11
C TYR B 373 1.77 -21.86 -8.10
N GLU B 374 1.82 -21.49 -6.83
CA GLU B 374 1.22 -22.30 -5.76
C GLU B 374 -0.24 -21.89 -5.49
N GLY B 375 -0.78 -21.06 -6.37
CA GLY B 375 -2.18 -20.65 -6.32
C GLY B 375 -2.34 -19.16 -6.08
N THR B 376 -3.58 -18.72 -5.94
CA THR B 376 -3.88 -17.31 -5.72
C THR B 376 -4.65 -17.13 -4.41
N HIS B 377 -4.70 -18.18 -3.60
CA HIS B 377 -5.42 -18.12 -2.34
C HIS B 377 -4.48 -17.94 -1.14
N ASP B 378 -3.21 -17.65 -1.41
CA ASP B 378 -2.21 -17.42 -0.37
C ASP B 378 -2.08 -18.63 0.56
N ILE B 379 -1.75 -19.78 -0.02
CA ILE B 379 -1.56 -21.03 0.73
C ILE B 379 -0.71 -20.89 2.01
N HIS B 380 0.37 -20.12 1.95
CA HIS B 380 1.29 -20.04 3.08
C HIS B 380 0.81 -19.14 4.22
N ALA B 381 0.01 -18.12 3.89
CA ALA B 381 -0.70 -17.34 4.91
C ALA B 381 -1.68 -18.24 5.67
N LEU B 382 -2.39 -19.10 4.93
CA LEU B 382 -3.36 -20.01 5.53
C LEU B 382 -2.68 -21.10 6.37
N ILE B 383 -1.54 -21.61 5.89
CA ILE B 383 -0.72 -22.54 6.70
C ILE B 383 -0.30 -21.87 8.00
N LEU B 384 0.19 -20.63 7.90
CA LEU B 384 0.68 -19.89 9.08
C LEU B 384 -0.43 -19.43 10.02
N GLY B 385 -1.57 -19.02 9.44
CA GLY B 385 -2.76 -18.65 10.20
C GLY B 385 -3.23 -19.79 11.07
N ARG B 386 -3.25 -21.00 10.50
CA ARG B 386 -3.61 -22.21 11.25
C ARG B 386 -2.61 -22.54 12.35
N ALA B 387 -1.32 -22.44 12.07
CA ALA B 387 -0.27 -22.71 13.07
C ALA B 387 -0.36 -21.77 14.29
N GLN B 388 -0.72 -20.52 14.03
CA GLN B 388 -0.93 -19.54 15.09
C GLN B 388 -2.20 -19.80 15.90
N THR B 389 -3.27 -20.22 15.23
CA THR B 389 -4.62 -20.24 15.83
C THR B 389 -5.21 -21.64 16.09
N GLY B 390 -4.74 -22.65 15.37
CA GLY B 390 -5.26 -24.02 15.50
C GLY B 390 -6.57 -24.21 14.78
N ILE B 391 -6.92 -23.26 13.94
CA ILE B 391 -8.17 -23.28 13.19
C ILE B 391 -7.91 -23.13 11.70
N GLN B 392 -8.51 -24.01 10.91
CA GLN B 392 -8.37 -24.03 9.47
C GLN B 392 -9.28 -22.98 8.82
N ALA B 393 -8.77 -22.31 7.78
CA ALA B 393 -9.55 -21.31 7.05
C ALA B 393 -10.56 -21.97 6.13
N ALA C 4 -7.37 30.76 -17.99
CA ALA C 4 -7.95 30.00 -16.84
C ALA C 4 -6.90 29.76 -15.76
N THR C 5 -7.31 29.95 -14.51
CA THR C 5 -6.40 29.84 -13.37
C THR C 5 -6.67 28.54 -12.59
N PHE C 6 -5.65 28.06 -11.87
CA PHE C 6 -5.74 26.84 -11.09
C PHE C 6 -6.10 27.13 -9.64
N HIS C 7 -7.11 26.42 -9.14
CA HIS C 7 -7.47 26.42 -7.71
C HIS C 7 -6.98 25.11 -7.10
N TRP C 8 -5.86 25.15 -6.38
CA TRP C 8 -5.30 23.97 -5.75
C TRP C 8 -6.30 23.36 -4.74
N ASP C 9 -7.10 24.22 -4.11
CA ASP C 9 -8.03 23.79 -3.08
C ASP C 9 -9.35 23.30 -3.63
N ASP C 10 -9.58 23.56 -4.92
CA ASP C 10 -10.79 23.14 -5.62
C ASP C 10 -10.54 22.92 -7.13
N PRO C 11 -9.65 21.95 -7.49
CA PRO C 11 -9.15 21.84 -8.86
C PRO C 11 -10.21 21.70 -9.94
N LEU C 12 -11.30 21.01 -9.63
CA LEU C 12 -12.40 20.78 -10.58
C LEU C 12 -13.56 21.77 -10.41
N LEU C 13 -13.33 22.80 -9.58
CA LEU C 13 -14.30 23.88 -9.38
C LEU C 13 -15.68 23.35 -9.00
N LEU C 14 -15.71 22.50 -7.97
CA LEU C 14 -16.96 22.06 -7.37
C LEU C 14 -17.86 23.27 -7.11
N ASP C 15 -17.26 24.34 -6.62
CA ASP C 15 -18.00 25.52 -6.23
C ASP C 15 -18.88 26.03 -7.39
N GLN C 16 -18.36 25.96 -8.63
CA GLN C 16 -19.11 26.33 -9.83
C GLN C 16 -20.07 25.26 -10.36
N GLN C 17 -19.92 24.01 -9.91
CA GLN C 17 -20.89 22.95 -10.21
C GLN C 17 -22.12 22.99 -9.30
N LEU C 18 -22.11 23.86 -8.29
CA LEU C 18 -23.24 24.02 -7.39
C LEU C 18 -24.12 25.22 -7.79
N ALA C 19 -25.42 25.10 -7.56
CA ALA C 19 -26.35 26.23 -7.66
C ALA C 19 -26.07 27.19 -6.52
N ASP C 20 -26.30 28.48 -6.76
CA ASP C 20 -26.09 29.50 -5.73
C ASP C 20 -26.81 29.17 -4.42
N ASP C 21 -28.00 28.61 -4.57
CA ASP C 21 -28.78 27.90 -3.55
C ASP C 21 -27.93 27.07 -2.58
N GLU C 22 -27.23 26.11 -3.18
CA GLU C 22 -26.46 25.11 -2.48
C GLU C 22 -25.22 25.74 -1.86
N ARG C 23 -24.65 26.73 -2.53
CA ARG C 23 -23.54 27.50 -1.98
C ARG C 23 -23.90 28.22 -0.70
N MET C 24 -25.08 28.84 -0.68
CA MET C 24 -25.60 29.55 0.48
C MET C 24 -25.80 28.61 1.65
N VAL C 25 -26.30 27.42 1.34
CA VAL C 25 -26.51 26.40 2.37
C VAL C 25 -25.16 25.96 2.92
N ARG C 26 -24.21 25.70 2.03
CA ARG C 26 -22.87 25.32 2.41
C ARG C 26 -22.27 26.41 3.32
N ASP C 27 -22.40 27.66 2.90
CA ASP C 27 -21.78 28.79 3.62
C ASP C 27 -22.41 29.02 4.97
N ALA C 28 -23.71 28.76 5.06
CA ALA C 28 -24.42 28.84 6.34
C ALA C 28 -23.93 27.73 7.30
N ALA C 29 -23.70 26.53 6.77
CA ALA C 29 -23.22 25.42 7.57
C ALA C 29 -21.78 25.67 8.00
N HIS C 30 -20.96 26.17 7.08
CA HIS C 30 -19.58 26.55 7.38
C HIS C 30 -19.51 27.63 8.49
N ALA C 31 -20.31 28.68 8.36
CA ALA C 31 -20.34 29.76 9.36
C ALA C 31 -20.69 29.20 10.74
N TYR C 32 -21.71 28.35 10.80
CA TYR C 32 -22.12 27.73 12.07
C TYR C 32 -21.03 26.83 12.67
N ALA C 33 -20.48 25.94 11.85
CA ALA C 33 -19.48 24.97 12.31
C ALA C 33 -18.19 25.66 12.75
N GLN C 34 -17.73 26.62 11.96
CA GLN C 34 -16.48 27.33 12.31
C GLN C 34 -16.72 28.29 13.48
N GLY C 35 -17.88 28.93 13.50
CA GLY C 35 -18.17 29.92 14.54
C GLY C 35 -18.46 29.30 15.91
N LYS C 36 -19.26 28.23 15.91
CA LYS C 36 -19.74 27.64 17.16
C LYS C 36 -19.15 26.30 17.57
N LEU C 37 -18.80 25.44 16.60
CA LEU C 37 -18.30 24.10 16.95
C LEU C 37 -16.79 24.05 17.13
N ALA C 38 -16.05 24.78 16.31
CA ALA C 38 -14.58 24.78 16.42
C ALA C 38 -14.02 25.29 17.76
N PRO C 39 -14.61 26.35 18.34
CA PRO C 39 -14.16 26.76 19.69
C PRO C 39 -14.42 25.74 20.80
N ARG C 40 -15.28 24.74 20.54
CA ARG C 40 -15.68 23.76 21.55
C ARG C 40 -14.94 22.44 21.44
N VAL C 41 -14.41 22.16 20.26
CA VAL C 41 -14.14 20.78 19.86
C VAL C 41 -12.99 20.14 20.63
N THR C 42 -11.94 20.91 20.91
CA THR C 42 -10.75 20.35 21.56
C THR C 42 -11.03 19.77 22.94
N GLU C 43 -11.65 20.56 23.80
CA GLU C 43 -11.97 20.07 25.13
C GLU C 43 -13.22 19.21 25.16
N ALA C 44 -14.12 19.38 24.19
CA ALA C 44 -15.25 18.47 24.04
C ALA C 44 -14.75 17.05 23.77
N PHE C 45 -13.73 16.93 22.92
CA PHE C 45 -13.13 15.65 22.60
C PHE C 45 -12.24 15.18 23.75
N ARG C 46 -11.32 16.04 24.18
CA ARG C 46 -10.41 15.67 25.25
C ARG C 46 -11.16 15.13 26.49
N HIS C 47 -12.26 15.77 26.85
CA HIS C 47 -12.98 15.39 28.07
C HIS C 47 -14.33 14.72 27.89
N GLU C 48 -14.64 14.33 26.66
CA GLU C 48 -15.86 13.59 26.34
C GLU C 48 -17.09 14.29 26.92
N THR C 49 -17.23 15.58 26.64
CA THR C 49 -18.37 16.35 27.15
C THR C 49 -19.67 16.01 26.45
N THR C 50 -20.76 16.11 27.21
CA THR C 50 -22.11 16.01 26.71
C THR C 50 -22.58 17.40 26.33
N ASP C 51 -22.89 17.59 25.06
CA ASP C 51 -23.30 18.89 24.58
C ASP C 51 -24.51 18.76 23.67
N ALA C 52 -25.67 18.95 24.26
CA ALA C 52 -26.94 18.75 23.60
C ALA C 52 -27.37 20.02 22.88
N ALA C 53 -26.77 21.14 23.29
CA ALA C 53 -27.13 22.50 22.82
C ALA C 53 -26.99 22.64 21.31
N ILE C 54 -26.33 21.66 20.71
CA ILE C 54 -26.03 21.62 19.30
C ILE C 54 -27.26 21.33 18.44
N PHE C 55 -28.21 20.58 19.00
CA PHE C 55 -29.41 20.24 18.25
C PHE C 55 -30.29 21.47 18.03
N ARG C 56 -30.50 22.25 19.09
CA ARG C 56 -31.21 23.54 18.99
C ARG C 56 -30.54 24.48 17.98
N GLU C 57 -29.22 24.64 18.09
CA GLU C 57 -28.49 25.55 17.21
C GLU C 57 -28.65 25.21 15.73
N MET C 58 -28.50 23.93 15.39
CA MET C 58 -28.61 23.50 14.00
C MET C 58 -30.05 23.53 13.53
N GLY C 59 -30.97 23.09 14.40
CA GLY C 59 -32.41 23.16 14.10
C GLY C 59 -32.86 24.58 13.77
N GLU C 60 -32.42 25.54 14.57
CA GLU C 60 -32.82 26.95 14.40
C GLU C 60 -32.47 27.56 13.05
N ILE C 61 -31.38 27.10 12.44
CA ILE C 61 -30.96 27.62 11.15
C ILE C 61 -31.27 26.64 10.00
N GLY C 62 -32.09 25.64 10.30
CA GLY C 62 -32.62 24.72 9.28
C GLY C 62 -31.62 23.74 8.69
N LEU C 63 -30.83 23.09 9.54
CA LEU C 63 -29.83 22.14 9.05
C LEU C 63 -30.02 20.73 9.62
N LEU C 64 -31.11 20.54 10.38
CA LEU C 64 -31.57 19.21 10.82
C LEU C 64 -32.67 18.70 9.90
N GLY C 65 -32.57 17.42 9.54
CA GLY C 65 -33.47 16.81 8.53
C GLY C 65 -33.60 17.64 7.27
N PRO C 66 -32.48 17.84 6.53
CA PRO C 66 -32.47 18.81 5.43
C PRO C 66 -33.44 18.48 4.32
N THR C 67 -33.67 17.19 4.07
CA THR C 67 -34.55 16.78 2.98
C THR C 67 -36.04 16.72 3.37
N ILE C 68 -36.34 16.88 4.66
CA ILE C 68 -37.71 16.81 5.18
C ILE C 68 -38.48 18.05 4.72
N PRO C 69 -39.66 17.85 4.12
CA PRO C 69 -40.47 18.97 3.63
C PRO C 69 -40.81 20.05 4.68
N GLU C 70 -41.07 21.26 4.20
CA GLU C 70 -41.49 22.40 5.02
C GLU C 70 -42.77 22.11 5.81
N GLN C 71 -43.64 21.31 5.22
CA GLN C 71 -44.87 20.84 5.85
C GLN C 71 -44.60 20.35 7.28
N TYR C 72 -43.49 19.64 7.46
CA TYR C 72 -43.17 19.04 8.75
C TYR C 72 -42.03 19.73 9.52
N GLY C 73 -41.67 20.95 9.10
CA GLY C 73 -40.63 21.73 9.79
C GLY C 73 -39.24 21.65 9.16
N GLY C 74 -39.08 20.80 8.15
CA GLY C 74 -37.78 20.63 7.51
C GLY C 74 -37.50 21.80 6.58
N PRO C 75 -36.23 22.00 6.21
CA PRO C 75 -35.98 23.09 5.26
C PRO C 75 -36.29 22.73 3.81
N GLY C 76 -36.79 21.51 3.58
CA GLY C 76 -37.14 21.05 2.23
C GLY C 76 -36.01 21.18 1.21
N LEU C 77 -34.81 20.75 1.59
CA LEU C 77 -33.67 20.87 0.69
C LEU C 77 -33.46 19.57 -0.10
N ASP C 78 -32.47 19.57 -0.99
CA ASP C 78 -32.14 18.38 -1.76
C ASP C 78 -30.93 17.61 -1.18
N TYR C 79 -30.62 16.46 -1.77
CA TYR C 79 -29.49 15.61 -1.29
C TYR C 79 -28.11 16.24 -1.37
N VAL C 80 -27.87 17.05 -2.38
CA VAL C 80 -26.58 17.76 -2.51
C VAL C 80 -26.39 18.71 -1.32
N SER C 81 -27.43 19.45 -0.95
CA SER C 81 -27.40 20.33 0.24
C SER C 81 -27.15 19.58 1.54
N TYR C 82 -27.88 18.49 1.76
CA TYR C 82 -27.59 17.58 2.88
C TYR C 82 -26.10 17.17 2.90
N GLY C 83 -25.58 16.80 1.73
CA GLY C 83 -24.16 16.45 1.59
C GLY C 83 -23.25 17.59 2.00
N LEU C 84 -23.52 18.78 1.47
CA LEU C 84 -22.75 19.98 1.76
C LEU C 84 -22.76 20.34 3.24
N ILE C 85 -23.89 20.11 3.90
CA ILE C 85 -24.00 20.31 5.35
C ILE C 85 -23.13 19.32 6.16
N ALA C 86 -23.29 18.03 5.89
CA ALA C 86 -22.49 17.00 6.55
C ALA C 86 -21.00 17.29 6.46
N ARG C 87 -20.57 17.71 5.27
CA ARG C 87 -19.16 17.97 5.00
C ARG C 87 -18.61 19.14 5.82
N GLU C 88 -19.41 20.21 5.94
CA GLU C 88 -19.02 21.36 6.76
C GLU C 88 -18.97 21.06 8.26
N VAL C 89 -19.89 20.23 8.75
CA VAL C 89 -19.86 19.80 10.14
C VAL C 89 -18.68 18.87 10.44
N GLU C 90 -18.43 17.89 9.56
CA GLU C 90 -17.35 16.93 9.80
C GLU C 90 -15.96 17.56 9.64
N ARG C 91 -15.89 18.61 8.83
CA ARG C 91 -14.67 19.43 8.68
C ARG C 91 -14.14 19.85 10.05
N VAL C 92 -15.06 20.24 10.92
CA VAL C 92 -14.74 20.43 12.32
C VAL C 92 -14.51 19.07 13.04
N ASP C 93 -15.52 18.20 13.08
CA ASP C 93 -15.41 16.92 13.82
C ASP C 93 -16.46 15.89 13.40
N SER C 94 -16.05 14.63 13.25
CA SER C 94 -16.96 13.53 12.86
C SER C 94 -18.02 13.21 13.91
N GLY C 95 -17.69 13.40 15.18
CA GLY C 95 -18.66 13.25 16.29
C GLY C 95 -19.83 14.22 16.24
N TYR C 96 -19.58 15.47 15.89
CA TYR C 96 -20.68 16.39 15.64
C TYR C 96 -21.47 16.00 14.38
N ARG C 97 -20.80 15.53 13.33
CA ARG C 97 -21.52 15.14 12.11
C ARG C 97 -22.42 13.95 12.44
N SER C 98 -21.85 12.99 13.17
CA SER C 98 -22.57 11.85 13.71
C SER C 98 -23.92 12.21 14.41
N MET C 99 -23.88 13.18 15.31
CA MET C 99 -25.07 13.64 16.01
C MET C 99 -26.14 14.12 15.04
N MET C 100 -25.72 14.84 14.02
CA MET C 100 -26.59 15.39 12.99
C MET C 100 -27.15 14.29 12.05
N SER C 101 -26.30 13.31 11.70
CA SER C 101 -26.68 12.17 10.85
C SER C 101 -27.81 11.36 11.47
N VAL C 102 -27.70 11.13 12.76
CA VAL C 102 -28.69 10.40 13.53
C VAL C 102 -30.05 11.12 13.46
N GLN C 103 -30.05 12.40 13.78
CA GLN C 103 -31.27 13.20 13.82
C GLN C 103 -31.97 13.18 12.47
N SER C 104 -31.19 13.44 11.41
CA SER C 104 -31.71 13.66 10.06
C SER C 104 -32.03 12.35 9.37
N SER C 105 -31.04 11.48 9.26
CA SER C 105 -31.18 10.23 8.51
C SER C 105 -31.77 9.05 9.29
N LEU C 106 -31.53 8.99 10.58
CA LEU C 106 -31.90 7.79 11.35
C LEU C 106 -33.17 7.94 12.17
N VAL C 107 -33.69 9.15 12.25
CA VAL C 107 -34.83 9.45 13.10
C VAL C 107 -35.91 10.14 12.29
N MET C 108 -35.62 11.31 11.74
CA MET C 108 -36.59 12.05 10.91
C MET C 108 -36.99 11.32 9.62
N VAL C 109 -36.02 10.73 8.93
CA VAL C 109 -36.32 9.93 7.73
C VAL C 109 -37.30 8.75 7.95
N PRO C 110 -37.03 7.82 8.88
CA PRO C 110 -38.01 6.70 8.98
C PRO C 110 -39.40 7.17 9.46
N ILE C 111 -39.44 8.18 10.32
CA ILE C 111 -40.72 8.76 10.75
C ILE C 111 -41.45 9.37 9.55
N PHE C 112 -40.74 10.21 8.78
CA PHE C 112 -41.33 10.81 7.58
C PHE C 112 -41.71 9.78 6.53
N GLU C 113 -40.87 8.77 6.34
CA GLU C 113 -41.09 7.79 5.29
C GLU C 113 -42.18 6.75 5.60
N PHE C 114 -42.18 6.26 6.84
CA PHE C 114 -42.97 5.07 7.20
C PHE C 114 -44.04 5.34 8.26
N GLY C 115 -44.03 6.53 8.83
CA GLY C 115 -44.92 6.85 9.94
C GLY C 115 -46.31 7.20 9.45
N SER C 116 -47.26 7.23 10.38
CA SER C 116 -48.62 7.70 10.10
C SER C 116 -48.61 9.23 10.13
N ASP C 117 -49.65 9.84 9.55
CA ASP C 117 -49.86 11.30 9.64
C ASP C 117 -49.69 11.83 11.05
N ALA C 118 -50.33 11.16 12.00
CA ALA C 118 -50.26 11.52 13.42
C ALA C 118 -48.83 11.52 13.97
N GLN C 119 -48.06 10.48 13.64
CA GLN C 119 -46.65 10.38 14.04
C GLN C 119 -45.79 11.46 13.40
N LYS C 120 -46.06 11.76 12.14
CA LYS C 120 -45.30 12.77 11.43
C LYS C 120 -45.52 14.16 12.03
N GLU C 121 -46.77 14.49 12.37
CA GLU C 121 -47.06 15.82 12.93
C GLU C 121 -46.71 15.93 14.39
N LYS C 122 -46.76 14.82 15.12
CA LYS C 122 -46.36 14.84 16.52
C LYS C 122 -44.85 15.03 16.67
N TYR C 123 -44.07 14.30 15.87
CA TYR C 123 -42.63 14.16 16.14
C TYR C 123 -41.72 15.04 15.29
N LEU C 124 -41.98 15.08 14.00
CA LEU C 124 -41.10 15.76 13.04
C LEU C 124 -40.81 17.24 13.34
N PRO C 125 -41.86 18.08 13.56
CA PRO C 125 -41.57 19.50 13.81
C PRO C 125 -40.61 19.76 14.97
N LYS C 126 -40.71 18.97 16.03
CA LYS C 126 -39.83 19.12 17.19
C LYS C 126 -38.45 18.53 16.95
N LEU C 127 -38.34 17.56 16.05
CA LEU C 127 -37.02 17.04 15.66
C LEU C 127 -36.29 18.04 14.76
N ALA C 128 -37.06 18.72 13.91
CA ALA C 128 -36.53 19.72 12.97
C ALA C 128 -35.96 20.96 13.65
N THR C 129 -36.46 21.30 14.85
CA THR C 129 -35.98 22.46 15.59
C THR C 129 -34.89 22.09 16.58
N GLY C 130 -34.76 20.80 16.88
CA GLY C 130 -33.79 20.33 17.86
C GLY C 130 -34.31 20.37 19.29
N GLU C 131 -35.58 20.76 19.43
CA GLU C 131 -36.29 20.70 20.72
C GLU C 131 -36.29 19.26 21.23
N TRP C 132 -36.66 18.33 20.35
CA TRP C 132 -36.50 16.90 20.64
C TRP C 132 -35.29 16.31 19.92
N ILE C 133 -34.54 15.48 20.63
CA ILE C 133 -33.32 14.84 20.14
C ILE C 133 -33.64 13.37 19.89
N GLY C 134 -33.23 12.86 18.73
CA GLY C 134 -33.52 11.49 18.34
C GLY C 134 -32.35 10.54 18.52
N CYS C 135 -32.65 9.25 18.63
CA CYS C 135 -31.64 8.21 18.46
C CYS C 135 -32.28 7.02 17.78
N PHE C 136 -31.47 6.02 17.43
CA PHE C 136 -31.87 4.99 16.50
C PHE C 136 -31.30 3.67 16.99
N GLY C 137 -32.20 2.74 17.31
CA GLY C 137 -31.81 1.44 17.87
C GLY C 137 -31.91 0.32 16.87
N LEU C 138 -30.76 -0.11 16.34
CA LEU C 138 -30.72 -1.24 15.42
C LEU C 138 -29.65 -2.25 15.82
N THR C 139 -28.46 -1.74 16.15
CA THR C 139 -27.33 -2.60 16.43
C THR C 139 -27.31 -3.09 17.87
N GLU C 140 -26.96 -4.36 18.04
CA GLU C 140 -27.06 -5.06 19.32
C GLU C 140 -25.70 -5.57 19.78
N PRO C 141 -25.52 -5.81 21.10
CA PRO C 141 -24.33 -6.39 21.72
C PRO C 141 -23.33 -7.20 20.87
N ASN C 142 -23.79 -7.97 19.87
CA ASN C 142 -22.89 -8.41 18.75
C ASN C 142 -23.27 -9.55 17.82
N HIS C 143 -23.87 -9.16 16.69
CA HIS C 143 -24.15 -10.00 15.52
C HIS C 143 -24.98 -9.14 14.56
N GLY C 144 -24.37 -8.73 13.45
CA GLY C 144 -24.96 -7.73 12.54
C GLY C 144 -25.84 -8.30 11.45
N GLY C 148 -32.31 -8.78 11.04
CA GLY C 148 -32.24 -10.09 10.39
C GLY C 148 -31.84 -11.22 11.35
N SER C 149 -30.69 -11.06 11.98
CA SER C 149 -30.26 -11.96 13.05
C SER C 149 -30.50 -11.30 14.42
N MET C 150 -31.15 -10.14 14.40
CA MET C 150 -31.43 -9.36 15.61
C MET C 150 -32.30 -10.13 16.60
N VAL C 151 -32.06 -9.88 17.89
CA VAL C 151 -32.70 -10.60 18.99
C VAL C 151 -33.71 -9.74 19.79
N THR C 152 -33.65 -8.42 19.61
CA THR C 152 -34.63 -7.51 20.23
C THR C 152 -36.02 -7.84 19.70
N ARG C 153 -36.97 -7.91 20.62
CA ARG C 153 -38.24 -8.57 20.36
C ARG C 153 -39.42 -7.77 20.92
N ALA C 154 -40.46 -7.62 20.11
CA ALA C 154 -41.73 -7.02 20.51
C ALA C 154 -42.83 -8.07 20.71
N ARG C 155 -43.48 -8.02 21.87
CA ARG C 155 -44.60 -8.92 22.15
C ARG C 155 -45.89 -8.16 22.07
N LYS C 156 -46.84 -8.70 21.32
CA LYS C 156 -48.20 -8.18 21.24
C LYS C 156 -48.89 -8.35 22.59
N VAL C 157 -49.27 -7.24 23.20
CA VAL C 157 -49.99 -7.25 24.47
C VAL C 157 -51.24 -6.36 24.34
N PRO C 158 -52.17 -6.45 25.32
CA PRO C 158 -53.26 -5.46 25.36
C PRO C 158 -52.75 -4.01 25.28
N GLY C 159 -53.32 -3.24 24.35
CA GLY C 159 -52.96 -1.83 24.17
C GLY C 159 -51.89 -1.54 23.13
N GLY C 160 -51.00 -2.51 22.88
CA GLY C 160 -49.90 -2.33 21.95
C GLY C 160 -48.83 -3.40 21.98
N TYR C 161 -47.64 -3.03 22.44
CA TYR C 161 -46.47 -3.91 22.34
C TYR C 161 -45.58 -3.79 23.57
N SER C 162 -44.90 -4.88 23.91
CA SER C 162 -43.95 -4.88 25.02
C SER C 162 -42.59 -5.23 24.45
N LEU C 163 -41.60 -4.38 24.72
CA LEU C 163 -40.30 -4.52 24.07
C LEU C 163 -39.20 -4.92 25.02
N SER C 164 -38.42 -5.92 24.60
CA SER C 164 -37.29 -6.42 25.38
C SER C 164 -36.09 -6.69 24.48
N GLY C 165 -34.94 -6.22 24.92
CA GLY C 165 -33.71 -6.41 24.19
C GLY C 165 -32.75 -5.30 24.56
N SER C 166 -31.58 -5.29 23.92
CA SER C 166 -30.62 -4.26 24.18
C SER C 166 -29.92 -3.80 22.90
N LYS C 167 -29.88 -2.49 22.71
CA LYS C 167 -29.17 -1.90 21.58
C LYS C 167 -27.93 -1.24 22.13
N MET C 168 -26.84 -1.33 21.38
CA MET C 168 -25.54 -0.89 21.84
C MET C 168 -24.92 0.07 20.83
N TRP C 169 -24.05 0.96 21.34
CA TRP C 169 -23.35 1.96 20.51
C TRP C 169 -24.28 2.95 19.80
N ILE C 170 -25.25 3.46 20.55
CA ILE C 170 -26.31 4.32 20.03
C ILE C 170 -25.94 5.78 20.37
N THR C 171 -25.47 6.51 19.35
CA THR C 171 -25.18 7.94 19.49
C THR C 171 -26.45 8.76 19.77
N ASN C 172 -26.30 9.69 20.71
CA ASN C 172 -27.38 10.54 21.22
C ASN C 172 -28.24 9.85 22.30
N SER C 173 -28.11 8.53 22.50
CA SER C 173 -29.07 7.82 23.35
C SER C 173 -29.25 8.33 24.80
N PRO C 174 -28.15 8.66 25.52
CA PRO C 174 -28.29 9.25 26.87
C PRO C 174 -29.00 10.62 26.94
N ILE C 175 -29.13 11.34 25.82
CA ILE C 175 -29.82 12.63 25.81
C ILE C 175 -31.06 12.70 24.91
N ALA C 176 -31.48 11.56 24.37
CA ALA C 176 -32.56 11.53 23.39
C ALA C 176 -33.93 11.65 24.03
N ASP C 177 -34.82 12.36 23.35
CA ASP C 177 -36.24 12.45 23.70
C ASP C 177 -37.05 11.43 22.91
N VAL C 178 -36.58 11.09 21.72
CA VAL C 178 -37.32 10.20 20.81
C VAL C 178 -36.40 9.03 20.42
N PHE C 179 -36.95 7.82 20.40
CA PHE C 179 -36.19 6.60 20.15
C PHE C 179 -36.89 5.85 19.03
N VAL C 180 -36.16 5.54 17.95
CA VAL C 180 -36.67 4.69 16.88
C VAL C 180 -35.92 3.35 16.97
N VAL C 181 -36.67 2.31 17.31
CA VAL C 181 -36.10 1.01 17.67
C VAL C 181 -36.66 -0.06 16.73
N TRP C 182 -35.75 -0.93 16.26
CA TRP C 182 -36.13 -2.00 15.33
C TRP C 182 -36.11 -3.31 16.08
N ALA C 183 -37.21 -4.05 15.97
CA ALA C 183 -37.41 -5.26 16.76
C ALA C 183 -38.24 -6.26 15.99
N LYS C 184 -37.96 -7.54 16.22
CA LYS C 184 -38.75 -8.62 15.63
C LYS C 184 -40.11 -8.73 16.31
N LEU C 185 -41.15 -8.75 15.50
CA LEU C 185 -42.49 -9.06 15.95
C LEU C 185 -42.96 -10.32 15.25
N ASP C 186 -43.09 -11.41 16.01
CA ASP C 186 -43.65 -12.64 15.49
C ASP C 186 -45.17 -12.50 15.48
N GLU C 187 -45.70 -12.30 14.28
CA GLU C 187 -47.12 -12.04 14.12
C GLU C 187 -47.71 -13.05 13.16
N ASP C 188 -47.87 -14.29 13.63
CA ASP C 188 -48.74 -15.31 13.03
C ASP C 188 -48.54 -15.61 11.53
N GLY C 189 -47.72 -16.63 11.20
CA GLY C 189 -46.75 -17.22 12.09
C GLY C 189 -45.41 -16.76 11.54
N ARG C 190 -45.33 -15.45 11.27
CA ARG C 190 -44.23 -14.85 10.53
C ARG C 190 -43.47 -13.86 11.42
N ASP C 191 -42.15 -13.98 11.42
CA ASP C 191 -41.30 -13.13 12.26
C ASP C 191 -40.65 -12.00 11.45
N GLU C 192 -41.24 -10.80 11.48
CA GLU C 192 -40.69 -9.64 10.75
C GLU C 192 -40.23 -8.47 11.60
N ILE C 193 -39.27 -7.72 11.05
CA ILE C 193 -38.74 -6.52 11.69
C ILE C 193 -39.74 -5.38 11.54
N ARG C 194 -40.02 -4.71 12.65
CA ARG C 194 -40.91 -3.54 12.67
C ARG C 194 -40.22 -2.38 13.39
N GLY C 195 -40.63 -1.16 13.08
CA GLY C 195 -40.08 0.03 13.74
C GLY C 195 -41.02 0.55 14.79
N PHE C 196 -40.47 0.89 15.96
CA PHE C 196 -41.26 1.42 17.08
C PHE C 196 -40.71 2.74 17.58
N ILE C 197 -41.62 3.68 17.83
CA ILE C 197 -41.26 4.96 18.44
C ILE C 197 -41.47 4.84 19.95
N LEU C 198 -40.44 5.20 20.70
CA LEU C 198 -40.54 5.31 22.15
C LEU C 198 -40.15 6.72 22.55
N GLU C 199 -40.63 7.15 23.72
CA GLU C 199 -40.29 8.45 24.26
C GLU C 199 -39.50 8.32 25.55
N LYS C 200 -38.63 9.30 25.80
CA LYS C 200 -37.88 9.40 27.05
C LYS C 200 -38.83 9.30 28.26
N GLY C 201 -38.46 8.47 29.24
CA GLY C 201 -39.26 8.34 30.47
C GLY C 201 -40.26 7.19 30.39
N CYS C 202 -40.33 6.57 29.23
CA CYS C 202 -41.09 5.33 29.06
C CYS C 202 -40.60 4.26 30.04
N LYS C 203 -41.53 3.71 30.81
CA LYS C 203 -41.25 2.69 31.82
C LYS C 203 -40.64 1.46 31.17
N GLY C 204 -39.45 1.05 31.62
CA GLY C 204 -38.77 -0.11 31.04
C GLY C 204 -37.76 0.27 29.97
N LEU C 205 -37.52 1.57 29.81
CA LEU C 205 -36.55 2.08 28.84
C LEU C 205 -35.39 2.77 29.54
N SER C 206 -34.19 2.30 29.27
CA SER C 206 -32.97 2.89 29.81
C SER C 206 -31.99 3.25 28.70
N ALA C 207 -31.22 4.31 28.94
CA ALA C 207 -30.20 4.75 28.00
C ALA C 207 -28.86 5.09 28.68
N PRO C 208 -28.17 4.07 29.23
CA PRO C 208 -26.88 4.36 29.88
C PRO C 208 -25.76 4.78 28.91
N ALA C 209 -24.98 5.77 29.32
CA ALA C 209 -23.87 6.30 28.54
C ALA C 209 -22.66 5.37 28.50
N ILE C 210 -21.89 5.45 27.41
CA ILE C 210 -20.61 4.75 27.29
C ILE C 210 -19.51 5.80 27.37
N HIS C 211 -18.58 5.61 28.30
CA HIS C 211 -17.46 6.53 28.48
C HIS C 211 -16.13 5.83 28.26
N GLY C 212 -15.09 6.61 28.02
CA GLY C 212 -13.78 6.07 27.71
C GLY C 212 -13.68 5.58 26.28
N LYS C 213 -14.41 6.22 25.36
CA LYS C 213 -14.36 5.90 23.94
C LYS C 213 -12.99 6.32 23.38
N VAL C 214 -12.51 5.62 22.35
CA VAL C 214 -11.23 5.99 21.74
C VAL C 214 -11.43 7.04 20.66
N GLY C 215 -12.44 6.86 19.83
CA GLY C 215 -12.82 7.87 18.85
C GLY C 215 -14.23 8.34 19.08
N LEU C 216 -14.61 9.38 18.34
CA LEU C 216 -15.92 10.05 18.43
C LEU C 216 -16.26 10.55 19.84
N ARG C 217 -15.25 11.05 20.56
CA ARG C 217 -15.40 11.47 21.97
C ARG C 217 -16.23 12.74 22.18
N ALA C 218 -16.40 13.53 21.12
CA ALA C 218 -17.23 14.72 21.20
C ALA C 218 -18.72 14.41 21.10
N SER C 219 -19.07 13.18 20.76
CA SER C 219 -20.49 12.80 20.68
C SER C 219 -20.87 11.84 21.80
N ILE C 220 -21.96 12.17 22.49
CA ILE C 220 -22.45 11.32 23.58
C ILE C 220 -23.16 10.12 22.98
N THR C 221 -22.69 8.94 23.39
CA THR C 221 -23.13 7.65 22.85
C THR C 221 -23.49 6.77 24.03
N GLY C 222 -24.46 5.89 23.87
CA GLY C 222 -24.88 4.99 24.96
C GLY C 222 -25.54 3.70 24.51
N GLU C 223 -26.27 3.08 25.43
CA GLU C 223 -27.06 1.89 25.13
C GLU C 223 -28.53 2.25 25.03
N ILE C 224 -29.32 1.34 24.47
CA ILE C 224 -30.76 1.35 24.69
C ILE C 224 -31.14 0.00 25.30
N VAL C 225 -31.54 0.02 26.56
CA VAL C 225 -31.88 -1.23 27.26
C VAL C 225 -33.40 -1.27 27.48
N LEU C 226 -34.03 -2.28 26.90
CA LEU C 226 -35.49 -2.42 26.93
C LEU C 226 -35.91 -3.60 27.81
N ASP C 227 -36.73 -3.32 28.81
CA ASP C 227 -37.26 -4.38 29.66
C ASP C 227 -38.76 -4.23 29.83
N GLU C 228 -39.50 -4.90 28.93
CA GLU C 228 -40.96 -4.91 28.94
C GLU C 228 -41.50 -3.50 28.79
N ALA C 229 -40.78 -2.70 28.01
CA ALA C 229 -41.16 -1.32 27.75
C ALA C 229 -42.41 -1.31 26.87
N PHE C 230 -43.48 -0.73 27.40
CA PHE C 230 -44.76 -0.65 26.70
C PHE C 230 -44.73 0.40 25.59
N VAL C 231 -45.23 0.01 24.42
CA VAL C 231 -45.36 0.86 23.27
C VAL C 231 -46.81 0.75 22.81
N PRO C 232 -47.59 1.85 22.91
CA PRO C 232 -48.99 1.85 22.46
C PRO C 232 -49.11 1.57 20.96
N GLU C 233 -50.29 1.13 20.51
CA GLU C 233 -50.49 0.77 19.09
C GLU C 233 -50.09 1.89 18.13
N GLU C 234 -50.43 3.13 18.51
CA GLU C 234 -50.23 4.33 17.70
C GLU C 234 -48.74 4.70 17.53
N ASN C 235 -47.85 3.88 18.12
CA ASN C 235 -46.41 4.13 18.14
C ASN C 235 -45.59 3.16 17.27
N ILE C 236 -46.22 2.11 16.78
CA ILE C 236 -45.58 1.27 15.76
C ILE C 236 -45.57 2.03 14.42
N LEU C 237 -44.47 1.94 13.68
CA LEU C 237 -44.41 2.46 12.33
C LEU C 237 -45.27 1.56 11.43
N PRO C 238 -46.39 2.10 10.93
CA PRO C 238 -47.33 1.22 10.21
C PRO C 238 -46.93 0.83 8.78
N HIS C 239 -46.11 1.65 8.11
CA HIS C 239 -45.96 1.52 6.67
C HIS C 239 -44.68 0.85 6.20
N VAL C 240 -44.09 0.03 7.05
CA VAL C 240 -42.89 -0.72 6.68
C VAL C 240 -42.75 -2.01 7.50
N LYS C 241 -42.33 -3.07 6.83
CA LYS C 241 -41.82 -4.26 7.51
C LYS C 241 -40.62 -4.86 6.79
N GLY C 242 -39.77 -5.59 7.50
CA GLY C 242 -38.61 -6.21 6.90
C GLY C 242 -37.41 -5.29 6.71
N LEU C 243 -36.51 -5.67 5.79
CA LEU C 243 -35.21 -5.03 5.63
C LEU C 243 -35.30 -3.55 5.20
N ARG C 244 -36.36 -3.23 4.47
CA ARG C 244 -36.64 -1.90 3.95
C ARG C 244 -36.66 -0.78 5.00
N GLY C 245 -37.16 -1.08 6.19
CA GLY C 245 -37.15 -0.12 7.30
C GLY C 245 -35.76 0.34 7.69
N PRO C 246 -34.95 -0.58 8.27
CA PRO C 246 -33.57 -0.27 8.63
C PRO C 246 -32.70 0.24 7.47
N PHE C 247 -32.81 -0.37 6.28
CA PHE C 247 -31.94 -0.02 5.14
C PHE C 247 -32.17 1.38 4.57
N THR C 248 -33.43 1.78 4.44
CA THR C 248 -33.79 3.15 4.03
C THR C 248 -33.02 4.17 4.89
N CYS C 249 -33.02 3.95 6.20
CA CYS C 249 -32.32 4.82 7.16
C CYS C 249 -30.81 4.80 6.98
N LEU C 250 -30.25 3.59 6.92
CA LEU C 250 -28.81 3.38 6.81
C LEU C 250 -28.26 3.98 5.53
N ASN C 251 -29.03 3.84 4.45
CA ASN C 251 -28.66 4.34 3.15
C ASN C 251 -28.60 5.87 3.11
N SER C 252 -29.57 6.51 3.78
CA SER C 252 -29.58 7.96 3.95
C SER C 252 -28.40 8.41 4.77
N ALA C 253 -28.12 7.71 5.86
CA ALA C 253 -27.01 8.07 6.72
C ALA C 253 -25.65 7.85 6.05
N ARG C 254 -25.48 6.74 5.34
CA ARG C 254 -24.20 6.45 4.62
C ARG C 254 -23.87 7.52 3.60
N TYR C 255 -24.91 8.01 2.92
CA TYR C 255 -24.77 9.08 1.97
C TYR C 255 -24.17 10.35 2.63
N GLY C 256 -24.72 10.74 3.77
CA GLY C 256 -24.22 11.92 4.49
C GLY C 256 -22.81 11.74 4.98
N ILE C 257 -22.49 10.54 5.45
CA ILE C 257 -21.14 10.18 5.88
C ILE C 257 -20.17 10.19 4.68
N ALA C 258 -20.63 9.78 3.50
CA ALA C 258 -19.74 9.83 2.33
C ALA C 258 -19.28 11.26 2.05
N TRP C 259 -20.17 12.24 2.23
CA TRP C 259 -19.82 13.67 2.10
C TRP C 259 -19.01 14.18 3.29
N GLY C 260 -19.43 13.78 4.47
CA GLY C 260 -18.80 14.26 5.69
C GLY C 260 -17.32 13.90 5.82
N ALA C 261 -16.97 12.63 5.57
CA ALA C 261 -15.59 12.14 5.70
C ALA C 261 -14.62 12.85 4.76
N LEU C 262 -15.11 13.36 3.63
CA LEU C 262 -14.32 14.21 2.76
C LEU C 262 -14.03 15.61 3.38
N GLY C 263 -14.95 16.16 4.16
CA GLY C 263 -14.67 17.34 4.99
C GLY C 263 -13.52 17.12 5.97
N ALA C 264 -13.59 16.02 6.71
CA ALA C 264 -12.51 15.58 7.60
C ALA C 264 -11.18 15.39 6.86
N ALA C 265 -11.23 14.73 5.69
CA ALA C 265 -10.03 14.54 4.87
C ALA C 265 -9.40 15.87 4.44
N GLU C 266 -10.25 16.83 4.06
CA GLU C 266 -9.84 18.18 3.69
C GLU C 266 -9.17 18.93 4.84
N SER C 267 -9.73 18.88 6.05
CA SER C 267 -9.04 19.45 7.21
C SER C 267 -7.64 18.87 7.37
N CYS C 268 -7.50 17.56 7.30
CA CYS C 268 -6.18 16.93 7.47
C CYS C 268 -5.20 17.40 6.40
N TRP C 269 -5.68 17.46 5.16
CA TRP C 269 -4.91 17.89 4.00
C TRP C 269 -4.43 19.34 4.13
N HIS C 270 -5.31 20.23 4.56
CA HIS C 270 -4.97 21.64 4.70
C HIS C 270 -3.92 21.89 5.76
N ILE C 271 -4.07 21.18 6.88
CA ILE C 271 -3.13 21.24 7.99
C ILE C 271 -1.75 20.72 7.56
N ALA C 272 -1.72 19.52 6.94
CA ALA C 272 -0.48 18.96 6.41
C ALA C 272 0.23 19.94 5.48
N ARG C 273 -0.52 20.52 4.54
CA ARG C 273 0.00 21.51 3.62
C ARG C 273 0.56 22.75 4.34
N GLN C 274 -0.23 23.33 5.23
CA GLN C 274 0.20 24.51 5.97
C GLN C 274 1.45 24.21 6.77
N TYR C 275 1.46 23.03 7.39
CA TYR C 275 2.58 22.55 8.17
C TYR C 275 3.87 22.55 7.37
N VAL C 276 3.82 21.97 6.17
CA VAL C 276 5.02 21.88 5.33
C VAL C 276 5.45 23.25 4.75
N LEU C 277 4.50 24.15 4.55
CA LEU C 277 4.78 25.54 4.17
C LEU C 277 5.52 26.31 5.26
N ASP C 278 5.20 26.01 6.52
CA ASP C 278 5.76 26.71 7.67
C ASP C 278 7.07 26.09 8.15
N ARG C 279 7.27 24.82 7.84
CA ARG C 279 8.38 24.05 8.40
C ARG C 279 9.63 24.15 7.55
N LYS C 280 10.67 24.71 8.15
CA LYS C 280 11.96 24.86 7.48
C LYS C 280 12.83 23.68 7.85
N GLN C 281 13.40 23.02 6.83
CA GLN C 281 14.26 21.86 7.04
C GLN C 281 15.04 21.52 5.78
N PRO C 285 12.22 25.25 3.00
CA PRO C 285 11.13 24.55 3.70
C PRO C 285 10.88 23.11 3.20
N LEU C 286 10.14 22.35 4.02
CA LEU C 286 9.77 20.96 3.71
C LEU C 286 9.12 20.77 2.34
N ALA C 287 8.39 21.80 1.91
CA ALA C 287 7.63 21.78 0.64
C ALA C 287 8.47 21.44 -0.57
N ALA C 288 9.77 21.74 -0.46
CA ALA C 288 10.76 21.41 -1.48
C ALA C 288 11.06 19.91 -1.61
N ASN C 289 10.73 19.12 -0.57
CA ASN C 289 10.86 17.64 -0.60
C ASN C 289 9.83 16.98 -1.52
N GLN C 290 10.28 16.02 -2.32
CA GLN C 290 9.44 15.36 -3.31
C GLN C 290 8.60 14.19 -2.79
N LEU C 291 8.98 13.62 -1.65
CA LEU C 291 8.12 12.64 -0.98
C LEU C 291 6.94 13.37 -0.35
N ILE C 292 7.21 14.53 0.25
CA ILE C 292 6.19 15.44 0.76
C ILE C 292 5.24 15.94 -0.34
N GLN C 293 5.79 16.30 -1.50
CA GLN C 293 5.00 16.71 -2.65
C GLN C 293 4.08 15.59 -3.16
N LYS C 294 4.61 14.38 -3.20
CA LYS C 294 3.83 13.24 -3.66
C LYS C 294 2.62 12.94 -2.74
N LYS C 295 2.83 13.07 -1.44
CA LYS C 295 1.76 12.92 -0.44
C LYS C 295 0.66 13.97 -0.60
N LEU C 296 1.05 15.22 -0.79
CA LEU C 296 0.11 16.29 -1.05
C LEU C 296 -0.66 16.11 -2.38
N ALA C 297 0.03 15.62 -3.41
CA ALA C 297 -0.60 15.30 -4.69
C ALA C 297 -1.64 14.21 -4.52
N ASP C 298 -1.32 13.17 -3.74
CA ASP C 298 -2.23 12.08 -3.47
C ASP C 298 -3.47 12.54 -2.69
N MET C 299 -3.28 13.38 -1.67
CA MET C 299 -4.39 13.93 -0.88
C MET C 299 -5.34 14.73 -1.75
N GLN C 300 -4.79 15.69 -2.50
CA GLN C 300 -5.54 16.53 -3.42
C GLN C 300 -6.35 15.70 -4.42
N THR C 301 -5.73 14.64 -4.94
CA THR C 301 -6.33 13.74 -5.93
C THR C 301 -7.52 12.97 -5.39
N GLU C 302 -7.29 12.21 -4.33
CA GLU C 302 -8.36 11.37 -3.76
C GLU C 302 -9.58 12.19 -3.29
N ILE C 303 -9.33 13.36 -2.72
CA ILE C 303 -10.40 14.28 -2.31
C ILE C 303 -11.18 14.85 -3.48
N THR C 304 -10.46 15.29 -4.51
CA THR C 304 -11.04 15.92 -5.70
C THR C 304 -11.95 14.93 -6.39
N LEU C 305 -11.49 13.69 -6.50
CA LEU C 305 -12.25 12.62 -7.14
C LEU C 305 -13.39 12.10 -6.28
N GLY C 306 -13.17 12.04 -4.97
CA GLY C 306 -14.24 11.66 -4.06
C GLY C 306 -15.40 12.65 -4.09
N LEU C 307 -15.06 13.94 -4.13
CA LEU C 307 -16.06 15.02 -4.24
C LEU C 307 -16.90 14.95 -5.51
N GLN C 308 -16.28 14.61 -6.64
CA GLN C 308 -17.03 14.45 -7.90
C GLN C 308 -17.96 13.25 -7.84
N GLY C 309 -17.53 12.18 -7.16
CA GLY C 309 -18.38 11.02 -6.95
C GLY C 309 -19.63 11.30 -6.11
N VAL C 310 -19.45 11.90 -4.93
CA VAL C 310 -20.58 12.21 -4.03
C VAL C 310 -21.52 13.28 -4.60
N LEU C 311 -20.96 14.24 -5.33
CA LEU C 311 -21.76 15.20 -6.08
C LEU C 311 -22.66 14.51 -7.11
N ARG C 312 -22.07 13.66 -7.96
CA ARG C 312 -22.84 12.91 -8.95
C ARG C 312 -23.91 12.02 -8.31
N LEU C 313 -23.54 11.26 -7.27
CA LEU C 313 -24.51 10.51 -6.45
C LEU C 313 -25.64 11.38 -5.91
N GLY C 314 -25.31 12.55 -5.36
CA GLY C 314 -26.31 13.49 -4.86
C GLY C 314 -27.30 13.92 -5.94
N ARG C 315 -26.78 14.25 -7.12
CA ARG C 315 -27.60 14.68 -8.25
C ARG C 315 -28.53 13.57 -8.74
N MET C 316 -28.04 12.33 -8.70
CA MET C 316 -28.79 11.15 -9.14
C MET C 316 -29.89 10.82 -8.14
N LYS C 317 -29.58 10.94 -6.85
CA LYS C 317 -30.55 10.81 -5.78
C LYS C 317 -31.70 11.82 -5.95
N ASP C 318 -31.36 13.07 -6.24
CA ASP C 318 -32.34 14.14 -6.47
C ASP C 318 -33.21 13.88 -7.71
N GLU C 319 -32.62 13.32 -8.75
CA GLU C 319 -33.34 12.99 -9.99
C GLU C 319 -34.03 11.63 -9.96
N GLY C 320 -33.88 10.89 -8.86
CA GLY C 320 -34.49 9.56 -8.71
C GLY C 320 -33.84 8.42 -9.50
N THR C 321 -32.58 8.60 -9.89
CA THR C 321 -31.89 7.63 -10.75
C THR C 321 -30.82 6.81 -10.02
N ALA C 322 -30.69 7.05 -8.71
CA ALA C 322 -29.62 6.43 -7.94
C ALA C 322 -30.02 5.10 -7.28
N ALA C 323 -29.45 4.01 -7.75
CA ALA C 323 -29.60 2.72 -7.09
C ALA C 323 -28.82 2.73 -5.78
N VAL C 324 -29.26 1.90 -4.84
CA VAL C 324 -28.71 1.89 -3.47
C VAL C 324 -27.22 1.45 -3.43
N GLU C 325 -26.83 0.58 -4.35
CA GLU C 325 -25.46 0.07 -4.43
C GLU C 325 -24.43 1.19 -4.62
N ILE C 326 -24.83 2.28 -5.27
CA ILE C 326 -23.93 3.41 -5.54
C ILE C 326 -23.47 4.05 -4.24
N THR C 327 -24.38 4.13 -3.27
CA THR C 327 -24.03 4.61 -1.94
C THR C 327 -22.89 3.78 -1.31
N SER C 328 -22.84 2.47 -1.58
CA SER C 328 -21.78 1.62 -1.06
C SER C 328 -20.41 2.01 -1.64
N ILE C 329 -20.38 2.43 -2.90
CA ILE C 329 -19.15 2.90 -3.54
C ILE C 329 -18.63 4.12 -2.82
N MET C 330 -19.48 5.13 -2.66
CA MET C 330 -19.05 6.43 -2.13
C MET C 330 -18.79 6.44 -0.64
N LYS C 331 -19.63 5.77 0.14
CA LYS C 331 -19.37 5.69 1.58
C LYS C 331 -18.04 4.99 1.84
N ARG C 332 -17.90 3.78 1.29
CA ARG C 332 -16.67 3.00 1.39
C ARG C 332 -15.44 3.79 0.91
N ASN C 333 -15.54 4.41 -0.26
CA ASN C 333 -14.44 5.22 -0.80
C ASN C 333 -14.12 6.43 0.08
N SER C 334 -15.12 7.24 0.40
CA SER C 334 -14.87 8.41 1.25
C SER C 334 -14.22 8.06 2.58
N CYS C 335 -14.80 7.12 3.31
CA CYS C 335 -14.29 6.74 4.62
C CYS C 335 -12.89 6.12 4.54
N GLY C 336 -12.67 5.25 3.55
CA GLY C 336 -11.36 4.63 3.37
C GLY C 336 -10.31 5.63 2.96
N LYS C 337 -10.62 6.47 1.98
CA LYS C 337 -9.67 7.47 1.49
C LYS C 337 -9.37 8.53 2.56
N ALA C 338 -10.40 8.95 3.31
CA ALA C 338 -10.26 9.90 4.42
C ALA C 338 -9.32 9.36 5.49
N LEU C 339 -9.48 8.08 5.85
CA LEU C 339 -8.63 7.46 6.84
C LEU C 339 -7.17 7.41 6.35
N ASP C 340 -6.95 6.99 5.10
CA ASP C 340 -5.63 7.05 4.44
C ASP C 340 -5.00 8.44 4.51
N ILE C 341 -5.78 9.45 4.19
CA ILE C 341 -5.33 10.83 4.26
C ILE C 341 -4.97 11.30 5.68
N ALA C 342 -5.76 10.92 6.68
CA ALA C 342 -5.46 11.27 8.09
C ALA C 342 -4.16 10.62 8.54
N ARG C 343 -3.95 9.36 8.14
CA ARG C 343 -2.74 8.64 8.47
C ARG C 343 -1.52 9.22 7.78
N LEU C 344 -1.70 9.67 6.55
CA LEU C 344 -0.62 10.26 5.77
C LEU C 344 -0.24 11.61 6.35
N ALA C 345 -1.24 12.43 6.68
CA ALA C 345 -1.01 13.72 7.30
C ALA C 345 -0.42 13.58 8.72
N ARG C 346 -0.92 12.62 9.48
CA ARG C 346 -0.38 12.31 10.82
C ARG C 346 1.11 12.02 10.75
N ASP C 347 1.50 11.17 9.80
CA ASP C 347 2.88 10.72 9.66
C ASP C 347 3.81 11.84 9.18
N MET C 348 3.23 12.92 8.66
CA MET C 348 3.98 14.11 8.23
C MET C 348 4.22 15.17 9.32
N LEU C 349 3.52 15.05 10.45
CA LEU C 349 3.59 16.07 11.50
C LEU C 349 4.67 15.80 12.53
N GLY C 350 5.24 16.88 13.07
CA GLY C 350 6.30 16.79 14.08
C GLY C 350 5.95 17.53 15.36
N PHE C 358 -2.41 18.05 17.26
CA PHE C 358 -3.77 18.14 17.80
C PHE C 358 -4.90 17.74 16.82
N GLY C 359 -5.29 18.64 15.91
CA GLY C 359 -6.49 18.43 15.07
C GLY C 359 -6.47 17.14 14.26
N VAL C 360 -5.33 16.91 13.61
CA VAL C 360 -5.14 15.74 12.76
C VAL C 360 -5.34 14.43 13.53
N ALA C 361 -4.75 14.34 14.72
CA ALA C 361 -4.85 13.15 15.56
C ALA C 361 -6.30 12.89 15.99
N ARG C 362 -7.05 13.96 16.20
CA ARG C 362 -8.48 13.84 16.50
C ARG C 362 -9.25 13.23 15.32
N HIS C 363 -9.17 13.87 14.14
CA HIS C 363 -9.78 13.34 12.93
C HIS C 363 -9.37 11.91 12.70
N LEU C 364 -8.09 11.61 12.97
CA LEU C 364 -7.56 10.26 12.76
C LEU C 364 -8.28 9.22 13.62
N VAL C 365 -8.35 9.42 14.94
CA VAL C 365 -9.07 8.45 15.78
C VAL C 365 -10.59 8.42 15.52
N ASN C 366 -11.16 9.56 15.12
CA ASN C 366 -12.57 9.61 14.68
C ASN C 366 -12.77 8.71 13.48
N LEU C 367 -11.91 8.86 12.48
CA LEU C 367 -12.04 8.10 11.24
C LEU C 367 -11.81 6.60 11.42
N GLU C 368 -10.99 6.23 12.40
CA GLU C 368 -10.74 4.82 12.69
C GLU C 368 -12.00 4.12 13.20
N VAL C 369 -12.77 4.80 14.05
CA VAL C 369 -14.08 4.31 14.51
C VAL C 369 -15.10 4.29 13.37
N VAL C 370 -15.15 5.37 12.58
CA VAL C 370 -16.12 5.49 11.48
C VAL C 370 -15.93 4.37 10.45
N ASN C 371 -14.67 4.15 10.05
CA ASN C 371 -14.33 3.09 9.10
C ASN C 371 -14.71 1.69 9.61
N THR C 372 -14.70 1.48 10.93
CA THR C 372 -15.04 0.17 11.49
C THR C 372 -16.46 0.05 12.07
N TYR C 373 -17.22 1.17 12.07
CA TYR C 373 -18.56 1.20 12.66
C TYR C 373 -19.54 0.13 12.15
N GLU C 374 -19.59 -0.06 10.83
CA GLU C 374 -20.48 -1.06 10.23
C GLU C 374 -19.84 -2.44 10.11
N GLY C 375 -18.79 -2.69 10.90
CA GLY C 375 -18.14 -3.99 10.95
C GLY C 375 -16.73 -3.95 10.41
N THR C 376 -16.03 -5.08 10.53
CA THR C 376 -14.63 -5.18 10.10
C THR C 376 -14.50 -6.16 8.94
N HIS C 377 -15.63 -6.52 8.35
CA HIS C 377 -15.69 -7.44 7.21
C HIS C 377 -15.97 -6.75 5.86
N ASP C 378 -15.92 -5.42 5.82
CA ASP C 378 -16.06 -4.67 4.57
C ASP C 378 -17.40 -4.99 3.88
N ILE C 379 -18.48 -4.67 4.59
CA ILE C 379 -19.84 -4.80 4.11
C ILE C 379 -20.08 -4.20 2.71
N HIS C 380 -19.54 -3.02 2.46
CA HIS C 380 -19.76 -2.37 1.17
C HIS C 380 -19.05 -3.04 -0.01
N ALA C 381 -17.86 -3.57 0.24
CA ALA C 381 -17.14 -4.35 -0.77
C ALA C 381 -17.98 -5.56 -1.17
N LEU C 382 -18.64 -6.14 -0.17
CA LEU C 382 -19.46 -7.34 -0.37
C LEU C 382 -20.79 -7.07 -1.07
N ILE C 383 -21.41 -5.93 -0.74
CA ILE C 383 -22.58 -5.47 -1.49
C ILE C 383 -22.20 -5.26 -2.97
N LEU C 384 -21.04 -4.67 -3.19
CA LEU C 384 -20.58 -4.36 -4.54
C LEU C 384 -20.15 -5.63 -5.31
N GLY C 385 -19.48 -6.55 -4.63
CA GLY C 385 -19.06 -7.79 -5.25
C GLY C 385 -20.26 -8.65 -5.63
N ARG C 386 -21.25 -8.70 -4.74
CA ARG C 386 -22.49 -9.39 -5.05
C ARG C 386 -23.22 -8.71 -6.22
N ALA C 387 -23.21 -7.38 -6.24
CA ALA C 387 -23.84 -6.65 -7.35
C ALA C 387 -23.17 -6.94 -8.71
N GLN C 388 -21.88 -7.24 -8.68
CA GLN C 388 -21.11 -7.51 -9.92
C GLN C 388 -21.19 -8.97 -10.38
N THR C 389 -21.23 -9.89 -9.43
CA THR C 389 -21.09 -11.31 -9.70
C THR C 389 -22.43 -12.06 -9.56
N GLY C 390 -23.33 -11.50 -8.76
CA GLY C 390 -24.61 -12.12 -8.46
C GLY C 390 -24.48 -12.94 -7.20
N ILE C 391 -23.24 -13.16 -6.78
CA ILE C 391 -22.93 -14.15 -5.73
C ILE C 391 -22.58 -13.46 -4.42
N GLN C 392 -23.28 -13.86 -3.36
CA GLN C 392 -22.92 -13.44 -2.00
C GLN C 392 -21.73 -14.25 -1.50
N ALA C 393 -20.75 -13.55 -0.95
CA ALA C 393 -19.59 -14.19 -0.36
C ALA C 393 -20.00 -15.09 0.80
N ALA D 3 -37.42 1.27 -6.95
CA ALA D 3 -36.03 1.78 -6.82
C ALA D 3 -35.30 1.76 -8.17
N ALA D 4 -34.34 2.67 -8.35
CA ALA D 4 -33.60 2.76 -9.60
C ALA D 4 -32.70 1.53 -9.80
N THR D 5 -32.42 1.23 -11.06
CA THR D 5 -31.62 0.04 -11.39
C THR D 5 -30.11 0.32 -11.31
N PHE D 6 -29.38 -0.58 -10.69
CA PHE D 6 -27.92 -0.48 -10.61
C PHE D 6 -27.27 -1.04 -11.86
N HIS D 7 -26.30 -0.29 -12.40
CA HIS D 7 -25.48 -0.75 -13.51
C HIS D 7 -24.06 -0.99 -13.00
N TRP D 8 -23.72 -2.24 -12.70
CA TRP D 8 -22.39 -2.53 -12.15
C TRP D 8 -21.26 -2.02 -13.06
N ASP D 9 -21.49 -2.08 -14.37
CA ASP D 9 -20.49 -1.71 -15.36
C ASP D 9 -20.49 -0.20 -15.67
N ASP D 10 -21.50 0.52 -15.18
CA ASP D 10 -21.55 1.98 -15.31
C ASP D 10 -22.32 2.64 -14.13
N PRO D 11 -21.78 2.52 -12.90
CA PRO D 11 -22.53 2.90 -11.69
C PRO D 11 -23.05 4.34 -11.69
N LEU D 12 -22.26 5.30 -12.18
CA LEU D 12 -22.70 6.71 -12.15
C LEU D 12 -23.43 7.11 -13.43
N LEU D 13 -23.79 6.12 -14.23
CA LEU D 13 -24.44 6.31 -15.52
C LEU D 13 -23.76 7.40 -16.35
N LEU D 14 -22.46 7.20 -16.61
CA LEU D 14 -21.67 8.05 -17.49
C LEU D 14 -22.41 8.26 -18.82
N ASP D 15 -23.00 7.18 -19.31
CA ASP D 15 -23.72 7.16 -20.57
C ASP D 15 -24.81 8.23 -20.63
N GLN D 16 -25.49 8.43 -19.50
CA GLN D 16 -26.54 9.43 -19.34
C GLN D 16 -26.02 10.85 -19.17
N GLN D 17 -24.73 10.99 -18.84
CA GLN D 17 -24.10 12.31 -18.73
C GLN D 17 -23.54 12.80 -20.07
N LEU D 18 -23.55 11.92 -21.07
CA LEU D 18 -23.04 12.28 -22.38
C LEU D 18 -24.14 12.94 -23.20
N ALA D 19 -23.76 13.91 -24.01
CA ALA D 19 -24.64 14.39 -25.07
C ALA D 19 -24.81 13.28 -26.12
N ASP D 20 -25.89 13.34 -26.90
CA ASP D 20 -26.16 12.29 -27.90
C ASP D 20 -25.09 12.25 -28.99
N ASP D 21 -24.62 13.42 -29.41
CA ASP D 21 -23.42 13.58 -30.22
C ASP D 21 -22.25 12.71 -29.70
N GLU D 22 -22.02 12.79 -28.40
CA GLU D 22 -20.85 12.19 -27.76
C GLU D 22 -21.01 10.70 -27.69
N ARG D 23 -22.24 10.27 -27.39
CA ARG D 23 -22.61 8.87 -27.36
C ARG D 23 -22.38 8.19 -28.73
N MET D 24 -22.79 8.86 -29.80
CA MET D 24 -22.60 8.36 -31.17
C MET D 24 -21.14 8.27 -31.59
N VAL D 25 -20.32 9.25 -31.17
CA VAL D 25 -18.86 9.21 -31.40
C VAL D 25 -18.23 8.00 -30.68
N ARG D 26 -18.65 7.80 -29.43
CA ARG D 26 -18.23 6.64 -28.64
C ARG D 26 -18.57 5.30 -29.32
N ASP D 27 -19.81 5.16 -29.77
CA ASP D 27 -20.27 3.93 -30.46
C ASP D 27 -19.58 3.69 -31.77
N ALA D 28 -19.27 4.78 -32.47
CA ALA D 28 -18.51 4.72 -33.74
C ALA D 28 -17.08 4.21 -33.52
N ALA D 29 -16.43 4.72 -32.47
CA ALA D 29 -15.09 4.26 -32.05
C ALA D 29 -15.13 2.82 -31.54
N HIS D 30 -16.20 2.47 -30.85
CA HIS D 30 -16.36 1.12 -30.31
C HIS D 30 -16.50 0.07 -31.42
N ALA D 31 -17.38 0.33 -32.38
CA ALA D 31 -17.63 -0.55 -33.50
C ALA D 31 -16.34 -0.72 -34.32
N TYR D 32 -15.61 0.37 -34.50
CA TYR D 32 -14.32 0.28 -35.19
C TYR D 32 -13.28 -0.55 -34.44
N ALA D 33 -13.03 -0.20 -33.18
CA ALA D 33 -11.98 -0.88 -32.40
C ALA D 33 -12.28 -2.36 -32.19
N GLN D 34 -13.53 -2.68 -31.87
CA GLN D 34 -13.91 -4.07 -31.68
C GLN D 34 -13.97 -4.83 -33.03
N GLY D 35 -14.33 -4.13 -34.09
CA GLY D 35 -14.45 -4.72 -35.43
C GLY D 35 -13.14 -4.91 -36.17
N LYS D 36 -12.24 -3.94 -36.05
CA LYS D 36 -11.00 -3.94 -36.84
C LYS D 36 -9.72 -4.21 -36.04
N LEU D 37 -9.61 -3.62 -34.84
CA LEU D 37 -8.39 -3.72 -34.04
C LEU D 37 -8.33 -4.98 -33.19
N ALA D 38 -9.43 -5.34 -32.53
CA ALA D 38 -9.44 -6.51 -31.65
C ALA D 38 -8.99 -7.83 -32.34
N PRO D 39 -9.50 -8.13 -33.56
CA PRO D 39 -9.01 -9.36 -34.21
C PRO D 39 -7.52 -9.34 -34.62
N ARG D 40 -6.93 -8.16 -34.74
CA ARG D 40 -5.51 -8.00 -35.10
C ARG D 40 -4.55 -8.06 -33.91
N VAL D 41 -5.05 -7.72 -32.72
CA VAL D 41 -4.17 -7.29 -31.61
C VAL D 41 -3.21 -8.38 -31.09
N THR D 42 -3.71 -9.60 -30.93
CA THR D 42 -2.90 -10.68 -30.37
C THR D 42 -1.63 -10.99 -31.19
N GLU D 43 -1.79 -11.18 -32.50
CA GLU D 43 -0.64 -11.48 -33.38
C GLU D 43 0.23 -10.27 -33.62
N ALA D 44 -0.39 -9.09 -33.73
CA ALA D 44 0.36 -7.85 -33.91
C ALA D 44 1.31 -7.58 -32.74
N PHE D 45 0.84 -7.81 -31.52
CA PHE D 45 1.64 -7.59 -30.32
C PHE D 45 2.72 -8.65 -30.20
N ARG D 46 2.37 -9.90 -30.48
CA ARG D 46 3.33 -11.01 -30.37
C ARG D 46 4.53 -10.81 -31.28
N HIS D 47 4.27 -10.40 -32.53
CA HIS D 47 5.29 -10.32 -33.56
C HIS D 47 5.74 -8.90 -33.89
N GLU D 48 5.23 -7.94 -33.10
CA GLU D 48 5.55 -6.53 -33.30
C GLU D 48 5.32 -6.12 -34.76
N THR D 49 4.25 -6.66 -35.34
CA THR D 49 3.81 -6.34 -36.70
C THR D 49 3.25 -4.91 -36.77
N THR D 50 3.74 -4.13 -37.73
CA THR D 50 3.23 -2.78 -38.01
C THR D 50 1.98 -2.88 -38.86
N ASP D 51 0.92 -2.14 -38.51
CA ASP D 51 -0.14 -1.88 -39.49
C ASP D 51 -0.64 -0.43 -39.45
N ALA D 52 -0.08 0.37 -40.36
CA ALA D 52 -0.43 1.77 -40.48
C ALA D 52 -1.79 1.95 -41.16
N ALA D 53 -2.45 0.83 -41.45
CA ALA D 53 -3.76 0.81 -42.12
C ALA D 53 -4.76 1.50 -41.21
N ILE D 54 -4.51 1.37 -39.91
CA ILE D 54 -5.23 2.04 -38.84
C ILE D 54 -5.42 3.56 -39.07
N PHE D 55 -4.38 4.25 -39.52
CA PHE D 55 -4.47 5.70 -39.72
C PHE D 55 -5.53 6.03 -40.78
N ARG D 56 -5.48 5.31 -41.89
CA ARG D 56 -6.44 5.50 -42.98
C ARG D 56 -7.84 5.08 -42.53
N GLU D 57 -7.92 3.95 -41.83
CA GLU D 57 -9.19 3.43 -41.32
C GLU D 57 -9.87 4.39 -40.35
N MET D 58 -9.10 4.94 -39.41
CA MET D 58 -9.61 5.89 -38.42
C MET D 58 -9.95 7.26 -38.99
N GLY D 59 -9.14 7.72 -39.95
CA GLY D 59 -9.41 8.95 -40.68
C GLY D 59 -10.69 8.91 -41.48
N GLU D 60 -11.02 7.75 -42.03
CA GLU D 60 -12.25 7.57 -42.80
C GLU D 60 -13.50 7.81 -41.98
N ILE D 61 -13.51 7.27 -40.76
CA ILE D 61 -14.64 7.46 -39.86
C ILE D 61 -14.52 8.72 -38.99
N GLY D 62 -13.55 9.57 -39.32
CA GLY D 62 -13.41 10.89 -38.66
C GLY D 62 -13.00 10.83 -37.21
N LEU D 63 -12.05 9.94 -36.89
CA LEU D 63 -11.60 9.76 -35.51
C LEU D 63 -10.24 10.40 -35.22
N LEU D 64 -9.62 10.97 -36.25
CA LEU D 64 -8.32 11.60 -36.09
C LEU D 64 -8.48 13.11 -35.97
N GLY D 65 -7.68 13.72 -35.09
CA GLY D 65 -7.77 15.15 -34.82
C GLY D 65 -9.20 15.52 -34.41
N PRO D 66 -9.79 14.77 -33.46
CA PRO D 66 -11.21 14.96 -33.16
C PRO D 66 -11.64 16.41 -32.93
N THR D 67 -10.77 17.26 -32.36
CA THR D 67 -11.13 18.65 -32.02
C THR D 67 -10.88 19.64 -33.16
N ILE D 68 -10.23 19.17 -34.23
CA ILE D 68 -9.92 20.00 -35.39
C ILE D 68 -11.21 20.33 -36.16
N PRO D 69 -11.45 21.63 -36.46
CA PRO D 69 -12.66 22.09 -37.18
C PRO D 69 -12.85 21.48 -38.57
N GLU D 70 -14.12 21.36 -38.97
CA GLU D 70 -14.51 20.85 -40.30
C GLU D 70 -13.91 21.66 -41.45
N GLN D 71 -13.67 22.94 -41.18
CA GLN D 71 -12.91 23.82 -42.07
C GLN D 71 -11.62 23.15 -42.59
N TYR D 72 -10.94 22.39 -41.72
CA TYR D 72 -9.66 21.78 -42.09
C TYR D 72 -9.69 20.26 -42.24
N GLY D 73 -10.87 19.69 -42.45
CA GLY D 73 -11.00 18.25 -42.65
C GLY D 73 -11.28 17.43 -41.41
N GLY D 74 -11.19 18.06 -40.24
CA GLY D 74 -11.44 17.39 -38.95
C GLY D 74 -12.92 17.24 -38.69
N PRO D 75 -13.30 16.37 -37.74
CA PRO D 75 -14.71 16.15 -37.42
C PRO D 75 -15.35 17.22 -36.53
N GLY D 76 -14.53 18.14 -35.99
CA GLY D 76 -15.04 19.26 -35.21
C GLY D 76 -15.77 18.86 -33.95
N LEU D 77 -15.22 17.88 -33.22
CA LEU D 77 -15.85 17.38 -32.00
C LEU D 77 -15.33 18.14 -30.79
N ASP D 78 -15.97 17.95 -29.65
CA ASP D 78 -15.49 18.56 -28.41
C ASP D 78 -14.47 17.65 -27.69
N TYR D 79 -13.88 18.14 -26.60
CA TYR D 79 -12.86 17.36 -25.87
C TYR D 79 -13.40 16.08 -25.23
N VAL D 80 -14.67 16.06 -24.85
CA VAL D 80 -15.24 14.86 -24.25
C VAL D 80 -15.23 13.75 -25.29
N SER D 81 -15.63 14.08 -26.52
CA SER D 81 -15.61 13.13 -27.62
C SER D 81 -14.20 12.58 -27.92
N TYR D 82 -13.20 13.46 -27.96
CA TYR D 82 -11.80 13.03 -28.04
C TYR D 82 -11.50 11.99 -26.95
N GLY D 83 -11.89 12.29 -25.72
CA GLY D 83 -11.71 11.38 -24.61
C GLY D 83 -12.34 10.01 -24.85
N LEU D 84 -13.60 10.00 -25.23
CA LEU D 84 -14.32 8.75 -25.50
C LEU D 84 -13.67 7.89 -26.58
N ILE D 85 -13.13 8.51 -27.62
CA ILE D 85 -12.45 7.79 -28.71
C ILE D 85 -11.21 7.04 -28.20
N ALA D 86 -10.36 7.75 -27.47
CA ALA D 86 -9.13 7.20 -26.89
C ALA D 86 -9.41 6.03 -25.96
N ARG D 87 -10.50 6.14 -25.20
CA ARG D 87 -10.92 5.11 -24.27
C ARG D 87 -11.34 3.85 -25.02
N GLU D 88 -12.10 4.03 -26.11
CA GLU D 88 -12.55 2.89 -26.90
C GLU D 88 -11.39 2.20 -27.63
N VAL D 89 -10.42 2.98 -28.09
CA VAL D 89 -9.22 2.44 -28.75
C VAL D 89 -8.27 1.73 -27.77
N GLU D 90 -7.95 2.38 -26.64
CA GLU D 90 -7.09 1.78 -25.61
C GLU D 90 -7.73 0.55 -24.96
N ARG D 91 -9.06 0.52 -24.95
CA ARG D 91 -9.81 -0.66 -24.52
C ARG D 91 -9.30 -1.91 -25.24
N VAL D 92 -8.90 -1.76 -26.49
CA VAL D 92 -8.28 -2.84 -27.26
C VAL D 92 -6.78 -2.88 -26.93
N ASP D 93 -6.07 -1.79 -27.20
CA ASP D 93 -4.64 -1.76 -26.98
C ASP D 93 -4.11 -0.34 -26.88
N SER D 94 -3.20 -0.08 -25.92
CA SER D 94 -2.53 1.22 -25.76
C SER D 94 -1.66 1.62 -26.95
N GLY D 95 -1.08 0.63 -27.63
CA GLY D 95 -0.29 0.87 -28.84
C GLY D 95 -1.09 1.53 -29.94
N TYR D 96 -2.29 1.01 -30.20
CA TYR D 96 -3.23 1.65 -31.13
C TYR D 96 -3.62 3.05 -30.67
N ARG D 97 -3.78 3.24 -29.36
CA ARG D 97 -4.10 4.56 -28.83
C ARG D 97 -2.93 5.54 -28.98
N SER D 98 -1.70 5.06 -28.78
CA SER D 98 -0.49 5.88 -28.98
C SER D 98 -0.44 6.41 -30.40
N MET D 99 -0.69 5.54 -31.39
CA MET D 99 -0.68 5.91 -32.81
C MET D 99 -1.64 7.07 -33.03
N MET D 100 -2.83 6.96 -32.47
CA MET D 100 -3.83 8.00 -32.53
C MET D 100 -3.49 9.26 -31.70
N SER D 101 -2.91 9.08 -30.51
CA SER D 101 -2.49 10.25 -29.68
C SER D 101 -1.54 11.13 -30.46
N VAL D 102 -0.62 10.49 -31.17
CA VAL D 102 0.38 11.16 -31.97
C VAL D 102 -0.20 11.99 -33.11
N GLN D 103 -1.09 11.41 -33.93
CA GLN D 103 -1.69 12.12 -35.09
C GLN D 103 -2.42 13.34 -34.59
N SER D 104 -3.27 13.11 -33.60
CA SER D 104 -4.24 14.07 -33.12
C SER D 104 -3.57 15.15 -32.29
N SER D 105 -3.02 14.77 -31.14
CA SER D 105 -2.49 15.75 -30.18
C SER D 105 -1.09 16.24 -30.46
N LEU D 106 -0.24 15.37 -30.99
CA LEU D 106 1.18 15.69 -31.19
C LEU D 106 1.54 16.24 -32.57
N VAL D 107 0.61 16.18 -33.52
CA VAL D 107 0.87 16.60 -34.91
C VAL D 107 -0.19 17.58 -35.42
N MET D 108 -1.46 17.18 -35.40
CA MET D 108 -2.53 18.06 -35.89
C MET D 108 -2.79 19.26 -34.95
N VAL D 109 -2.65 19.05 -33.65
CA VAL D 109 -2.82 20.15 -32.69
C VAL D 109 -1.79 21.27 -32.89
N PRO D 110 -0.47 20.95 -32.87
CA PRO D 110 0.51 22.02 -33.12
C PRO D 110 0.33 22.78 -34.45
N ILE D 111 -0.03 22.08 -35.52
CA ILE D 111 -0.24 22.74 -36.83
C ILE D 111 -1.45 23.67 -36.79
N PHE D 112 -2.57 23.19 -36.27
CA PHE D 112 -3.75 24.03 -36.07
C PHE D 112 -3.52 25.21 -35.11
N GLU D 113 -2.91 24.97 -33.96
CA GLU D 113 -2.72 26.02 -32.95
C GLU D 113 -1.68 27.05 -33.38
N PHE D 114 -0.55 26.57 -33.91
CA PHE D 114 0.61 27.44 -34.17
C PHE D 114 0.94 27.70 -35.63
N GLY D 115 0.24 27.04 -36.55
CA GLY D 115 0.57 27.12 -37.97
C GLY D 115 -0.06 28.26 -38.74
N SER D 116 0.46 28.52 -39.94
CA SER D 116 -0.10 29.54 -40.81
C SER D 116 -1.32 29.00 -41.53
N ASP D 117 -2.13 29.89 -42.08
CA ASP D 117 -3.24 29.47 -42.96
C ASP D 117 -2.77 28.46 -44.02
N ALA D 118 -1.63 28.74 -44.64
CA ALA D 118 -1.10 27.86 -45.69
C ALA D 118 -0.77 26.46 -45.16
N GLN D 119 -0.10 26.39 -44.01
CA GLN D 119 0.28 25.12 -43.38
C GLN D 119 -0.94 24.29 -43.02
N LYS D 120 -1.92 24.98 -42.42
CA LYS D 120 -3.17 24.38 -41.98
C LYS D 120 -3.97 23.81 -43.14
N GLU D 121 -4.10 24.58 -44.23
CA GLU D 121 -4.83 24.14 -45.42
C GLU D 121 -4.15 22.97 -46.12
N LYS D 122 -2.82 22.97 -46.06
CA LYS D 122 -2.03 21.93 -46.71
C LYS D 122 -1.97 20.63 -45.90
N TYR D 123 -1.62 20.73 -44.62
CA TYR D 123 -1.30 19.52 -43.85
C TYR D 123 -2.51 18.86 -43.18
N LEU D 124 -3.39 19.66 -42.62
CA LEU D 124 -4.48 19.14 -41.79
C LEU D 124 -5.46 18.18 -42.47
N PRO D 125 -5.91 18.49 -43.71
CA PRO D 125 -6.92 17.64 -44.35
C PRO D 125 -6.51 16.20 -44.61
N LYS D 126 -5.26 15.99 -45.03
CA LYS D 126 -4.70 14.66 -45.24
C LYS D 126 -4.31 13.93 -43.95
N LEU D 127 -3.90 14.70 -42.95
CA LEU D 127 -3.69 14.16 -41.60
C LEU D 127 -5.01 13.69 -40.99
N ALA D 128 -6.09 14.43 -41.27
CA ALA D 128 -7.44 14.13 -40.76
C ALA D 128 -8.05 12.86 -41.35
N THR D 129 -7.73 12.58 -42.61
CA THR D 129 -8.19 11.37 -43.30
C THR D 129 -7.22 10.20 -43.11
N GLY D 130 -6.06 10.47 -42.52
CA GLY D 130 -5.05 9.43 -42.35
C GLY D 130 -4.29 9.08 -43.63
N GLU D 131 -4.46 9.91 -44.65
CA GLU D 131 -3.67 9.83 -45.87
C GLU D 131 -2.19 10.17 -45.63
N TRP D 132 -1.94 11.17 -44.79
CA TRP D 132 -0.60 11.44 -44.29
C TRP D 132 -0.48 11.03 -42.84
N ILE D 133 0.65 10.40 -42.51
CA ILE D 133 0.91 9.98 -41.14
C ILE D 133 1.91 10.98 -40.54
N GLY D 134 1.65 11.40 -39.31
CA GLY D 134 2.48 12.39 -38.62
C GLY D 134 3.31 11.78 -37.50
N CYS D 135 4.41 12.45 -37.18
CA CYS D 135 5.17 12.14 -35.97
C CYS D 135 5.69 13.41 -35.32
N PHE D 136 6.05 13.27 -34.05
CA PHE D 136 6.35 14.37 -33.12
C PHE D 136 7.79 14.21 -32.67
N GLY D 137 8.66 15.10 -33.14
CA GLY D 137 10.10 15.05 -32.83
C GLY D 137 10.51 15.98 -31.70
N LEU D 138 10.51 15.44 -30.48
CA LEU D 138 10.89 16.23 -29.28
C LEU D 138 12.05 15.60 -28.52
N THR D 139 11.85 14.38 -28.04
CA THR D 139 12.82 13.62 -27.26
C THR D 139 14.14 13.48 -27.99
N GLU D 140 15.23 13.43 -27.23
CA GLU D 140 16.57 13.28 -27.77
C GLU D 140 17.34 12.16 -27.07
N PRO D 141 18.36 11.59 -27.74
CA PRO D 141 19.16 10.52 -27.13
C PRO D 141 20.12 11.00 -26.03
N SER D 149 17.49 22.50 -22.59
CA SER D 149 18.61 21.55 -22.66
C SER D 149 18.40 20.50 -23.78
N MET D 150 18.16 21.03 -24.99
CA MET D 150 17.83 20.28 -26.20
C MET D 150 18.91 20.56 -27.27
N VAL D 151 19.44 19.49 -27.88
CA VAL D 151 20.59 19.60 -28.79
C VAL D 151 20.23 20.07 -30.21
N THR D 152 19.10 19.58 -30.72
CA THR D 152 18.70 19.86 -32.10
C THR D 152 18.58 21.38 -32.34
N ARG D 153 19.21 21.84 -33.42
CA ARG D 153 19.30 23.26 -33.73
C ARG D 153 18.94 23.61 -35.18
N ALA D 154 18.17 24.69 -35.35
CA ALA D 154 17.96 25.28 -36.66
C ALA D 154 18.93 26.44 -36.90
N ARG D 155 19.26 26.68 -38.18
CA ARG D 155 20.13 27.77 -38.59
C ARG D 155 19.58 28.44 -39.83
N LYS D 156 19.57 29.76 -39.85
CA LYS D 156 19.02 30.49 -40.98
C LYS D 156 19.92 30.41 -42.23
N VAL D 157 19.27 30.21 -43.38
CA VAL D 157 19.91 30.10 -44.69
C VAL D 157 18.93 30.72 -45.70
N PRO D 158 19.41 31.06 -46.93
CA PRO D 158 18.46 31.57 -47.93
C PRO D 158 17.26 30.66 -48.13
N GLY D 159 16.08 31.24 -48.34
CA GLY D 159 14.86 30.47 -48.57
C GLY D 159 14.22 29.84 -47.34
N GLY D 160 15.04 29.47 -46.35
CA GLY D 160 14.53 28.83 -45.14
C GLY D 160 15.52 28.64 -44.00
N TYR D 161 15.60 27.40 -43.51
CA TYR D 161 16.40 27.03 -42.33
C TYR D 161 17.12 25.71 -42.61
N SER D 162 18.15 25.42 -41.83
CA SER D 162 18.89 24.16 -41.94
C SER D 162 19.04 23.51 -40.60
N LEU D 163 18.52 22.28 -40.46
CA LEU D 163 18.47 21.62 -39.16
C LEU D 163 19.40 20.42 -39.05
N SER D 164 19.96 20.24 -37.85
CA SER D 164 20.84 19.11 -37.58
C SER D 164 20.62 18.67 -36.14
N GLY D 165 20.61 17.36 -35.93
CA GLY D 165 20.37 16.77 -34.62
C GLY D 165 19.62 15.46 -34.72
N SER D 166 19.36 14.84 -33.58
CA SER D 166 18.63 13.57 -33.54
C SER D 166 17.49 13.56 -32.54
N LYS D 167 16.41 12.87 -32.90
CA LYS D 167 15.30 12.59 -31.99
C LYS D 167 15.20 11.07 -31.84
N MET D 168 14.87 10.62 -30.64
CA MET D 168 14.84 9.20 -30.34
C MET D 168 13.51 8.79 -29.71
N TRP D 169 13.15 7.52 -29.86
CA TRP D 169 11.86 6.97 -29.41
C TRP D 169 10.65 7.75 -29.93
N ILE D 170 10.62 7.99 -31.24
CA ILE D 170 9.54 8.71 -31.90
C ILE D 170 8.52 7.73 -32.50
N THR D 171 7.34 7.65 -31.90
CA THR D 171 6.29 6.79 -32.45
C THR D 171 5.77 7.32 -33.79
N ASN D 172 5.61 6.38 -34.72
CA ASN D 172 5.19 6.65 -36.10
C ASN D 172 6.32 7.06 -37.04
N SER D 173 7.53 7.33 -36.52
CA SER D 173 8.51 8.00 -37.37
C SER D 173 8.94 7.23 -38.64
N PRO D 174 9.20 5.90 -38.54
CA PRO D 174 9.69 5.21 -39.74
C PRO D 174 8.65 5.13 -40.89
N ILE D 175 7.38 5.42 -40.57
CA ILE D 175 6.27 5.40 -41.53
C ILE D 175 5.62 6.76 -41.75
N ALA D 176 6.18 7.80 -41.14
CA ALA D 176 5.56 9.12 -41.18
C ALA D 176 5.80 9.84 -42.50
N ASP D 177 4.78 10.58 -42.95
CA ASP D 177 4.89 11.51 -44.08
C ASP D 177 5.16 12.95 -43.62
N VAL D 178 4.69 13.27 -42.42
CA VAL D 178 4.78 14.63 -41.87
C VAL D 178 5.49 14.55 -40.52
N PHE D 179 6.42 15.46 -40.31
CA PHE D 179 7.24 15.51 -39.12
C PHE D 179 7.12 16.90 -38.49
N VAL D 180 6.64 16.95 -37.25
CA VAL D 180 6.67 18.20 -36.48
C VAL D 180 7.88 18.13 -35.54
N VAL D 181 8.91 18.90 -35.87
CA VAL D 181 10.19 18.82 -35.15
C VAL D 181 10.48 20.11 -34.37
N TRP D 182 10.98 19.93 -33.16
CA TRP D 182 11.30 21.04 -32.27
C TRP D 182 12.80 21.19 -32.19
N ALA D 183 13.29 22.35 -32.61
CA ALA D 183 14.70 22.70 -32.61
C ALA D 183 14.88 24.14 -32.11
N LYS D 184 16.01 24.42 -31.47
CA LYS D 184 16.35 25.78 -31.02
C LYS D 184 16.80 26.66 -32.18
N LEU D 185 16.28 27.88 -32.24
CA LEU D 185 16.65 28.87 -33.25
C LEU D 185 17.14 30.17 -32.60
N ASP D 186 18.04 30.87 -33.31
CA ASP D 186 18.63 32.14 -32.82
C ASP D 186 18.31 33.31 -33.73
N ASP D 191 17.69 32.38 -28.26
CA ASP D 191 17.80 30.92 -28.35
C ASP D 191 16.51 30.22 -27.89
N GLU D 192 15.52 30.21 -28.78
CA GLU D 192 14.22 29.64 -28.48
C GLU D 192 13.87 28.40 -29.29
N ILE D 193 13.19 27.45 -28.63
CA ILE D 193 12.60 26.29 -29.28
C ILE D 193 11.55 26.76 -30.29
N ARG D 194 11.68 26.28 -31.53
CA ARG D 194 10.69 26.50 -32.58
C ARG D 194 10.20 25.18 -33.16
N GLY D 195 9.01 25.21 -33.73
CA GLY D 195 8.46 24.06 -34.39
C GLY D 195 8.68 24.16 -35.89
N PHE D 196 9.04 23.03 -36.49
CA PHE D 196 9.26 22.96 -37.92
C PHE D 196 8.46 21.79 -38.51
N ILE D 197 7.82 22.04 -39.65
CA ILE D 197 7.14 20.99 -40.38
C ILE D 197 8.05 20.46 -41.50
N LEU D 198 8.41 19.19 -41.40
CA LEU D 198 9.16 18.49 -42.44
C LEU D 198 8.30 17.43 -43.11
N GLU D 199 8.61 17.15 -44.37
CA GLU D 199 8.00 16.05 -45.10
C GLU D 199 8.99 14.90 -45.30
N LYS D 200 8.44 13.69 -45.49
CA LYS D 200 9.21 12.52 -45.89
C LYS D 200 9.67 12.80 -47.30
N GLY D 201 10.94 12.57 -47.58
CA GLY D 201 11.46 12.98 -48.86
C GLY D 201 11.89 14.44 -48.82
N CYS D 202 12.34 14.87 -47.65
CA CYS D 202 13.16 16.06 -47.50
C CYS D 202 14.60 15.59 -47.41
N LYS D 203 15.42 16.05 -48.34
CA LYS D 203 16.84 15.73 -48.34
C LYS D 203 17.42 16.19 -47.01
N GLY D 204 18.14 15.31 -46.32
CA GLY D 204 18.70 15.62 -45.01
C GLY D 204 18.00 14.94 -43.84
N LEU D 205 16.78 14.46 -44.09
CA LEU D 205 15.99 13.74 -43.09
C LEU D 205 16.04 12.21 -43.28
N SER D 206 16.42 11.52 -42.22
CA SER D 206 16.40 10.08 -42.18
C SER D 206 15.55 9.66 -40.97
N ALA D 207 14.82 8.54 -41.08
CA ALA D 207 13.93 8.06 -40.01
C ALA D 207 13.97 6.54 -39.80
N PRO D 208 15.14 6.01 -39.34
CA PRO D 208 15.27 4.55 -39.12
C PRO D 208 14.39 4.00 -37.99
N ALA D 209 13.99 2.74 -38.13
CA ALA D 209 13.12 2.09 -37.15
C ALA D 209 13.88 1.49 -35.97
N ILE D 210 13.18 1.36 -34.85
CA ILE D 210 13.66 0.68 -33.65
C ILE D 210 12.78 -0.54 -33.42
N HIS D 211 13.41 -1.68 -33.14
CA HIS D 211 12.70 -2.96 -32.99
C HIS D 211 12.84 -3.58 -31.59
N GLY D 212 11.96 -4.52 -31.26
CA GLY D 212 12.05 -5.32 -30.04
C GLY D 212 11.66 -4.64 -28.72
N LYS D 213 10.65 -3.78 -28.75
CA LYS D 213 10.11 -3.13 -27.55
C LYS D 213 9.49 -4.14 -26.59
N VAL D 214 9.38 -3.81 -25.31
CA VAL D 214 8.68 -4.66 -24.34
C VAL D 214 7.16 -4.35 -24.35
N GLY D 215 6.82 -3.07 -24.33
CA GLY D 215 5.43 -2.64 -24.40
C GLY D 215 5.18 -1.80 -25.64
N LEU D 216 3.90 -1.58 -25.92
CA LEU D 216 3.43 -0.85 -27.09
C LEU D 216 3.97 -1.47 -28.39
N ARG D 217 4.01 -2.81 -28.43
CA ARG D 217 4.54 -3.54 -29.58
C ARG D 217 3.68 -3.40 -30.82
N ALA D 218 2.41 -3.02 -30.64
CA ALA D 218 1.49 -2.82 -31.76
C ALA D 218 1.80 -1.56 -32.59
N SER D 219 2.54 -0.62 -32.00
CA SER D 219 2.92 0.59 -32.72
C SER D 219 4.39 0.54 -33.16
N ILE D 220 4.71 1.29 -34.21
CA ILE D 220 6.08 1.38 -34.68
C ILE D 220 6.71 2.69 -34.19
N THR D 221 7.96 2.59 -33.76
CA THR D 221 8.68 3.70 -33.18
C THR D 221 10.05 3.70 -33.85
N GLY D 222 10.64 4.89 -34.03
CA GLY D 222 12.00 4.99 -34.55
C GLY D 222 12.73 6.27 -34.17
N GLU D 223 13.65 6.67 -35.03
CA GLU D 223 14.42 7.89 -34.83
C GLU D 223 14.03 8.92 -35.86
N ILE D 224 14.48 10.15 -35.61
CA ILE D 224 14.58 11.18 -36.63
C ILE D 224 16.02 11.68 -36.57
N VAL D 225 16.76 11.43 -37.65
CA VAL D 225 18.13 11.92 -37.76
C VAL D 225 18.12 13.07 -38.77
N LEU D 226 18.68 14.21 -38.34
CA LEU D 226 18.71 15.41 -39.16
C LEU D 226 20.15 15.86 -39.40
N ASP D 227 20.41 16.32 -40.63
CA ASP D 227 21.75 16.68 -41.08
C ASP D 227 21.60 17.68 -42.22
N GLU D 228 21.71 18.96 -41.90
CA GLU D 228 21.51 20.03 -42.89
C GLU D 228 20.21 19.87 -43.67
N ALA D 229 19.16 19.42 -42.99
CA ALA D 229 17.85 19.26 -43.60
C ALA D 229 17.26 20.63 -43.87
N PHE D 230 17.03 20.94 -45.14
CA PHE D 230 16.50 22.24 -45.52
C PHE D 230 15.00 22.33 -45.28
N VAL D 231 14.61 23.29 -44.45
CA VAL D 231 13.20 23.57 -44.21
C VAL D 231 12.90 24.94 -44.80
N PRO D 232 12.03 25.01 -45.81
CA PRO D 232 11.68 26.31 -46.43
C PRO D 232 10.99 27.26 -45.44
N GLU D 233 10.94 28.53 -45.81
CA GLU D 233 10.36 29.59 -44.97
C GLU D 233 8.90 29.34 -44.60
N GLU D 234 8.14 28.77 -45.52
CA GLU D 234 6.73 28.52 -45.31
C GLU D 234 6.45 27.35 -44.35
N ASN D 235 7.53 26.73 -43.86
CA ASN D 235 7.50 25.50 -43.06
C ASN D 235 7.86 25.65 -41.59
N ILE D 236 8.32 26.84 -41.18
CA ILE D 236 8.49 27.09 -39.74
C ILE D 236 7.11 27.42 -39.17
N LEU D 237 6.81 26.91 -37.97
CA LEU D 237 5.58 27.27 -37.26
C LEU D 237 5.69 28.72 -36.79
N PRO D 238 4.89 29.64 -37.38
CA PRO D 238 5.10 31.08 -37.14
C PRO D 238 4.59 31.59 -35.78
N HIS D 239 3.63 30.90 -35.17
CA HIS D 239 2.93 31.46 -34.02
C HIS D 239 3.25 30.86 -32.63
N VAL D 240 4.47 30.34 -32.47
CA VAL D 240 4.93 29.85 -31.17
C VAL D 240 6.45 29.83 -31.04
N LYS D 241 6.92 30.17 -29.83
CA LYS D 241 8.33 30.06 -29.48
C LYS D 241 8.38 29.61 -28.03
N GLY D 242 9.46 28.93 -27.65
CA GLY D 242 9.62 28.44 -26.29
C GLY D 242 8.88 27.15 -25.93
N LEU D 243 8.94 26.82 -24.65
CA LEU D 243 8.33 25.63 -24.06
C LEU D 243 6.81 25.49 -24.27
N ARG D 244 6.16 26.60 -24.61
CA ARG D 244 4.72 26.62 -24.88
C ARG D 244 4.30 25.70 -26.05
N GLY D 245 5.14 25.66 -27.10
CA GLY D 245 4.93 24.83 -28.26
C GLY D 245 4.77 23.35 -27.92
N PRO D 246 5.87 22.70 -27.48
CA PRO D 246 5.85 21.28 -27.14
C PRO D 246 4.86 20.95 -26.01
N PHE D 247 4.87 21.75 -24.94
CA PHE D 247 3.97 21.54 -23.79
C PHE D 247 2.49 21.52 -24.15
N THR D 248 2.08 22.40 -25.04
CA THR D 248 0.70 22.41 -25.52
C THR D 248 0.29 21.08 -26.17
N CYS D 249 1.19 20.50 -26.97
CA CYS D 249 0.93 19.20 -27.59
C CYS D 249 0.87 18.12 -26.53
N LEU D 250 1.82 18.15 -25.61
CA LEU D 250 1.90 17.14 -24.55
C LEU D 250 0.70 17.21 -23.63
N ASN D 251 0.25 18.43 -23.32
CA ASN D 251 -0.94 18.62 -22.52
C ASN D 251 -2.18 18.00 -23.18
N SER D 252 -2.28 18.15 -24.50
CA SER D 252 -3.38 17.60 -25.26
C SER D 252 -3.32 16.08 -25.24
N ALA D 253 -2.12 15.52 -25.46
CA ALA D 253 -1.92 14.08 -25.49
C ALA D 253 -2.23 13.43 -24.14
N ARG D 254 -1.74 14.05 -23.07
CA ARG D 254 -1.99 13.57 -21.69
C ARG D 254 -3.46 13.50 -21.36
N TYR D 255 -4.24 14.44 -21.87
CA TYR D 255 -5.69 14.40 -21.68
C TYR D 255 -6.30 13.15 -22.33
N GLY D 256 -5.91 12.85 -23.57
CA GLY D 256 -6.40 11.64 -24.24
C GLY D 256 -5.93 10.36 -23.56
N ILE D 257 -4.71 10.38 -23.01
CA ILE D 257 -4.18 9.24 -22.27
C ILE D 257 -4.91 9.00 -20.93
N ALA D 258 -5.33 10.08 -20.27
CA ALA D 258 -6.13 9.97 -19.06
C ALA D 258 -7.43 9.17 -19.31
N TRP D 259 -8.13 9.46 -20.40
CA TRP D 259 -9.29 8.64 -20.82
C TRP D 259 -8.90 7.24 -21.23
N GLY D 260 -7.84 7.14 -22.04
CA GLY D 260 -7.37 5.89 -22.59
C GLY D 260 -7.00 4.85 -21.55
N ALA D 261 -6.22 5.25 -20.55
CA ALA D 261 -5.79 4.32 -19.50
C ALA D 261 -6.99 3.72 -18.77
N LEU D 262 -8.10 4.46 -18.72
CA LEU D 262 -9.35 3.97 -18.14
C LEU D 262 -10.01 2.87 -19.01
N GLY D 263 -9.90 2.97 -20.33
CA GLY D 263 -10.42 1.92 -21.22
C GLY D 263 -9.66 0.61 -21.00
N ALA D 264 -8.33 0.72 -20.97
CA ALA D 264 -7.44 -0.41 -20.64
C ALA D 264 -7.71 -0.98 -19.26
N ALA D 265 -7.97 -0.11 -18.28
CA ALA D 265 -8.35 -0.55 -16.92
C ALA D 265 -9.68 -1.30 -16.90
N GLU D 266 -10.66 -0.81 -17.67
CA GLU D 266 -11.95 -1.51 -17.82
C GLU D 266 -11.80 -2.91 -18.42
N SER D 267 -11.02 -3.06 -19.49
CA SER D 267 -10.77 -4.38 -20.05
C SER D 267 -10.23 -5.32 -19.00
N CYS D 268 -9.22 -4.90 -18.25
CA CYS D 268 -8.61 -5.76 -17.21
C CYS D 268 -9.61 -6.14 -16.12
N TRP D 269 -10.45 -5.18 -15.72
CA TRP D 269 -11.50 -5.41 -14.74
C TRP D 269 -12.52 -6.43 -15.27
N HIS D 270 -12.95 -6.23 -16.50
CA HIS D 270 -13.92 -7.12 -17.13
C HIS D 270 -13.40 -8.55 -17.29
N ILE D 271 -12.15 -8.68 -17.75
CA ILE D 271 -11.48 -9.96 -17.89
C ILE D 271 -11.37 -10.67 -16.55
N ALA D 272 -10.92 -9.96 -15.53
CA ALA D 272 -10.80 -10.51 -14.18
C ALA D 272 -12.16 -10.93 -13.59
N ARG D 273 -13.19 -10.11 -13.76
CA ARG D 273 -14.55 -10.45 -13.33
C ARG D 273 -15.06 -11.73 -14.00
N GLN D 274 -14.92 -11.83 -15.32
CA GLN D 274 -15.39 -13.01 -16.05
C GLN D 274 -14.60 -14.26 -15.64
N TYR D 275 -13.29 -14.08 -15.48
CA TYR D 275 -12.40 -15.12 -15.00
C TYR D 275 -12.85 -15.72 -13.67
N VAL D 276 -13.15 -14.88 -12.68
CA VAL D 276 -13.58 -15.38 -11.35
C VAL D 276 -14.99 -15.97 -11.34
N LEU D 277 -15.80 -15.56 -12.33
CA LEU D 277 -17.11 -16.15 -12.58
C LEU D 277 -16.98 -17.55 -13.18
N ASP D 278 -15.92 -17.78 -13.95
CA ASP D 278 -15.71 -19.03 -14.68
C ASP D 278 -14.93 -20.06 -13.85
N ARG D 279 -13.83 -19.66 -13.24
CA ARG D 279 -13.01 -20.60 -12.48
C ARG D 279 -13.61 -20.90 -11.11
N LYS D 280 -13.36 -22.13 -10.65
CA LYS D 280 -13.92 -22.65 -9.40
C LYS D 280 -12.82 -23.02 -8.41
N GLN D 281 -13.13 -22.91 -7.12
CA GLN D 281 -12.15 -23.15 -6.06
C GLN D 281 -12.84 -23.80 -4.89
N PHE D 282 -12.37 -24.99 -4.51
CA PHE D 282 -12.96 -25.77 -3.42
C PHE D 282 -14.51 -25.80 -3.46
N GLY D 283 -15.08 -26.04 -4.65
CA GLY D 283 -16.54 -26.19 -4.80
C GLY D 283 -17.32 -24.98 -5.27
N ARG D 284 -16.88 -23.78 -4.87
CA ARG D 284 -17.54 -22.52 -5.21
C ARG D 284 -16.82 -21.87 -6.42
N PRO D 285 -17.53 -21.00 -7.18
CA PRO D 285 -16.82 -20.13 -8.13
C PRO D 285 -15.87 -19.18 -7.38
N LEU D 286 -14.77 -18.80 -8.03
CA LEU D 286 -13.81 -17.87 -7.44
C LEU D 286 -14.48 -16.58 -6.98
N ALA D 287 -15.48 -16.15 -7.74
CA ALA D 287 -16.27 -14.95 -7.46
C ALA D 287 -16.94 -14.95 -6.08
N ALA D 288 -17.04 -16.11 -5.46
CA ALA D 288 -17.64 -16.24 -4.14
C ALA D 288 -16.71 -15.83 -2.99
N ASN D 289 -15.41 -15.78 -3.29
CA ASN D 289 -14.40 -15.46 -2.31
C ASN D 289 -14.47 -13.99 -1.88
N GLN D 290 -14.32 -13.75 -0.57
CA GLN D 290 -14.39 -12.42 0.02
C GLN D 290 -13.27 -11.47 -0.45
N LEU D 291 -12.09 -12.03 -0.67
CA LEU D 291 -10.91 -11.26 -1.08
C LEU D 291 -11.06 -10.80 -2.52
N ILE D 292 -11.59 -11.69 -3.35
CA ILE D 292 -11.85 -11.44 -4.76
C ILE D 292 -12.82 -10.27 -4.92
N GLN D 293 -13.83 -10.24 -4.06
CA GLN D 293 -14.89 -9.24 -4.12
C GLN D 293 -14.35 -7.86 -3.71
N LYS D 294 -13.48 -7.83 -2.70
CA LYS D 294 -12.75 -6.62 -2.36
C LYS D 294 -12.04 -6.02 -3.58
N LYS D 295 -11.40 -6.89 -4.36
CA LYS D 295 -10.59 -6.47 -5.49
C LYS D 295 -11.47 -5.94 -6.59
N LEU D 296 -12.52 -6.68 -6.91
CA LEU D 296 -13.53 -6.24 -7.86
C LEU D 296 -14.15 -4.91 -7.48
N ALA D 297 -14.43 -4.73 -6.18
CA ALA D 297 -14.97 -3.47 -5.63
C ALA D 297 -14.00 -2.30 -5.78
N ASP D 298 -12.72 -2.56 -5.56
CA ASP D 298 -11.65 -1.56 -5.75
C ASP D 298 -11.51 -1.15 -7.21
N MET D 299 -11.48 -2.13 -8.10
CA MET D 299 -11.37 -1.89 -9.53
C MET D 299 -12.57 -1.06 -9.98
N GLN D 300 -13.77 -1.49 -9.62
CA GLN D 300 -14.98 -0.74 -9.94
C GLN D 300 -14.95 0.72 -9.43
N THR D 301 -14.54 0.91 -8.18
CA THR D 301 -14.51 2.24 -7.54
C THR D 301 -13.56 3.15 -8.29
N GLU D 302 -12.33 2.71 -8.49
CA GLU D 302 -11.33 3.59 -9.10
C GLU D 302 -11.67 3.99 -10.54
N ILE D 303 -12.24 3.05 -11.28
CA ILE D 303 -12.62 3.28 -12.67
C ILE D 303 -13.75 4.30 -12.72
N THR D 304 -14.76 4.06 -11.88
CA THR D 304 -15.93 4.91 -11.79
C THR D 304 -15.59 6.35 -11.39
N LEU D 305 -14.70 6.53 -10.41
CA LEU D 305 -14.25 7.86 -9.99
C LEU D 305 -13.30 8.52 -11.00
N GLY D 306 -12.39 7.74 -11.58
CA GLY D 306 -11.50 8.23 -12.65
C GLY D 306 -12.26 8.76 -13.85
N LEU D 307 -13.32 8.06 -14.26
CA LEU D 307 -14.20 8.52 -15.34
C LEU D 307 -14.90 9.85 -15.05
N GLN D 308 -15.41 10.02 -13.83
CA GLN D 308 -16.04 11.30 -13.44
C GLN D 308 -15.04 12.44 -13.53
N GLY D 309 -13.78 12.16 -13.19
CA GLY D 309 -12.70 13.16 -13.25
C GLY D 309 -12.36 13.63 -14.66
N VAL D 310 -12.11 12.69 -15.56
CA VAL D 310 -11.76 13.06 -16.94
C VAL D 310 -12.94 13.67 -17.69
N LEU D 311 -14.15 13.26 -17.34
CA LEU D 311 -15.38 13.87 -17.87
C LEU D 311 -15.56 15.32 -17.44
N ARG D 312 -15.35 15.59 -16.15
CA ARG D 312 -15.38 16.96 -15.65
C ARG D 312 -14.25 17.79 -16.28
N LEU D 313 -13.06 17.22 -16.38
CA LEU D 313 -11.95 17.90 -17.04
C LEU D 313 -12.30 18.21 -18.51
N GLY D 314 -12.86 17.24 -19.21
CA GLY D 314 -13.32 17.46 -20.58
C GLY D 314 -14.30 18.61 -20.68
N ARG D 315 -15.36 18.56 -19.87
CA ARG D 315 -16.36 19.64 -19.85
C ARG D 315 -15.71 21.01 -19.61
N MET D 316 -14.73 21.06 -18.70
CA MET D 316 -14.03 22.32 -18.36
C MET D 316 -13.17 22.86 -19.50
N LYS D 317 -12.49 21.96 -20.21
CA LYS D 317 -11.71 22.32 -21.39
C LYS D 317 -12.62 22.87 -22.49
N ASP D 318 -13.74 22.21 -22.77
CA ASP D 318 -14.75 22.75 -23.69
C ASP D 318 -15.31 24.14 -23.32
N GLU D 319 -15.45 24.42 -22.02
CA GLU D 319 -15.90 25.74 -21.57
C GLU D 319 -14.73 26.72 -21.30
N GLY D 320 -13.48 26.26 -21.45
CA GLY D 320 -12.31 27.13 -21.24
C GLY D 320 -11.98 27.47 -19.79
N THR D 321 -12.48 26.65 -18.85
CA THR D 321 -12.28 26.90 -17.42
C THR D 321 -11.21 26.01 -16.80
N ALA D 322 -10.53 25.21 -17.62
CA ALA D 322 -9.58 24.24 -17.09
C ALA D 322 -8.15 24.78 -17.15
N ALA D 323 -7.51 24.82 -15.98
CA ALA D 323 -6.08 25.09 -15.92
C ALA D 323 -5.33 23.81 -16.27
N VAL D 324 -4.09 23.99 -16.67
CA VAL D 324 -3.22 22.93 -17.16
C VAL D 324 -2.83 21.88 -16.09
N GLU D 325 -2.81 22.31 -14.83
CA GLU D 325 -2.49 21.44 -13.71
C GLU D 325 -3.52 20.31 -13.55
N ILE D 326 -4.77 20.59 -13.92
CA ILE D 326 -5.82 19.57 -13.80
C ILE D 326 -5.50 18.35 -14.65
N THR D 327 -4.91 18.58 -15.81
CA THR D 327 -4.45 17.48 -16.68
C THR D 327 -3.47 16.55 -15.96
N SER D 328 -2.61 17.13 -15.13
CA SER D 328 -1.62 16.36 -14.37
C SER D 328 -2.26 15.45 -13.35
N ILE D 329 -3.31 15.96 -12.70
CA ILE D 329 -4.05 15.17 -11.74
C ILE D 329 -4.65 13.94 -12.42
N MET D 330 -5.34 14.18 -13.53
CA MET D 330 -6.06 13.12 -14.25
C MET D 330 -5.17 12.09 -14.97
N LYS D 331 -4.07 12.54 -15.57
CA LYS D 331 -3.19 11.63 -16.31
C LYS D 331 -2.48 10.72 -15.32
N ARG D 332 -1.95 11.32 -14.26
CA ARG D 332 -1.28 10.58 -13.20
C ARG D 332 -2.24 9.61 -12.52
N ASN D 333 -3.43 10.09 -12.19
CA ASN D 333 -4.41 9.21 -11.56
C ASN D 333 -4.85 8.03 -12.45
N SER D 334 -5.28 8.32 -13.67
CA SER D 334 -5.74 7.28 -14.62
C SER D 334 -4.67 6.24 -14.88
N CYS D 335 -3.46 6.67 -15.21
CA CYS D 335 -2.36 5.76 -15.52
C CYS D 335 -1.94 4.94 -14.32
N GLY D 336 -1.84 5.57 -13.14
CA GLY D 336 -1.51 4.90 -11.90
C GLY D 336 -2.56 3.91 -11.42
N LYS D 337 -3.84 4.32 -11.44
CA LYS D 337 -4.94 3.42 -11.08
C LYS D 337 -5.10 2.25 -12.06
N ALA D 338 -5.00 2.54 -13.36
CA ALA D 338 -5.11 1.51 -14.41
C ALA D 338 -4.03 0.45 -14.24
N LEU D 339 -2.78 0.91 -14.06
CA LEU D 339 -1.66 0.04 -13.72
C LEU D 339 -1.91 -0.81 -12.47
N ASP D 340 -2.41 -0.19 -11.40
CA ASP D 340 -2.81 -0.94 -10.21
C ASP D 340 -3.85 -2.04 -10.51
N ILE D 341 -4.81 -1.73 -11.37
CA ILE D 341 -5.87 -2.68 -11.75
C ILE D 341 -5.35 -3.79 -12.66
N ALA D 342 -4.48 -3.44 -13.63
CA ALA D 342 -3.82 -4.43 -14.46
C ALA D 342 -3.00 -5.41 -13.61
N ARG D 343 -2.29 -4.90 -12.61
CA ARG D 343 -1.55 -5.75 -11.69
C ARG D 343 -2.46 -6.62 -10.81
N LEU D 344 -3.57 -6.04 -10.35
CA LEU D 344 -4.51 -6.76 -9.51
C LEU D 344 -5.10 -7.90 -10.33
N ALA D 345 -5.52 -7.60 -11.56
CA ALA D 345 -6.08 -8.61 -12.45
C ALA D 345 -5.06 -9.69 -12.80
N ARG D 346 -3.84 -9.28 -13.16
CA ARG D 346 -2.74 -10.22 -13.44
C ARG D 346 -2.51 -11.17 -12.28
N ASP D 347 -2.45 -10.63 -11.08
CA ASP D 347 -2.24 -11.42 -9.87
C ASP D 347 -3.44 -12.31 -9.49
N MET D 348 -4.62 -12.02 -10.04
CA MET D 348 -5.80 -12.87 -9.83
C MET D 348 -5.83 -14.10 -10.75
N LEU D 349 -5.09 -14.04 -11.86
CA LEU D 349 -5.00 -15.16 -12.80
C LEU D 349 -3.97 -16.22 -12.37
N GLY D 350 -4.29 -17.48 -12.66
CA GLY D 350 -3.53 -18.62 -12.13
C GLY D 350 -2.44 -19.22 -13.01
N GLY D 351 -2.74 -19.40 -14.30
CA GLY D 351 -1.83 -20.09 -15.24
C GLY D 351 -0.57 -19.34 -15.67
N ASN D 352 -0.16 -19.56 -16.91
CA ASN D 352 1.04 -18.91 -17.48
C ASN D 352 0.91 -18.65 -19.00
N GLY D 359 -4.86 -11.44 -22.67
CA GLY D 359 -5.19 -10.02 -22.77
C GLY D 359 -4.56 -9.18 -21.68
N VAL D 360 -4.66 -9.65 -20.44
CA VAL D 360 -4.26 -8.87 -19.27
C VAL D 360 -2.76 -8.63 -19.21
N ALA D 361 -1.96 -9.65 -19.54
CA ALA D 361 -0.51 -9.52 -19.55
C ALA D 361 -0.06 -8.46 -20.56
N ARG D 362 -0.79 -8.36 -21.66
CA ARG D 362 -0.49 -7.38 -22.70
C ARG D 362 -0.86 -5.97 -22.26
N HIS D 363 -2.07 -5.80 -21.72
CA HIS D 363 -2.49 -4.52 -21.16
C HIS D 363 -1.49 -4.02 -20.10
N LEU D 364 -1.07 -4.94 -19.24
CA LEU D 364 -0.14 -4.67 -18.15
C LEU D 364 1.20 -4.12 -18.61
N VAL D 365 1.90 -4.83 -19.49
CA VAL D 365 3.18 -4.32 -20.03
C VAL D 365 3.01 -3.03 -20.82
N ASN D 366 1.89 -2.88 -21.51
CA ASN D 366 1.56 -1.61 -22.18
C ASN D 366 1.48 -0.47 -21.15
N LEU D 367 0.71 -0.70 -20.09
CA LEU D 367 0.51 0.30 -19.04
C LEU D 367 1.78 0.58 -18.21
N GLU D 368 2.70 -0.38 -18.16
CA GLU D 368 3.99 -0.09 -17.54
C GLU D 368 4.84 0.89 -18.35
N VAL D 369 4.72 0.87 -19.67
CA VAL D 369 5.40 1.84 -20.54
C VAL D 369 4.70 3.20 -20.48
N VAL D 370 3.37 3.18 -20.52
CA VAL D 370 2.58 4.40 -20.51
C VAL D 370 2.85 5.18 -19.22
N ASN D 371 2.79 4.49 -18.09
CA ASN D 371 2.99 5.10 -16.77
C ASN D 371 4.40 5.64 -16.53
N THR D 372 5.37 5.05 -17.20
CA THR D 372 6.79 5.30 -16.98
C THR D 372 7.33 6.30 -17.99
N TYR D 373 6.49 6.67 -18.95
CA TYR D 373 6.91 7.35 -20.16
C TYR D 373 7.62 8.71 -19.98
N GLU D 374 7.11 9.53 -19.06
CA GLU D 374 7.56 10.91 -18.93
C GLU D 374 8.56 11.06 -17.79
N HIS D 377 11.66 11.59 -12.07
CA HIS D 377 10.39 11.19 -12.68
C HIS D 377 9.21 11.39 -11.69
N ASP D 378 7.99 11.02 -12.10
CA ASP D 378 6.74 11.46 -11.43
C ASP D 378 6.63 12.98 -11.51
N ILE D 379 6.68 13.46 -12.75
CA ILE D 379 6.63 14.88 -13.09
C ILE D 379 5.32 15.53 -12.64
N HIS D 380 4.25 14.73 -12.65
CA HIS D 380 2.92 15.21 -12.34
C HIS D 380 2.69 15.49 -10.85
N ALA D 381 3.24 14.65 -9.98
CA ALA D 381 3.16 14.86 -8.53
C ALA D 381 3.91 16.14 -8.15
N LEU D 382 5.01 16.39 -8.86
CA LEU D 382 5.84 17.57 -8.64
C LEU D 382 5.22 18.86 -9.22
N ILE D 383 4.56 18.76 -10.38
CA ILE D 383 3.74 19.87 -10.90
C ILE D 383 2.61 20.25 -9.91
N LEU D 384 1.94 19.22 -9.38
CA LEU D 384 0.89 19.41 -8.38
C LEU D 384 1.43 19.95 -7.06
N GLY D 385 2.63 19.52 -6.71
CA GLY D 385 3.34 19.98 -5.52
C GLY D 385 3.65 21.45 -5.58
N ARG D 386 4.21 21.90 -6.70
CA ARG D 386 4.49 23.32 -6.92
C ARG D 386 3.22 24.15 -6.90
N ALA D 387 2.17 23.66 -7.55
CA ALA D 387 0.88 24.35 -7.56
C ALA D 387 0.23 24.50 -6.18
N GLN D 388 0.56 23.60 -5.24
CA GLN D 388 0.06 23.70 -3.85
C GLN D 388 0.94 24.56 -2.93
N THR D 389 2.23 24.62 -3.24
CA THR D 389 3.24 25.11 -2.29
C THR D 389 4.07 26.30 -2.79
N GLY D 390 3.99 26.59 -4.08
CA GLY D 390 4.84 27.62 -4.69
C GLY D 390 6.25 27.17 -5.03
N ILE D 391 6.80 26.28 -4.22
CA ILE D 391 8.19 25.80 -4.38
C ILE D 391 8.27 24.65 -5.37
N GLN D 392 9.27 24.73 -6.26
CA GLN D 392 9.60 23.63 -7.18
C GLN D 392 10.72 22.74 -6.61
N ALA D 393 10.50 21.43 -6.67
CA ALA D 393 11.50 20.46 -6.25
C ALA D 393 12.23 19.83 -7.44
#